data_5J60
#
_entry.id   5J60
#
_cell.length_a   83.278
_cell.length_b   122.042
_cell.length_c   139.153
_cell.angle_alpha   90.00
_cell.angle_beta   90.00
_cell.angle_gamma   90.00
#
_symmetry.space_group_name_H-M   'P 21 21 21'
#
loop_
_entity.id
_entity.type
_entity.pdbx_description
1 polymer 'Thioredoxin reductase'
2 non-polymer 'FLAVIN-ADENINE DINUCLEOTIDE'
3 non-polymer 'CALCIUM ION'
4 non-polymer 'TETRAETHYLENE GLYCOL'
5 water water
#
_entity_poly.entity_id   1
_entity_poly.type   'polypeptide(L)'
_entity_poly.pdbx_seq_one_letter_code
;GSHMEQFDFDVVIVGGGPAGCTCALYTARSELKTVILDKNPAAGALAITHKIANYPGVPGEMSGDHLLEVMRDQAVEFGT
VYRRAQVYGLDLSEPVKKVYTPEGIFTGRALVLATGAMGRIASIPGEAEYLGRGVSYCATCDGAFYRNREVVVVGLNPEA
VEEAQVLTKFASTVHWITPKDPHTLDGHADELLAHPSVKLWEKTRLIRIKGEEAGVTAVEVRHPGESDSQELLAEGVFVY
LQGSKPITDFVAGQVEMKPDGGVWVDEMMQTSVPGVWGIGDIRNTPFKQAVVAAGDGCIAAMAIDRFLNSRKAIKPDWAH
;
_entity_poly.pdbx_strand_id   A,B,C,D
#
loop_
_chem_comp.id
_chem_comp.type
_chem_comp.name
_chem_comp.formula
CA non-polymer 'CALCIUM ION' 'Ca 2'
FAD non-polymer 'FLAVIN-ADENINE DINUCLEOTIDE' 'C27 H33 N9 O15 P2'
PG4 non-polymer 'TETRAETHYLENE GLYCOL' 'C8 H18 O5'
#
# COMPACT_ATOMS: atom_id res chain seq x y z
N GLY A 1 27.31 -26.45 -19.45
CA GLY A 1 28.37 -25.59 -18.82
C GLY A 1 27.82 -24.31 -18.21
N SER A 2 28.68 -23.30 -18.07
CA SER A 2 28.25 -22.02 -17.50
C SER A 2 27.28 -21.30 -18.42
N HIS A 3 27.44 -21.46 -19.74
CA HIS A 3 26.48 -20.86 -20.67
C HIS A 3 25.10 -21.50 -20.54
N MET A 4 25.05 -22.83 -20.44
CA MET A 4 23.77 -23.50 -20.23
C MET A 4 23.15 -23.07 -18.91
N GLU A 5 23.96 -22.99 -17.85
CA GLU A 5 23.44 -22.54 -16.56
C GLU A 5 22.78 -21.18 -16.68
N GLN A 6 23.40 -20.26 -17.39
CA GLN A 6 22.94 -18.88 -17.38
C GLN A 6 21.77 -18.65 -18.33
N PHE A 7 21.68 -19.37 -19.46
CA PHE A 7 20.69 -19.05 -20.48
C PHE A 7 19.66 -20.12 -20.79
N ASP A 8 19.87 -21.38 -20.42
CA ASP A 8 18.98 -22.47 -20.81
C ASP A 8 18.11 -22.87 -19.62
N PHE A 9 16.80 -22.73 -19.79
CA PHE A 9 15.83 -22.91 -18.72
C PHE A 9 14.74 -23.90 -19.13
N ASP A 10 14.04 -24.42 -18.12
CA ASP A 10 12.83 -25.20 -18.38
C ASP A 10 11.70 -24.25 -18.81
N VAL A 11 11.58 -23.13 -18.12
CA VAL A 11 10.51 -22.16 -18.35
C VAL A 11 11.12 -20.77 -18.48
N VAL A 12 10.77 -20.07 -19.55
CA VAL A 12 11.13 -18.66 -19.73
C VAL A 12 9.84 -17.85 -19.67
N ILE A 13 9.80 -16.87 -18.77
CA ILE A 13 8.64 -16.01 -18.58
C ILE A 13 9.04 -14.60 -19.00
N VAL A 14 8.35 -14.05 -19.99
CA VAL A 14 8.60 -12.71 -20.50
C VAL A 14 7.62 -11.76 -19.81
N GLY A 15 8.14 -10.96 -18.87
CA GLY A 15 7.31 -10.04 -18.11
C GLY A 15 7.22 -10.45 -16.65
N GLY A 16 7.54 -9.52 -15.75
CA GLY A 16 7.49 -9.75 -14.32
C GLY A 16 6.44 -8.92 -13.57
N GLY A 17 5.24 -8.82 -14.13
CA GLY A 17 4.09 -8.30 -13.42
C GLY A 17 3.48 -9.38 -12.53
N PRO A 18 2.27 -9.16 -12.03
CA PRO A 18 1.65 -10.20 -11.20
C PRO A 18 1.42 -11.52 -11.94
N ALA A 19 1.14 -11.47 -13.23
CA ALA A 19 0.95 -12.71 -13.98
C ALA A 19 2.23 -13.52 -14.02
N GLY A 20 3.32 -12.88 -14.48
CA GLY A 20 4.59 -13.60 -14.62
C GLY A 20 5.16 -14.06 -13.31
N CYS A 21 5.08 -13.23 -12.27
CA CYS A 21 5.63 -13.60 -10.98
C CYS A 21 4.88 -14.78 -10.38
N THR A 22 3.55 -14.80 -10.51
CA THR A 22 2.79 -15.92 -9.99
C THR A 22 3.11 -17.19 -10.78
N CYS A 23 3.23 -17.07 -12.09
CA CYS A 23 3.61 -18.22 -12.90
C CYS A 23 4.92 -18.79 -12.40
N ALA A 24 5.93 -17.92 -12.20
CA ALA A 24 7.24 -18.38 -11.75
C ALA A 24 7.20 -19.01 -10.36
N LEU A 25 6.43 -18.42 -9.44
CA LEU A 25 6.27 -19.00 -8.10
C LEU A 25 5.85 -20.47 -8.20
N TYR A 26 4.89 -20.76 -9.10
CA TYR A 26 4.39 -22.12 -9.22
C TYR A 26 5.36 -23.02 -9.96
N THR A 27 5.97 -22.56 -11.06
CA THR A 27 6.88 -23.43 -11.80
C THR A 27 8.14 -23.70 -10.98
N ALA A 28 8.65 -22.69 -10.24
CA ALA A 28 9.81 -22.93 -9.40
C ALA A 28 9.48 -23.95 -8.30
N ARG A 29 8.28 -23.89 -7.74
CA ARG A 29 7.88 -24.86 -6.73
C ARG A 29 7.72 -26.26 -7.31
N SER A 30 7.43 -26.35 -8.62
CA SER A 30 7.44 -27.62 -9.33
C SER A 30 8.84 -28.10 -9.65
N GLU A 31 9.87 -27.36 -9.21
CA GLU A 31 11.27 -27.70 -9.44
C GLU A 31 11.66 -27.60 -10.91
N LEU A 32 11.00 -26.70 -11.63
CA LEU A 32 11.38 -26.37 -12.98
C LEU A 32 12.29 -25.16 -12.92
N LYS A 33 13.42 -25.25 -13.64
CA LYS A 33 14.35 -24.14 -13.76
C LYS A 33 13.69 -23.00 -14.53
N THR A 34 13.48 -21.87 -13.85
CA THR A 34 12.61 -20.80 -14.32
C THR A 34 13.35 -19.46 -14.29
N VAL A 35 13.18 -18.67 -15.35
CA VAL A 35 13.69 -17.32 -15.42
C VAL A 35 12.55 -16.37 -15.78
N ILE A 36 12.52 -15.21 -15.13
CA ILE A 36 11.69 -14.07 -15.52
C ILE A 36 12.59 -13.05 -16.22
N LEU A 37 12.24 -12.70 -17.44
CA LEU A 37 12.91 -11.65 -18.19
C LEU A 37 11.99 -10.43 -18.12
N ASP A 38 12.41 -9.41 -17.38
CA ASP A 38 11.55 -8.27 -17.07
C ASP A 38 12.25 -7.00 -17.56
N LYS A 39 11.63 -6.27 -18.48
CA LYS A 39 12.36 -5.13 -19.06
C LYS A 39 12.54 -4.01 -18.04
N ASN A 40 11.56 -3.79 -17.19
CA ASN A 40 11.66 -2.74 -16.19
C ASN A 40 10.56 -2.94 -15.17
N PRO A 41 10.90 -3.20 -13.90
CA PRO A 41 9.86 -3.50 -12.90
C PRO A 41 8.94 -2.32 -12.60
N ALA A 42 9.31 -1.11 -13.00
CA ALA A 42 8.48 0.06 -12.77
C ALA A 42 7.52 0.34 -13.91
N ALA A 43 7.54 -0.46 -14.99
CA ALA A 43 6.78 -0.14 -16.19
C ALA A 43 5.46 -0.87 -16.30
N GLY A 44 5.21 -1.85 -15.44
CA GLY A 44 3.96 -2.60 -15.50
C GLY A 44 2.82 -1.88 -14.81
N ALA A 45 1.61 -2.33 -15.13
CA ALA A 45 0.40 -1.66 -14.62
C ALA A 45 0.30 -1.73 -13.11
N LEU A 46 0.56 -2.91 -12.52
CA LEU A 46 0.49 -3.02 -11.07
C LEU A 46 1.54 -2.15 -10.43
N ALA A 47 2.73 -2.11 -11.02
CA ALA A 47 3.81 -1.32 -10.43
C ALA A 47 3.47 0.17 -10.37
N ILE A 48 2.64 0.65 -11.29
CA ILE A 48 2.31 2.08 -11.29
C ILE A 48 1.05 2.41 -10.49
N THR A 49 0.31 1.41 -10.03
CA THR A 49 -0.87 1.64 -9.21
C THR A 49 -0.46 2.17 -7.84
N HIS A 50 -1.05 3.30 -7.42
CA HIS A 50 -0.55 3.96 -6.22
C HIS A 50 -1.00 3.26 -4.94
N LYS A 51 -2.26 2.85 -4.86
CA LYS A 51 -2.76 2.17 -3.65
C LYS A 51 -3.81 1.16 -4.08
N ILE A 52 -3.50 -0.12 -3.97
CA ILE A 52 -4.44 -1.17 -4.36
C ILE A 52 -5.14 -1.69 -3.11
N ALA A 53 -6.46 -1.69 -3.16
CA ALA A 53 -7.28 -2.08 -2.01
C ALA A 53 -8.20 -3.26 -2.32
N ASN A 54 -8.09 -3.88 -3.49
CA ASN A 54 -8.97 -4.97 -3.88
C ASN A 54 -8.19 -6.21 -4.27
N TYR A 55 -6.98 -6.36 -3.74
CA TYR A 55 -6.27 -7.63 -3.91
C TYR A 55 -6.63 -8.51 -2.73
N PRO A 56 -7.35 -9.61 -2.91
CA PRO A 56 -7.84 -10.38 -1.76
C PRO A 56 -6.68 -11.00 -1.00
N GLY A 57 -6.73 -10.88 0.31
CA GLY A 57 -5.71 -11.43 1.18
C GLY A 57 -4.64 -10.42 1.58
N VAL A 58 -4.68 -9.22 1.00
CA VAL A 58 -3.72 -8.17 1.32
C VAL A 58 -4.50 -6.96 1.82
N PRO A 59 -4.67 -6.81 3.12
CA PRO A 59 -5.53 -5.75 3.64
C PRO A 59 -4.79 -4.42 3.74
N GLY A 60 -5.55 -3.38 4.07
CA GLY A 60 -4.93 -2.11 4.38
C GLY A 60 -4.45 -1.34 3.16
N GLU A 61 -3.47 -0.48 3.42
CA GLU A 61 -2.91 0.37 2.37
C GLU A 61 -1.65 -0.31 1.84
N MET A 62 -1.62 -0.55 0.54
CA MET A 62 -0.41 -1.07 -0.07
C MET A 62 -0.28 -0.47 -1.46
N SER A 63 0.94 -0.06 -1.78
CA SER A 63 1.21 0.41 -3.13
C SER A 63 1.34 -0.79 -4.05
N GLY A 64 1.03 -0.57 -5.33
CA GLY A 64 1.16 -1.64 -6.29
C GLY A 64 2.58 -2.16 -6.39
N ASP A 65 3.57 -1.27 -6.34
CA ASP A 65 4.93 -1.76 -6.49
C ASP A 65 5.39 -2.52 -5.24
N HIS A 66 4.78 -2.27 -4.08
CA HIS A 66 5.10 -3.07 -2.92
C HIS A 66 4.50 -4.46 -3.04
N LEU A 67 3.25 -4.56 -3.49
CA LEU A 67 2.63 -5.86 -3.71
C LEU A 67 3.42 -6.68 -4.73
N LEU A 68 3.81 -6.04 -5.84
CA LEU A 68 4.58 -6.75 -6.87
C LEU A 68 5.92 -7.23 -6.30
N GLU A 69 6.57 -6.40 -5.47
CA GLU A 69 7.84 -6.81 -4.88
C GLU A 69 7.69 -8.06 -4.00
N VAL A 70 6.59 -8.15 -3.25
CA VAL A 70 6.35 -9.35 -2.44
C VAL A 70 6.21 -10.57 -3.36
N MET A 71 5.45 -10.44 -4.45
CA MET A 71 5.28 -11.54 -5.38
C MET A 71 6.60 -11.94 -6.01
N ARG A 72 7.36 -10.95 -6.47
CA ARG A 72 8.66 -11.23 -7.06
C ARG A 72 9.57 -11.95 -6.07
N ASP A 73 9.60 -11.48 -4.83
CA ASP A 73 10.44 -12.10 -3.80
C ASP A 73 9.99 -13.54 -3.52
N GLN A 74 8.68 -13.80 -3.54
CA GLN A 74 8.21 -15.17 -3.36
C GLN A 74 8.74 -16.08 -4.46
N ALA A 75 8.62 -15.64 -5.72
CA ALA A 75 9.11 -16.45 -6.83
C ALA A 75 10.60 -16.73 -6.69
N VAL A 76 11.37 -15.71 -6.30
CA VAL A 76 12.80 -15.90 -6.18
C VAL A 76 13.14 -16.81 -5.01
N GLU A 77 12.40 -16.68 -3.91
CA GLU A 77 12.64 -17.53 -2.74
C GLU A 77 12.57 -19.00 -3.11
N PHE A 78 11.69 -19.37 -4.03
CA PHE A 78 11.49 -20.77 -4.39
C PHE A 78 12.33 -21.18 -5.59
N GLY A 79 13.21 -20.33 -6.07
CA GLY A 79 14.26 -20.70 -7.01
C GLY A 79 14.25 -19.95 -8.33
N THR A 80 13.28 -19.07 -8.60
CA THR A 80 13.25 -18.32 -9.85
C THR A 80 14.46 -17.41 -9.99
N VAL A 81 15.00 -17.36 -11.20
CA VAL A 81 15.99 -16.35 -11.57
C VAL A 81 15.26 -15.13 -12.13
N TYR A 82 15.46 -13.97 -11.50
CA TYR A 82 14.91 -12.72 -12.00
C TYR A 82 16.01 -11.96 -12.72
N ARG A 83 15.77 -11.61 -13.99
CA ARG A 83 16.74 -10.90 -14.81
C ARG A 83 16.09 -9.66 -15.41
N ARG A 84 16.80 -8.54 -15.35
CA ARG A 84 16.45 -7.35 -16.12
C ARG A 84 16.87 -7.56 -17.58
N ALA A 85 15.90 -7.65 -18.47
CA ALA A 85 16.16 -7.91 -19.88
C ALA A 85 14.91 -7.59 -20.68
N GLN A 86 15.09 -6.91 -21.80
CA GLN A 86 13.99 -6.59 -22.69
C GLN A 86 14.02 -7.59 -23.85
N VAL A 87 12.92 -8.32 -24.04
CA VAL A 87 12.79 -9.25 -25.15
C VAL A 87 12.36 -8.50 -26.39
N TYR A 88 13.12 -8.65 -27.48
CA TYR A 88 12.78 -8.01 -28.75
C TYR A 88 12.41 -8.98 -29.86
N GLY A 89 12.55 -10.29 -29.65
CA GLY A 89 12.22 -11.25 -30.70
C GLY A 89 12.14 -12.66 -30.15
N LEU A 90 11.48 -13.54 -30.92
CA LEU A 90 11.28 -14.93 -30.54
C LEU A 90 11.48 -15.85 -31.74
N ASP A 91 11.98 -17.05 -31.49
CA ASP A 91 11.94 -18.12 -32.49
C ASP A 91 11.14 -19.26 -31.88
N LEU A 92 9.92 -19.47 -32.37
CA LEU A 92 8.99 -20.43 -31.79
C LEU A 92 8.84 -21.70 -32.62
N SER A 93 9.71 -21.94 -33.61
CA SER A 93 9.46 -22.98 -34.60
C SER A 93 9.81 -24.38 -34.10
N GLU A 94 10.46 -24.53 -32.97
CA GLU A 94 10.88 -25.81 -32.42
C GLU A 94 10.53 -25.93 -30.96
N PRO A 95 10.57 -27.16 -30.39
CA PRO A 95 10.17 -27.32 -28.99
C PRO A 95 10.96 -26.45 -28.03
N VAL A 96 12.25 -26.30 -28.25
CA VAL A 96 13.03 -25.38 -27.43
C VAL A 96 12.87 -24.00 -28.07
N LYS A 97 12.20 -23.10 -27.36
CA LYS A 97 11.92 -21.76 -27.84
C LYS A 97 13.12 -20.86 -27.57
N LYS A 98 13.43 -19.98 -28.52
CA LYS A 98 14.55 -19.06 -28.35
C LYS A 98 13.99 -17.67 -28.11
N VAL A 99 14.56 -16.97 -27.13
CA VAL A 99 14.06 -15.67 -26.66
C VAL A 99 15.20 -14.68 -26.75
N TYR A 100 15.08 -13.70 -27.63
CA TYR A 100 16.19 -12.80 -27.94
C TYR A 100 16.14 -11.56 -27.07
N THR A 101 17.23 -11.31 -26.35
CA THR A 101 17.43 -10.11 -25.55
C THR A 101 18.82 -9.57 -25.83
N PRO A 102 19.07 -8.29 -25.51
CA PRO A 102 20.45 -7.79 -25.59
C PRO A 102 21.38 -8.47 -24.62
N GLU A 103 20.85 -9.14 -23.61
CA GLU A 103 21.69 -9.82 -22.63
C GLU A 103 22.07 -11.22 -23.11
N GLY A 104 21.52 -11.65 -24.24
CA GLY A 104 21.78 -12.97 -24.78
C GLY A 104 20.49 -13.67 -25.20
N ILE A 105 20.65 -14.88 -25.72
CA ILE A 105 19.53 -15.68 -26.17
C ILE A 105 19.21 -16.67 -25.06
N PHE A 106 18.03 -16.55 -24.46
CA PHE A 106 17.56 -17.50 -23.48
C PHE A 106 16.74 -18.57 -24.18
N THR A 107 16.81 -19.79 -23.67
CA THR A 107 16.02 -20.86 -24.23
C THR A 107 15.15 -21.43 -23.14
N GLY A 108 13.96 -21.88 -23.54
CA GLY A 108 13.04 -22.50 -22.63
C GLY A 108 12.32 -23.62 -23.32
N ARG A 109 12.11 -24.71 -22.59
CA ARG A 109 11.25 -25.78 -23.05
C ARG A 109 9.78 -25.35 -23.04
N ALA A 110 9.44 -24.36 -22.23
CA ALA A 110 8.15 -23.72 -22.24
C ALA A 110 8.35 -22.21 -22.15
N LEU A 111 7.53 -21.48 -22.88
CA LEU A 111 7.62 -20.03 -22.96
C LEU A 111 6.29 -19.41 -22.51
N VAL A 112 6.38 -18.36 -21.69
CA VAL A 112 5.21 -17.68 -21.17
C VAL A 112 5.29 -16.21 -21.56
N LEU A 113 4.24 -15.71 -22.22
CA LEU A 113 4.17 -14.31 -22.62
C LEU A 113 3.33 -13.59 -21.58
N ALA A 114 3.92 -12.62 -20.88
CA ALA A 114 3.25 -12.00 -19.74
C ALA A 114 3.60 -10.51 -19.68
N THR A 115 3.54 -9.83 -20.81
CA THR A 115 4.02 -8.47 -20.92
C THR A 115 2.95 -7.43 -20.64
N GLY A 116 1.73 -7.85 -20.35
CA GLY A 116 0.68 -6.91 -20.00
C GLY A 116 0.16 -6.06 -21.16
N ALA A 117 -0.47 -4.94 -20.80
CA ALA A 117 -1.15 -4.07 -21.78
C ALA A 117 -0.97 -2.59 -21.45
N MET A 118 0.26 -2.17 -21.16
CA MET A 118 0.64 -0.77 -21.05
C MET A 118 1.17 -0.19 -22.37
N GLY A 119 1.01 -0.91 -23.46
CA GLY A 119 1.57 -0.48 -24.72
C GLY A 119 0.66 0.51 -25.43
N ARG A 120 1.13 1.00 -26.57
CA ARG A 120 0.34 1.90 -27.36
C ARG A 120 0.72 1.85 -28.83
N ILE A 121 -0.25 2.18 -29.66
CA ILE A 121 -0.04 2.28 -31.09
C ILE A 121 0.76 3.52 -31.42
N ALA A 122 1.61 3.42 -32.44
CA ALA A 122 2.35 4.58 -32.91
C ALA A 122 1.37 5.65 -33.39
N SER A 123 1.47 6.84 -32.80
CA SER A 123 0.55 7.93 -33.07
C SER A 123 1.22 9.17 -33.66
N ILE A 124 2.51 9.36 -33.43
CA ILE A 124 3.23 10.52 -33.97
C ILE A 124 3.37 10.34 -35.47
N PRO A 125 3.07 11.34 -36.29
CA PRO A 125 3.23 11.15 -37.74
C PRO A 125 4.69 10.86 -38.09
N GLY A 126 4.89 9.82 -38.88
CA GLY A 126 6.21 9.34 -39.22
C GLY A 126 6.72 8.22 -38.34
N GLU A 127 6.09 8.01 -37.17
CA GLU A 127 6.56 6.99 -36.24
C GLU A 127 6.43 5.59 -36.83
N ALA A 128 5.24 5.24 -37.33
CA ALA A 128 5.06 3.93 -37.96
C ALA A 128 5.92 3.79 -39.20
N GLU A 129 5.98 4.86 -40.02
CA GLU A 129 6.72 4.82 -41.29
C GLU A 129 8.19 4.47 -41.10
N TYR A 130 8.82 4.96 -40.02
CA TYR A 130 10.25 4.79 -39.85
C TYR A 130 10.58 3.75 -38.79
N LEU A 131 9.61 2.91 -38.42
CA LEU A 131 9.86 1.76 -37.57
C LEU A 131 10.97 0.91 -38.18
N GLY A 132 11.97 0.57 -37.38
CA GLY A 132 13.10 -0.19 -37.86
C GLY A 132 14.03 0.59 -38.76
N ARG A 133 13.78 1.88 -38.97
CA ARG A 133 14.62 2.74 -39.79
C ARG A 133 14.93 4.03 -39.04
N GLY A 134 15.16 3.94 -37.73
CA GLY A 134 15.45 5.09 -36.88
C GLY A 134 14.51 5.24 -35.70
N VAL A 135 13.30 4.69 -35.80
CA VAL A 135 12.36 4.70 -34.68
C VAL A 135 12.48 3.36 -33.96
N SER A 136 12.66 3.40 -32.65
CA SER A 136 12.92 2.20 -31.86
C SER A 136 12.26 2.33 -30.50
N TYR A 137 12.02 1.18 -29.87
CA TYR A 137 11.46 1.11 -28.52
C TYR A 137 12.37 0.32 -27.58
N CYS A 138 13.62 0.07 -27.98
CA CYS A 138 14.52 -0.77 -27.19
C CYS A 138 15.94 -0.21 -27.27
N ALA A 139 16.32 0.58 -26.27
CA ALA A 139 17.63 1.22 -26.27
C ALA A 139 18.76 0.23 -26.00
N THR A 140 18.52 -0.81 -25.19
CA THR A 140 19.59 -1.78 -24.94
C THR A 140 19.89 -2.61 -26.17
N CYS A 141 18.96 -2.70 -27.11
CA CYS A 141 19.17 -3.42 -28.35
C CYS A 141 19.79 -2.54 -29.43
N ASP A 142 19.29 -1.32 -29.60
CA ASP A 142 19.68 -0.48 -30.74
C ASP A 142 20.66 0.63 -30.40
N GLY A 143 20.97 0.84 -29.11
CA GLY A 143 21.78 2.00 -28.71
C GLY A 143 23.14 2.05 -29.39
N ALA A 144 23.82 0.91 -29.49
CA ALA A 144 25.17 0.90 -30.03
C ALA A 144 25.19 1.38 -31.47
N PHE A 145 24.07 1.24 -32.19
CA PHE A 145 24.00 1.68 -33.57
C PHE A 145 24.06 3.19 -33.70
N TYR A 146 23.91 3.91 -32.59
CA TYR A 146 23.89 5.37 -32.60
C TYR A 146 25.11 5.94 -31.92
N ARG A 147 26.20 5.18 -31.91
CA ARG A 147 27.41 5.70 -31.30
C ARG A 147 27.78 6.95 -32.09
N ASN A 148 28.04 8.03 -31.37
CA ASN A 148 28.40 9.31 -31.97
C ASN A 148 27.34 9.86 -32.93
N ARG A 149 26.07 9.63 -32.62
CA ARG A 149 24.97 10.12 -33.43
C ARG A 149 23.94 10.79 -32.54
N GLU A 150 23.11 11.63 -33.13
CA GLU A 150 22.09 12.38 -32.39
C GLU A 150 20.84 11.51 -32.25
N VAL A 151 20.30 11.41 -31.03
CA VAL A 151 19.07 10.66 -30.82
C VAL A 151 18.09 11.50 -30.02
N VAL A 152 16.83 11.11 -30.14
CA VAL A 152 15.73 11.74 -29.43
C VAL A 152 15.05 10.70 -28.54
N VAL A 153 14.75 11.10 -27.30
CA VAL A 153 13.92 10.32 -26.37
C VAL A 153 12.68 11.11 -26.03
N VAL A 154 11.52 10.45 -26.14
CA VAL A 154 10.23 11.05 -25.87
C VAL A 154 9.59 10.33 -24.70
N GLY A 155 9.21 11.11 -23.69
CA GLY A 155 8.43 10.58 -22.58
C GLY A 155 9.06 10.88 -21.24
N LEU A 156 8.21 10.98 -20.23
CA LEU A 156 8.62 11.22 -18.85
C LEU A 156 8.00 10.09 -18.02
N ASN A 157 8.77 9.07 -17.75
CA ASN A 157 8.36 7.95 -16.91
C ASN A 157 9.63 7.17 -16.64
N PRO A 158 9.61 6.23 -15.68
CA PRO A 158 10.87 5.57 -15.31
C PRO A 158 11.54 4.86 -16.48
N GLU A 159 10.76 4.29 -17.40
CA GLU A 159 11.37 3.61 -18.54
C GLU A 159 12.11 4.59 -19.43
N ALA A 160 11.53 5.76 -19.69
CA ALA A 160 12.20 6.73 -20.55
C ALA A 160 13.50 7.21 -19.92
N VAL A 161 13.47 7.42 -18.60
CA VAL A 161 14.66 7.89 -17.91
C VAL A 161 15.75 6.83 -17.98
N GLU A 162 15.38 5.57 -17.72
CA GLU A 162 16.38 4.51 -17.77
C GLU A 162 16.90 4.30 -19.19
N GLU A 163 16.03 4.34 -20.18
CA GLU A 163 16.47 4.13 -21.56
C GLU A 163 17.33 5.29 -22.05
N ALA A 164 16.97 6.52 -21.67
CA ALA A 164 17.80 7.66 -22.01
C ALA A 164 19.20 7.49 -21.45
N GLN A 165 19.29 6.98 -20.22
CA GLN A 165 20.60 6.77 -19.62
C GLN A 165 21.39 5.74 -20.40
N VAL A 166 20.73 4.69 -20.88
CA VAL A 166 21.42 3.73 -21.75
C VAL A 166 21.99 4.45 -22.97
N LEU A 167 21.22 5.35 -23.57
CA LEU A 167 21.66 5.98 -24.80
C LEU A 167 22.81 6.94 -24.58
N THR A 168 22.96 7.49 -23.38
CA THR A 168 24.11 8.37 -23.12
C THR A 168 25.43 7.64 -23.25
N LYS A 169 25.44 6.30 -23.19
CA LYS A 169 26.69 5.58 -23.37
C LYS A 169 27.18 5.62 -24.80
N PHE A 170 26.32 6.00 -25.76
CA PHE A 170 26.67 5.92 -27.17
C PHE A 170 26.50 7.24 -27.91
N ALA A 171 25.39 7.94 -27.68
CA ALA A 171 25.00 9.05 -28.54
C ALA A 171 25.88 10.29 -28.36
N SER A 172 26.04 11.04 -29.44
CA SER A 172 26.68 12.35 -29.32
C SER A 172 25.78 13.31 -28.53
N THR A 173 24.48 13.26 -28.75
CA THR A 173 23.52 14.09 -28.03
C THR A 173 22.27 13.26 -27.80
N VAL A 174 21.72 13.35 -26.61
CA VAL A 174 20.42 12.73 -26.30
C VAL A 174 19.44 13.86 -26.04
N HIS A 175 18.55 14.11 -27.02
CA HIS A 175 17.54 15.16 -26.91
C HIS A 175 16.32 14.59 -26.20
N TRP A 176 16.06 15.05 -24.98
CA TRP A 176 15.01 14.52 -24.14
C TRP A 176 13.82 15.45 -24.21
N ILE A 177 12.74 15.00 -24.87
CA ILE A 177 11.51 15.75 -25.02
C ILE A 177 10.53 15.29 -23.95
N THR A 178 10.18 16.20 -23.05
CA THR A 178 9.29 15.88 -21.97
C THR A 178 8.06 16.78 -22.05
N PRO A 179 6.88 16.28 -21.70
CA PRO A 179 5.69 17.14 -21.76
C PRO A 179 5.65 18.16 -20.63
N LYS A 180 6.35 17.90 -19.53
CA LYS A 180 6.34 18.78 -18.36
C LYS A 180 7.73 18.81 -17.75
N ASP A 181 7.88 19.59 -16.69
CA ASP A 181 9.15 19.73 -15.99
C ASP A 181 9.59 18.38 -15.42
N PRO A 182 10.74 17.85 -15.83
CA PRO A 182 11.18 16.56 -15.27
C PRO A 182 11.52 16.63 -13.80
N HIS A 183 11.83 17.81 -13.28
CA HIS A 183 12.16 17.95 -11.87
C HIS A 183 10.97 17.56 -11.01
N THR A 184 11.19 16.59 -10.12
CA THR A 184 10.13 16.07 -9.26
C THR A 184 10.70 15.64 -7.90
N GLY A 187 14.14 13.64 -8.44
CA GLY A 187 13.96 12.22 -8.69
C GLY A 187 15.17 11.64 -9.38
N HIS A 188 15.00 10.49 -10.06
CA HIS A 188 16.06 9.98 -10.93
C HIS A 188 16.34 10.89 -12.10
N ALA A 189 15.59 11.99 -12.25
CA ALA A 189 15.87 12.88 -13.36
C ALA A 189 17.25 13.49 -13.24
N ASP A 190 17.70 13.77 -12.01
CA ASP A 190 18.99 14.43 -11.81
C ASP A 190 20.13 13.60 -12.38
N GLU A 191 20.10 12.28 -12.16
CA GLU A 191 21.15 11.39 -12.66
C GLU A 191 21.21 11.45 -14.17
N LEU A 192 20.05 11.44 -14.81
CA LEU A 192 20.02 11.53 -16.26
C LEU A 192 20.53 12.88 -16.74
N LEU A 193 20.02 13.97 -16.15
CA LEU A 193 20.37 15.30 -16.63
C LEU A 193 21.83 15.65 -16.38
N ALA A 194 22.52 14.91 -15.53
CA ALA A 194 23.93 15.17 -15.25
C ALA A 194 24.84 14.70 -16.39
N HIS A 195 24.35 13.84 -17.30
CA HIS A 195 25.19 13.35 -18.39
C HIS A 195 25.44 14.51 -19.35
N PRO A 196 26.68 14.79 -19.72
CA PRO A 196 26.92 15.95 -20.61
C PRO A 196 26.20 15.87 -21.94
N SER A 197 25.89 14.67 -22.43
CA SER A 197 25.27 14.54 -23.75
C SER A 197 23.77 14.84 -23.76
N VAL A 198 23.13 15.01 -22.60
CA VAL A 198 21.68 15.16 -22.56
C VAL A 198 21.30 16.61 -22.76
N LYS A 199 20.37 16.84 -23.68
CA LYS A 199 19.78 18.16 -23.90
C LYS A 199 18.29 18.05 -23.64
N LEU A 200 17.84 18.76 -22.61
CA LEU A 200 16.44 18.73 -22.23
C LEU A 200 15.60 19.69 -23.08
N TRP A 201 14.49 19.20 -23.58
CA TRP A 201 13.48 19.99 -24.30
C TRP A 201 12.21 19.89 -23.48
N GLU A 202 12.15 20.68 -22.41
CA GLU A 202 11.02 20.66 -21.49
C GLU A 202 9.80 21.34 -22.10
N LYS A 203 8.62 20.80 -21.77
CA LYS A 203 7.35 21.36 -22.25
C LYS A 203 7.33 21.46 -23.77
N THR A 204 8.00 20.53 -24.44
CA THR A 204 8.09 20.49 -25.89
C THR A 204 7.28 19.29 -26.38
N ARG A 205 6.63 19.45 -27.54
CA ARG A 205 5.88 18.37 -28.18
C ARG A 205 6.58 17.92 -29.45
N LEU A 206 6.61 16.60 -29.67
CA LEU A 206 7.18 16.05 -30.90
C LEU A 206 6.11 16.01 -31.98
N ILE A 207 6.23 16.89 -32.98
CA ILE A 207 5.19 17.09 -33.99
C ILE A 207 5.26 16.02 -35.08
N ARG A 208 6.48 15.67 -35.52
CA ARG A 208 6.62 14.77 -36.65
C ARG A 208 8.01 14.18 -36.68
N ILE A 209 8.10 12.98 -37.21
CA ILE A 209 9.35 12.28 -37.44
C ILE A 209 9.52 12.19 -38.95
N LYS A 210 10.68 12.59 -39.46
CA LYS A 210 10.86 12.63 -40.91
C LYS A 210 12.21 12.05 -41.29
N GLY A 211 12.33 11.68 -42.57
CA GLY A 211 13.58 11.11 -43.03
C GLY A 211 13.63 10.98 -44.54
N GLU A 212 14.63 10.24 -44.99
CA GLU A 212 14.78 9.85 -46.37
C GLU A 212 14.59 8.34 -46.46
N GLU A 213 14.83 7.78 -47.65
CA GLU A 213 14.74 6.33 -47.83
C GLU A 213 15.62 5.60 -46.82
N ALA A 214 16.77 6.17 -46.46
CA ALA A 214 17.70 5.50 -45.57
C ALA A 214 17.25 5.51 -44.11
N GLY A 215 16.27 6.35 -43.75
CA GLY A 215 15.75 6.37 -42.40
C GLY A 215 15.63 7.78 -41.88
N VAL A 216 15.41 7.87 -40.57
CA VAL A 216 15.12 9.15 -39.94
C VAL A 216 16.30 10.08 -40.14
N THR A 217 16.00 11.38 -40.35
CA THR A 217 17.00 12.43 -40.40
C THR A 217 16.68 13.60 -39.49
N ALA A 218 15.42 13.78 -39.08
CA ALA A 218 15.07 14.93 -38.25
C ALA A 218 13.75 14.68 -37.53
N VAL A 219 13.49 15.51 -36.52
CA VAL A 219 12.16 15.61 -35.93
C VAL A 219 11.75 17.07 -35.96
N GLU A 220 10.45 17.33 -36.01
CA GLU A 220 9.91 18.67 -35.83
C GLU A 220 9.32 18.75 -34.44
N VAL A 221 9.64 19.83 -33.72
CA VAL A 221 9.19 20.01 -32.35
C VAL A 221 8.55 21.38 -32.23
N ARG A 222 7.60 21.49 -31.31
CA ARG A 222 6.88 22.73 -31.07
C ARG A 222 6.70 22.92 -29.57
N HIS A 223 6.77 24.17 -29.13
CA HIS A 223 6.54 24.50 -27.72
C HIS A 223 5.06 24.79 -27.45
N GLU A 226 4.27 27.43 -30.01
CA GLU A 226 4.52 28.76 -30.56
C GLU A 226 4.05 28.87 -32.02
N SER A 227 3.30 27.85 -32.47
CA SER A 227 2.72 27.86 -33.81
C SER A 227 3.72 27.43 -34.89
N ASP A 228 4.99 27.74 -34.69
CA ASP A 228 6.04 27.41 -35.67
C ASP A 228 6.93 26.32 -35.08
N SER A 229 6.92 25.15 -35.71
CA SER A 229 7.76 24.05 -35.27
C SER A 229 9.20 24.23 -35.75
N GLN A 230 10.14 23.80 -34.92
CA GLN A 230 11.56 23.82 -35.25
C GLN A 230 12.02 22.43 -35.66
N GLU A 231 13.00 22.38 -36.58
CA GLU A 231 13.58 21.12 -37.00
C GLU A 231 14.78 20.78 -36.11
N LEU A 232 14.81 19.53 -35.64
CA LEU A 232 15.91 19.00 -34.86
C LEU A 232 16.50 17.80 -35.58
N LEU A 233 17.77 17.88 -35.97
CA LEU A 233 18.39 16.76 -36.67
C LEU A 233 18.56 15.60 -35.69
N ALA A 234 18.22 14.39 -36.13
CA ALA A 234 18.40 13.20 -35.31
C ALA A 234 18.37 11.98 -36.21
N GLU A 235 19.02 10.92 -35.77
CA GLU A 235 19.00 9.68 -36.53
C GLU A 235 18.24 8.56 -35.82
N GLY A 236 17.98 8.72 -34.54
CA GLY A 236 17.25 7.73 -33.78
C GLY A 236 16.20 8.42 -32.93
N VAL A 237 15.00 7.83 -32.89
CA VAL A 237 13.91 8.34 -32.07
C VAL A 237 13.38 7.19 -31.23
N PHE A 238 13.43 7.35 -29.91
CA PHE A 238 13.02 6.34 -28.95
C PHE A 238 11.82 6.86 -28.17
N VAL A 239 10.66 6.23 -28.34
CA VAL A 239 9.39 6.73 -27.83
C VAL A 239 8.90 5.82 -26.71
N TYR A 240 8.66 6.42 -25.54
CA TYR A 240 8.24 5.71 -24.31
C TYR A 240 6.99 6.36 -23.74
N LEU A 241 5.90 6.26 -24.47
CA LEU A 241 4.60 6.70 -23.99
C LEU A 241 3.78 5.49 -23.56
N GLN A 242 2.97 5.65 -22.52
CA GLN A 242 2.16 4.57 -22.00
C GLN A 242 0.77 4.57 -22.63
N GLY A 243 0.18 3.39 -22.77
CA GLY A 243 -1.15 3.27 -23.31
C GLY A 243 -1.90 2.12 -22.67
N SER A 244 -2.88 1.57 -23.37
CA SER A 244 -3.70 0.49 -22.84
C SER A 244 -3.69 -0.73 -23.75
N LYS A 245 -2.68 -0.82 -24.65
CA LYS A 245 -2.72 -1.89 -25.65
C LYS A 245 -1.84 -3.05 -25.21
N PRO A 246 -2.26 -4.28 -25.49
CA PRO A 246 -1.41 -5.45 -25.18
C PRO A 246 -0.06 -5.32 -25.84
N ILE A 247 1.00 -5.67 -25.10
CA ILE A 247 2.36 -5.54 -25.61
C ILE A 247 2.71 -6.84 -26.33
N THR A 248 2.59 -6.82 -27.65
CA THR A 248 2.76 -8.02 -28.47
C THR A 248 3.66 -7.84 -29.69
N ASP A 249 4.16 -6.64 -29.98
CA ASP A 249 4.84 -6.47 -31.26
C ASP A 249 6.11 -7.31 -31.34
N PHE A 250 6.80 -7.54 -30.22
CA PHE A 250 7.99 -8.40 -30.22
C PHE A 250 7.69 -9.86 -30.60
N VAL A 251 6.42 -10.27 -30.58
CA VAL A 251 6.07 -11.62 -30.99
C VAL A 251 6.01 -11.74 -32.51
N ALA A 252 5.90 -10.62 -33.22
CA ALA A 252 5.99 -10.58 -34.68
C ALA A 252 4.95 -11.48 -35.34
N GLY A 253 3.75 -11.49 -34.79
CA GLY A 253 2.67 -12.26 -35.39
C GLY A 253 2.83 -13.75 -35.30
N GLN A 254 3.67 -14.25 -34.40
CA GLN A 254 3.92 -15.68 -34.38
C GLN A 254 2.89 -16.46 -33.59
N VAL A 255 2.00 -15.81 -32.84
CA VAL A 255 0.89 -16.50 -32.18
C VAL A 255 -0.40 -15.83 -32.60
N GLU A 256 -1.49 -16.58 -32.58
CA GLU A 256 -2.78 -16.02 -32.98
C GLU A 256 -3.24 -14.96 -32.02
N MET A 257 -3.90 -13.95 -32.56
CA MET A 257 -4.43 -12.85 -31.80
C MET A 257 -5.92 -12.70 -32.02
N LYS A 258 -6.63 -12.31 -30.98
CA LYS A 258 -8.06 -12.08 -31.07
C LYS A 258 -8.33 -10.80 -31.87
N PRO A 259 -9.55 -10.62 -32.36
CA PRO A 259 -9.86 -9.36 -33.08
C PRO A 259 -9.58 -8.12 -32.24
N ASP A 260 -9.70 -8.25 -30.93
CA ASP A 260 -9.45 -7.13 -30.00
C ASP A 260 -7.97 -6.81 -29.87
N GLY A 261 -7.11 -7.69 -30.39
CA GLY A 261 -5.67 -7.51 -30.34
C GLY A 261 -4.96 -8.28 -29.25
N GLY A 262 -5.73 -8.87 -28.35
CA GLY A 262 -5.15 -9.67 -27.28
C GLY A 262 -4.69 -11.03 -27.78
N VAL A 263 -3.75 -11.64 -27.08
CA VAL A 263 -3.27 -12.94 -27.47
C VAL A 263 -4.36 -13.99 -27.19
N TRP A 264 -4.62 -14.85 -28.17
CA TRP A 264 -5.60 -15.92 -27.99
C TRP A 264 -5.00 -17.08 -27.20
N VAL A 265 -5.78 -17.63 -26.26
CA VAL A 265 -5.38 -18.83 -25.52
C VAL A 265 -6.56 -19.76 -25.31
N ASP A 266 -6.24 -21.03 -25.04
CA ASP A 266 -7.23 -22.03 -24.70
C ASP A 266 -7.46 -22.02 -23.18
N GLU A 267 -8.16 -23.04 -22.68
CA GLU A 267 -8.57 -23.08 -21.27
C GLU A 267 -7.39 -23.20 -20.30
N MET A 268 -6.25 -23.65 -20.79
CA MET A 268 -5.06 -23.78 -19.97
C MET A 268 -4.05 -22.67 -20.25
N MET A 269 -4.51 -21.58 -20.88
CA MET A 269 -3.70 -20.41 -21.20
C MET A 269 -2.67 -20.71 -22.30
N GLN A 270 -2.83 -21.80 -23.03
CA GLN A 270 -1.88 -22.09 -24.10
C GLN A 270 -2.28 -21.34 -25.38
N THR A 271 -1.31 -20.72 -26.04
CA THR A 271 -1.52 -20.01 -27.30
C THR A 271 -1.73 -21.02 -28.43
N SER A 272 -1.84 -20.49 -29.67
CA SER A 272 -1.94 -21.32 -30.86
C SER A 272 -0.67 -22.10 -31.14
N VAL A 273 0.43 -21.79 -30.47
CA VAL A 273 1.71 -22.45 -30.70
C VAL A 273 2.00 -23.37 -29.52
N PRO A 274 2.19 -24.67 -29.74
CA PRO A 274 2.49 -25.57 -28.63
C PRO A 274 3.75 -25.13 -27.90
N GLY A 275 3.74 -25.27 -26.57
CA GLY A 275 4.85 -24.84 -25.76
C GLY A 275 4.90 -23.38 -25.43
N VAL A 276 3.89 -22.60 -25.84
CA VAL A 276 3.86 -21.18 -25.56
C VAL A 276 2.53 -20.82 -24.90
N TRP A 277 2.61 -20.16 -23.75
CA TRP A 277 1.45 -19.76 -22.98
C TRP A 277 1.34 -18.24 -22.95
N GLY A 278 0.13 -17.75 -22.72
CA GLY A 278 -0.09 -16.32 -22.55
C GLY A 278 -0.97 -16.05 -21.35
N ILE A 279 -0.58 -15.10 -20.51
CA ILE A 279 -1.25 -14.86 -19.25
C ILE A 279 -1.31 -13.36 -18.96
N GLY A 280 -2.36 -12.97 -18.23
CA GLY A 280 -2.48 -11.59 -17.80
C GLY A 280 -3.00 -10.70 -18.90
N ASP A 281 -2.69 -9.42 -18.80
CA ASP A 281 -3.39 -8.46 -19.66
C ASP A 281 -2.90 -8.44 -21.09
N ILE A 282 -1.87 -9.21 -21.38
CA ILE A 282 -1.37 -9.33 -22.75
C ILE A 282 -2.54 -9.89 -23.55
N ARG A 283 -3.36 -10.71 -22.87
CA ARG A 283 -4.57 -11.33 -23.43
C ARG A 283 -5.66 -10.33 -23.81
N ASN A 284 -5.64 -9.17 -23.16
CA ASN A 284 -6.61 -8.10 -23.41
C ASN A 284 -8.07 -8.44 -23.13
N THR A 285 -8.33 -9.19 -22.08
CA THR A 285 -9.69 -9.50 -21.68
C THR A 285 -10.20 -8.29 -20.92
N PRO A 286 -11.50 -8.16 -20.77
CA PRO A 286 -12.05 -7.04 -19.98
C PRO A 286 -11.73 -7.13 -18.49
N PHE A 287 -11.23 -8.25 -18.00
CA PHE A 287 -11.07 -8.46 -16.55
C PHE A 287 -9.63 -8.15 -16.13
N LYS A 288 -9.34 -6.86 -16.13
CA LYS A 288 -7.97 -6.37 -15.91
C LYS A 288 -7.83 -6.03 -14.44
N GLN A 289 -7.52 -7.05 -13.65
CA GLN A 289 -7.34 -6.91 -12.22
C GLN A 289 -6.15 -7.78 -11.83
N ALA A 290 -5.44 -7.36 -10.77
CA ALA A 290 -4.21 -8.06 -10.40
C ALA A 290 -4.47 -9.52 -10.04
N VAL A 291 -5.56 -9.82 -9.34
CA VAL A 291 -5.80 -11.20 -8.91
C VAL A 291 -6.18 -12.08 -10.09
N VAL A 292 -6.80 -11.52 -11.13
CA VAL A 292 -7.11 -12.29 -12.32
C VAL A 292 -5.83 -12.63 -13.06
N ALA A 293 -4.94 -11.64 -13.23
CA ALA A 293 -3.65 -11.88 -13.85
C ALA A 293 -2.87 -12.94 -13.10
N ALA A 294 -2.87 -12.86 -11.76
CA ALA A 294 -2.18 -13.85 -10.95
C ALA A 294 -2.77 -15.25 -11.17
N GLY A 295 -4.11 -15.34 -11.21
CA GLY A 295 -4.75 -16.61 -11.48
C GLY A 295 -4.37 -17.22 -12.83
N ASP A 296 -4.30 -16.39 -13.89
CA ASP A 296 -3.81 -16.84 -15.20
C ASP A 296 -2.43 -17.48 -15.08
N GLY A 297 -1.53 -16.80 -14.38
CA GLY A 297 -0.17 -17.30 -14.24
C GLY A 297 -0.13 -18.64 -13.53
N CYS A 298 -0.95 -18.80 -12.50
CA CYS A 298 -1.02 -20.07 -11.79
C CYS A 298 -1.51 -21.19 -12.73
N ILE A 299 -2.58 -20.95 -13.46
CA ILE A 299 -3.08 -21.95 -14.41
C ILE A 299 -1.99 -22.34 -15.40
N ALA A 300 -1.31 -21.35 -15.98
CA ALA A 300 -0.28 -21.66 -16.96
C ALA A 300 0.81 -22.51 -16.35
N ALA A 301 1.25 -22.15 -15.14
CA ALA A 301 2.31 -22.91 -14.50
C ALA A 301 1.93 -24.37 -14.30
N MET A 302 0.70 -24.63 -13.88
CA MET A 302 0.24 -26.00 -13.66
C MET A 302 0.16 -26.75 -14.98
N ALA A 303 -0.30 -26.07 -16.05
CA ALA A 303 -0.32 -26.70 -17.37
C ALA A 303 1.08 -26.98 -17.88
N ILE A 304 2.02 -26.07 -17.60
CA ILE A 304 3.40 -26.27 -18.03
C ILE A 304 4.03 -27.47 -17.33
N ASP A 305 3.77 -27.62 -16.04
CA ASP A 305 4.30 -28.77 -15.31
C ASP A 305 3.80 -30.09 -15.91
N ARG A 306 2.50 -30.15 -16.25
CA ARG A 306 1.98 -31.35 -16.91
C ARG A 306 2.67 -31.56 -18.26
N PHE A 307 2.81 -30.48 -19.03
CA PHE A 307 3.38 -30.57 -20.36
C PHE A 307 4.82 -31.02 -20.31
N LEU A 308 5.62 -30.42 -19.44
CA LEU A 308 7.03 -30.75 -19.44
C LEU A 308 7.30 -32.14 -18.90
N ASN A 309 6.37 -32.72 -18.15
CA ASN A 309 6.50 -34.09 -17.70
C ASN A 309 5.63 -35.05 -18.51
N SER A 310 5.00 -34.57 -19.57
CA SER A 310 4.14 -35.39 -20.43
C SER A 310 3.14 -36.19 -19.60
N ARG A 311 2.76 -35.63 -18.46
CA ARG A 311 1.81 -36.28 -17.57
C ARG A 311 0.40 -36.17 -18.12
N LYS A 312 -0.40 -37.18 -17.84
CA LYS A 312 -1.78 -37.19 -18.29
C LYS A 312 -2.62 -36.12 -17.60
N ALA A 313 -2.37 -35.88 -16.31
CA ALA A 313 -3.17 -34.94 -15.55
C ALA A 313 -2.44 -33.85 -14.76
N ILE A 314 -3.17 -32.77 -14.50
CA ILE A 314 -2.70 -31.63 -13.72
C ILE A 314 -2.51 -32.05 -12.28
N LYS A 315 -1.41 -31.63 -11.67
CA LYS A 315 -1.14 -31.97 -10.27
C LYS A 315 -1.27 -30.71 -9.43
N PRO A 316 -2.25 -30.58 -8.55
CA PRO A 316 -2.31 -29.38 -7.70
C PRO A 316 -1.15 -29.33 -6.72
N ASP A 317 -0.83 -28.10 -6.32
CA ASP A 317 0.28 -27.78 -5.40
C ASP A 317 -0.34 -27.43 -4.05
N TRP A 318 -0.51 -28.45 -3.22
CA TRP A 318 -1.25 -28.33 -1.97
C TRP A 318 -0.35 -28.59 -0.79
N ALA A 319 -0.49 -27.77 0.24
CA ALA A 319 0.22 -27.97 1.50
C ALA A 319 -0.57 -28.91 2.41
N HIS A 320 0.13 -29.47 3.38
CA HIS A 320 -0.54 -30.19 4.47
C HIS A 320 -1.08 -29.21 5.51
N SER B 2 -1.50 17.24 5.70
CA SER B 2 -0.32 17.44 6.59
C SER B 2 -0.67 17.08 8.04
N HIS B 3 0.36 17.04 8.90
CA HIS B 3 0.15 16.69 10.29
C HIS B 3 -0.68 17.76 11.02
N MET B 4 -0.38 19.03 10.76
CA MET B 4 -1.16 20.11 11.38
C MET B 4 -2.60 20.11 10.88
N GLU B 5 -2.79 19.83 9.58
CA GLU B 5 -4.15 19.81 9.03
C GLU B 5 -4.98 18.68 9.63
N GLN B 6 -4.36 17.53 9.86
CA GLN B 6 -5.11 16.36 10.28
C GLN B 6 -5.40 16.39 11.78
N PHE B 7 -4.53 16.97 12.60
CA PHE B 7 -4.60 16.80 14.05
C PHE B 7 -4.73 18.09 14.86
N ASP B 8 -4.46 19.25 14.30
CA ASP B 8 -4.52 20.50 15.06
C ASP B 8 -5.80 21.25 14.73
N PHE B 9 -6.64 21.45 15.74
CA PHE B 9 -7.97 22.05 15.56
C PHE B 9 -8.14 23.24 16.50
N ASP B 10 -9.13 24.10 16.21
CA ASP B 10 -9.54 25.10 17.18
C ASP B 10 -10.31 24.45 18.33
N VAL B 11 -11.21 23.52 18.00
CA VAL B 11 -12.11 22.88 18.95
C VAL B 11 -12.02 21.38 18.77
N VAL B 12 -11.76 20.66 19.86
CA VAL B 12 -11.79 19.20 19.89
C VAL B 12 -12.95 18.80 20.77
N ILE B 13 -13.86 18.00 20.22
CA ILE B 13 -15.03 17.52 20.93
C ILE B 13 -14.89 16.01 21.10
N VAL B 14 -14.92 15.56 22.36
CA VAL B 14 -14.82 14.14 22.69
C VAL B 14 -16.23 13.60 22.88
N GLY B 15 -16.71 12.82 21.91
CA GLY B 15 -18.07 12.28 21.98
C GLY B 15 -18.97 12.88 20.93
N GLY B 16 -19.62 12.02 20.17
CA GLY B 16 -20.52 12.46 19.11
C GLY B 16 -21.97 12.10 19.32
N GLY B 17 -22.48 12.22 20.54
CA GLY B 17 -23.90 12.16 20.78
C GLY B 17 -24.55 13.50 20.42
N PRO B 18 -25.80 13.70 20.85
CA PRO B 18 -26.47 14.98 20.54
C PRO B 18 -25.79 16.18 21.16
N ALA B 19 -25.16 16.05 22.33
CA ALA B 19 -24.45 17.19 22.87
C ALA B 19 -23.27 17.58 21.98
N GLY B 20 -22.39 16.62 21.69
CA GLY B 20 -21.20 16.89 20.90
C GLY B 20 -21.53 17.34 19.48
N CYS B 21 -22.51 16.71 18.84
CA CYS B 21 -22.89 17.11 17.49
C CYS B 21 -23.48 18.51 17.45
N THR B 22 -24.31 18.86 18.44
CA THR B 22 -24.83 20.22 18.46
C THR B 22 -23.72 21.23 18.71
N CYS B 23 -22.81 20.92 19.63
CA CYS B 23 -21.67 21.82 19.86
C CYS B 23 -20.90 22.06 18.55
N ALA B 24 -20.61 20.99 17.83
CA ALA B 24 -19.87 21.09 16.56
C ALA B 24 -20.63 21.90 15.51
N LEU B 25 -21.95 21.68 15.42
CA LEU B 25 -22.74 22.46 14.47
C LEU B 25 -22.53 23.95 14.69
N TYR B 26 -22.54 24.37 15.96
CA TYR B 26 -22.38 25.79 16.26
C TYR B 26 -20.92 26.25 16.08
N THR B 27 -19.93 25.48 16.55
CA THR B 27 -18.55 25.97 16.37
C THR B 27 -18.17 25.98 14.88
N ALA B 28 -18.62 24.99 14.12
CA ALA B 28 -18.32 24.99 12.69
C ALA B 28 -18.96 26.17 11.99
N ARG B 29 -20.22 26.50 12.36
CA ARG B 29 -20.88 27.66 11.79
C ARG B 29 -20.19 28.94 12.19
N SER B 30 -19.47 28.94 13.31
CA SER B 30 -18.60 30.07 13.67
C SER B 30 -17.27 30.06 12.91
N GLU B 31 -17.07 29.12 12.00
CA GLU B 31 -15.83 29.00 11.23
C GLU B 31 -14.64 28.65 12.13
N LEU B 32 -14.90 27.93 13.22
CA LEU B 32 -13.83 27.38 14.04
C LEU B 32 -13.55 25.98 13.51
N LYS B 33 -12.27 25.67 13.30
CA LYS B 33 -11.88 24.33 12.85
C LYS B 33 -12.19 23.34 13.96
N THR B 34 -13.12 22.41 13.69
CA THR B 34 -13.72 21.54 14.69
C THR B 34 -13.59 20.07 14.32
N VAL B 35 -13.25 19.24 15.30
CA VAL B 35 -13.23 17.79 15.14
C VAL B 35 -14.08 17.16 16.24
N ILE B 36 -14.86 16.14 15.85
CA ILE B 36 -15.53 15.25 16.79
C ILE B 36 -14.76 13.94 16.79
N LEU B 37 -14.34 13.51 17.97
CA LEU B 37 -13.72 12.21 18.18
C LEU B 37 -14.75 11.32 18.85
N ASP B 38 -15.28 10.34 18.11
CA ASP B 38 -16.40 9.53 18.54
C ASP B 38 -15.94 8.07 18.53
N LYS B 39 -16.01 7.41 19.68
CA LYS B 39 -15.44 6.07 19.73
C LYS B 39 -16.30 5.09 18.95
N ASN B 40 -17.61 5.28 18.98
CA ASN B 40 -18.53 4.38 18.30
C ASN B 40 -19.89 5.04 18.25
N PRO B 41 -20.38 5.38 17.05
CA PRO B 41 -21.67 6.08 16.96
C PRO B 41 -22.83 5.24 17.44
N ALA B 42 -22.65 3.92 17.63
CA ALA B 42 -23.73 3.07 18.11
C ALA B 42 -23.74 2.93 19.63
N ALA B 43 -22.79 3.53 20.35
CA ALA B 43 -22.67 3.26 21.77
C ALA B 43 -23.33 4.33 22.63
N GLY B 44 -23.75 5.44 22.05
CA GLY B 44 -24.35 6.51 22.84
C GLY B 44 -25.80 6.21 23.22
N ALA B 45 -26.27 6.95 24.24
CA ALA B 45 -27.63 6.75 24.75
C ALA B 45 -28.68 7.06 23.69
N LEU B 46 -28.53 8.17 22.95
CA LEU B 46 -29.51 8.47 21.91
C LEU B 46 -29.46 7.42 20.81
N ALA B 47 -28.26 6.99 20.40
CA ALA B 47 -28.17 6.03 19.31
C ALA B 47 -28.83 4.70 19.65
N ILE B 48 -28.88 4.32 20.93
CA ILE B 48 -29.52 3.05 21.28
C ILE B 48 -31.01 3.18 21.55
N THR B 49 -31.55 4.40 21.61
CA THR B 49 -32.98 4.59 21.81
C THR B 49 -33.74 4.14 20.57
N HIS B 50 -34.74 3.27 20.76
CA HIS B 50 -35.39 2.66 19.60
C HIS B 50 -36.32 3.63 18.91
N LYS B 51 -37.08 4.42 19.68
CA LYS B 51 -38.06 5.34 19.12
C LYS B 51 -38.14 6.55 20.05
N ILE B 52 -37.69 7.72 19.58
CA ILE B 52 -37.77 8.94 20.36
C ILE B 52 -38.94 9.77 19.86
N ALA B 53 -39.83 10.14 20.78
CA ALA B 53 -41.06 10.87 20.46
C ALA B 53 -41.17 12.19 21.20
N ASN B 54 -40.14 12.60 21.95
CA ASN B 54 -40.22 13.84 22.72
C ASN B 54 -39.07 14.76 22.39
N TYR B 55 -38.50 14.64 21.21
CA TYR B 55 -37.53 15.62 20.76
C TYR B 55 -38.30 16.73 20.05
N PRO B 56 -38.34 17.94 20.60
CA PRO B 56 -39.20 18.96 20.01
C PRO B 56 -38.74 19.36 18.62
N GLY B 57 -39.68 19.41 17.70
CA GLY B 57 -39.40 19.76 16.32
C GLY B 57 -39.22 18.58 15.39
N VAL B 58 -39.16 17.36 15.92
CA VAL B 58 -39.00 16.15 15.12
C VAL B 58 -40.22 15.28 15.37
N PRO B 59 -41.25 15.36 14.52
CA PRO B 59 -42.50 14.66 14.80
C PRO B 59 -42.46 13.21 14.31
N GLY B 60 -43.52 12.48 14.66
CA GLY B 60 -43.70 11.16 14.12
C GLY B 60 -42.78 10.10 14.74
N GLU B 61 -42.55 9.05 13.96
CA GLU B 61 -41.72 7.95 14.42
C GLU B 61 -40.29 8.22 13.96
N MET B 62 -39.36 8.25 14.92
CA MET B 62 -37.95 8.33 14.55
C MET B 62 -37.11 7.53 15.52
N SER B 63 -36.18 6.77 14.97
CA SER B 63 -35.23 6.05 15.80
C SER B 63 -34.20 7.04 16.30
N GLY B 64 -33.64 6.75 17.48
CA GLY B 64 -32.60 7.60 18.02
C GLY B 64 -31.38 7.66 17.11
N ASP B 65 -31.00 6.54 16.51
CA ASP B 65 -29.79 6.62 15.69
C ASP B 65 -30.05 7.38 14.40
N HIS B 66 -31.29 7.45 13.95
CA HIS B 66 -31.60 8.31 12.80
C HIS B 66 -31.54 9.79 13.18
N LEU B 67 -32.12 10.15 14.32
CA LEU B 67 -32.03 11.53 14.78
C LEU B 67 -30.58 11.96 14.92
N LEU B 68 -29.74 11.09 15.52
CA LEU B 68 -28.34 11.43 15.69
C LEU B 68 -27.63 11.58 14.36
N GLU B 69 -27.96 10.72 13.39
CA GLU B 69 -27.35 10.84 12.06
C GLU B 69 -27.69 12.17 11.43
N VAL B 70 -28.92 12.65 11.60
CA VAL B 70 -29.26 13.98 11.08
C VAL B 70 -28.37 15.03 11.72
N MET B 71 -28.23 14.99 13.04
CA MET B 71 -27.41 15.97 13.76
C MET B 71 -25.94 15.90 13.32
N ARG B 72 -25.39 14.70 13.24
CA ARG B 72 -24.01 14.54 12.78
C ARG B 72 -23.83 15.10 11.37
N ASP B 73 -24.77 14.81 10.48
CA ASP B 73 -24.67 15.28 9.11
C ASP B 73 -24.75 16.80 9.05
N GLN B 74 -25.57 17.41 9.90
CA GLN B 74 -25.60 18.87 9.98
C GLN B 74 -24.25 19.44 10.41
N ALA B 75 -23.65 18.87 11.44
CA ALA B 75 -22.35 19.37 11.88
C ALA B 75 -21.32 19.26 10.76
N VAL B 76 -21.32 18.13 10.04
CA VAL B 76 -20.34 17.93 8.97
C VAL B 76 -20.63 18.85 7.81
N GLU B 77 -21.91 19.11 7.53
CA GLU B 77 -22.28 19.99 6.43
C GLU B 77 -21.67 21.37 6.59
N PHE B 78 -21.56 21.85 7.81
CA PHE B 78 -21.02 23.17 8.06
C PHE B 78 -19.53 23.16 8.36
N GLY B 79 -18.86 22.02 8.22
CA GLY B 79 -17.40 21.98 8.23
C GLY B 79 -16.76 21.12 9.31
N THR B 80 -17.50 20.50 10.20
CA THR B 80 -16.92 19.62 11.22
C THR B 80 -16.26 18.42 10.58
N VAL B 81 -15.08 18.05 11.08
CA VAL B 81 -14.44 16.79 10.77
C VAL B 81 -14.92 15.78 11.79
N TYR B 82 -15.56 14.70 11.32
CA TYR B 82 -15.99 13.59 12.18
C TYR B 82 -15.01 12.43 12.04
N ARG B 83 -14.47 11.97 13.16
CA ARG B 83 -13.48 10.88 13.18
C ARG B 83 -13.91 9.80 14.15
N ARG B 84 -13.81 8.55 13.71
CA ARG B 84 -13.95 7.42 14.62
C ARG B 84 -12.65 7.26 15.39
N ALA B 85 -12.67 7.57 16.67
CA ALA B 85 -11.46 7.53 17.49
C ALA B 85 -11.88 7.53 18.93
N GLN B 86 -11.28 6.64 19.71
CA GLN B 86 -11.55 6.55 21.15
C GLN B 86 -10.46 7.30 21.90
N VAL B 87 -10.87 8.25 22.71
CA VAL B 87 -9.97 9.02 23.56
C VAL B 87 -9.70 8.24 24.84
N TYR B 88 -8.42 8.06 25.14
CA TYR B 88 -8.03 7.36 26.35
C TYR B 88 -7.26 8.22 27.32
N GLY B 89 -6.91 9.45 26.95
CA GLY B 89 -6.14 10.31 27.85
C GLY B 89 -6.13 11.74 27.37
N LEU B 90 -5.86 12.64 28.31
CA LEU B 90 -5.82 14.08 28.06
C LEU B 90 -4.65 14.70 28.81
N ASP B 91 -4.06 15.72 28.19
CA ASP B 91 -3.13 16.62 28.88
C ASP B 91 -3.75 18.02 28.84
N LEU B 92 -4.26 18.47 29.98
CA LEU B 92 -5.03 19.71 30.09
C LEU B 92 -4.28 20.87 30.72
N SER B 93 -2.98 20.74 30.93
CA SER B 93 -2.19 21.67 31.73
C SER B 93 -1.72 22.92 30.99
N GLU B 94 -1.93 23.03 29.68
CA GLU B 94 -1.43 24.13 28.88
C GLU B 94 -2.53 24.74 28.01
N PRO B 95 -2.32 25.94 27.46
CA PRO B 95 -3.36 26.53 26.62
C PRO B 95 -3.77 25.64 25.45
N VAL B 96 -2.84 24.94 24.82
CA VAL B 96 -3.16 23.97 23.78
C VAL B 96 -3.38 22.61 24.45
N LYS B 97 -4.60 22.09 24.41
CA LYS B 97 -4.90 20.82 25.03
C LYS B 97 -4.56 19.67 24.09
N LYS B 98 -4.02 18.58 24.65
CA LYS B 98 -3.66 17.40 23.87
C LYS B 98 -4.63 16.28 24.21
N VAL B 99 -5.07 15.57 23.17
CA VAL B 99 -6.11 14.56 23.28
C VAL B 99 -5.60 13.26 22.65
N TYR B 100 -5.44 12.21 23.46
CA TYR B 100 -4.76 11.00 23.06
C TYR B 100 -5.76 9.96 22.54
N THR B 101 -5.57 9.53 21.30
CA THR B 101 -6.31 8.45 20.68
C THR B 101 -5.31 7.52 20.00
N PRO B 102 -5.72 6.27 19.71
CA PRO B 102 -4.86 5.37 18.93
C PRO B 102 -4.60 5.87 17.52
N GLU B 103 -5.47 6.74 17.00
CA GLU B 103 -5.31 7.35 15.70
C GLU B 103 -4.33 8.52 15.73
N GLY B 104 -3.84 8.92 16.89
CA GLY B 104 -2.91 10.01 17.01
C GLY B 104 -3.31 11.00 18.09
N ILE B 105 -2.48 12.03 18.24
CA ILE B 105 -2.72 13.07 19.25
C ILE B 105 -3.36 14.27 18.57
N PHE B 106 -4.58 14.58 18.96
CA PHE B 106 -5.27 15.77 18.48
C PHE B 106 -5.05 16.92 19.45
N THR B 107 -4.96 18.14 18.92
CA THR B 107 -4.76 19.31 19.75
C THR B 107 -5.89 20.30 19.50
N GLY B 108 -6.25 21.01 20.56
CA GLY B 108 -7.32 21.99 20.47
C GLY B 108 -7.06 23.19 21.35
N ARG B 109 -7.42 24.39 20.89
CA ARG B 109 -7.41 25.53 21.80
C ARG B 109 -8.59 25.51 22.74
N ALA B 110 -9.66 24.78 22.40
CA ALA B 110 -10.76 24.55 23.31
C ALA B 110 -11.11 23.07 23.24
N LEU B 111 -11.43 22.50 24.40
CA LEU B 111 -11.71 21.08 24.51
C LEU B 111 -13.10 20.90 25.10
N VAL B 112 -13.87 19.99 24.51
CA VAL B 112 -15.25 19.74 24.92
C VAL B 112 -15.38 18.27 25.29
N LEU B 113 -15.83 18.02 26.52
CA LEU B 113 -16.08 16.67 27.02
C LEU B 113 -17.58 16.37 26.89
N ALA B 114 -17.92 15.38 26.07
CA ALA B 114 -19.32 15.10 25.67
C ALA B 114 -19.54 13.59 25.53
N THR B 115 -19.03 12.81 26.48
CA THR B 115 -19.01 11.36 26.34
C THR B 115 -20.24 10.67 26.93
N GLY B 116 -21.18 11.41 27.50
CA GLY B 116 -22.44 10.85 28.02
C GLY B 116 -22.28 10.05 29.31
N ALA B 117 -23.25 9.17 29.55
CA ALA B 117 -23.37 8.46 30.82
C ALA B 117 -23.87 7.05 30.59
N MET B 118 -23.30 6.36 29.60
CA MET B 118 -23.51 4.93 29.39
C MET B 118 -22.46 4.07 30.10
N GLY B 119 -21.66 4.66 30.97
CA GLY B 119 -20.59 3.95 31.66
C GLY B 119 -21.07 3.21 32.91
N ARG B 120 -20.11 2.59 33.59
CA ARG B 120 -20.41 1.77 34.76
C ARG B 120 -19.23 1.79 35.73
N ILE B 121 -19.53 1.60 37.02
CA ILE B 121 -18.47 1.41 37.99
C ILE B 121 -17.89 0.02 37.77
N ALA B 122 -16.57 -0.07 37.88
CA ALA B 122 -15.88 -1.36 37.78
C ALA B 122 -16.20 -2.23 38.98
N SER B 123 -17.31 -2.99 38.92
CA SER B 123 -17.80 -3.73 40.07
C SER B 123 -17.38 -5.21 40.11
N ILE B 124 -16.83 -5.76 39.04
CA ILE B 124 -16.39 -7.17 39.09
C ILE B 124 -15.18 -7.28 40.00
N PRO B 125 -15.13 -8.20 40.96
CA PRO B 125 -13.95 -8.28 41.82
C PRO B 125 -12.68 -8.51 41.00
N GLY B 126 -11.64 -7.76 41.35
CA GLY B 126 -10.41 -7.70 40.59
C GLY B 126 -10.39 -6.67 39.47
N GLU B 127 -11.55 -6.18 39.04
CA GLU B 127 -11.60 -5.30 37.88
C GLU B 127 -10.89 -3.98 38.19
N ALA B 128 -11.23 -3.34 39.30
CA ALA B 128 -10.53 -2.11 39.67
C ALA B 128 -9.07 -2.40 39.97
N GLU B 129 -8.80 -3.52 40.65
CA GLU B 129 -7.45 -3.89 41.06
C GLU B 129 -6.49 -3.99 39.88
N TYR B 130 -6.95 -4.49 38.73
CA TYR B 130 -6.04 -4.75 37.61
C TYR B 130 -6.20 -3.76 36.47
N LEU B 131 -6.83 -2.62 36.71
CA LEU B 131 -6.86 -1.53 35.74
C LEU B 131 -5.44 -1.17 35.30
N GLY B 132 -5.23 -1.07 33.99
CA GLY B 132 -3.91 -0.84 33.45
C GLY B 132 -2.93 -1.99 33.58
N ARG B 133 -3.32 -3.10 34.23
CA ARG B 133 -2.48 -4.27 34.36
C ARG B 133 -3.18 -5.49 33.77
N GLY B 134 -3.92 -5.29 32.69
CA GLY B 134 -4.62 -6.39 32.05
C GLY B 134 -6.08 -6.11 31.84
N VAL B 135 -6.66 -5.22 32.64
CA VAL B 135 -8.04 -4.79 32.43
C VAL B 135 -8.02 -3.52 31.61
N SER B 136 -8.80 -3.50 30.54
CA SER B 136 -8.82 -2.35 29.63
C SER B 136 -10.21 -2.15 29.08
N TYR B 137 -10.47 -0.93 28.59
CA TYR B 137 -11.75 -0.59 27.99
C TYR B 137 -11.58 -0.04 26.58
N CYS B 138 -10.40 -0.25 25.99
CA CYS B 138 -10.04 0.34 24.69
C CYS B 138 -9.21 -0.66 23.90
N ALA B 139 -9.87 -1.41 23.04
CA ALA B 139 -9.15 -2.42 22.25
C ALA B 139 -8.28 -1.79 21.18
N THR B 140 -8.66 -0.64 20.62
CA THR B 140 -7.79 -0.02 19.61
C THR B 140 -6.50 0.53 20.21
N CYS B 141 -6.50 0.80 21.51
CA CYS B 141 -5.30 1.27 22.17
C CYS B 141 -4.42 0.11 22.66
N ASP B 142 -5.00 -0.91 23.28
CA ASP B 142 -4.24 -1.95 23.96
C ASP B 142 -4.15 -3.27 23.19
N GLY B 143 -4.86 -3.41 22.07
CA GLY B 143 -4.92 -4.71 21.40
C GLY B 143 -3.56 -5.25 21.02
N ALA B 144 -2.68 -4.37 20.50
CA ALA B 144 -1.38 -4.81 20.00
C ALA B 144 -0.52 -5.41 21.08
N PHE B 145 -0.75 -5.04 22.34
CA PHE B 145 0.03 -5.64 23.44
C PHE B 145 -0.33 -7.10 23.67
N TYR B 146 -1.41 -7.60 23.06
CA TYR B 146 -1.85 -8.97 23.29
C TYR B 146 -1.67 -9.86 22.06
N ARG B 147 -0.77 -9.50 21.16
CA ARG B 147 -0.44 -10.40 20.06
C ARG B 147 -0.06 -11.77 20.62
N ASN B 148 -0.71 -12.81 20.11
CA ASN B 148 -0.43 -14.20 20.53
C ASN B 148 -0.72 -14.45 22.00
N ARG B 149 -1.60 -13.67 22.60
CA ARG B 149 -2.02 -13.88 23.98
C ARG B 149 -3.53 -14.07 24.06
N GLU B 150 -3.96 -14.61 25.20
CA GLU B 150 -5.36 -14.90 25.43
C GLU B 150 -6.06 -13.69 26.02
N VAL B 151 -7.22 -13.34 25.47
CA VAL B 151 -8.01 -12.23 25.99
C VAL B 151 -9.46 -12.63 26.16
N VAL B 152 -10.15 -11.87 27.00
CA VAL B 152 -11.56 -12.05 27.31
C VAL B 152 -12.30 -10.78 26.93
N VAL B 153 -13.45 -10.92 26.28
CA VAL B 153 -14.34 -9.80 25.98
C VAL B 153 -15.67 -10.09 26.67
N VAL B 154 -16.15 -9.12 27.43
CA VAL B 154 -17.38 -9.26 28.19
C VAL B 154 -18.41 -8.29 27.65
N GLY B 155 -19.55 -8.83 27.23
CA GLY B 155 -20.68 -8.00 26.86
C GLY B 155 -21.23 -8.31 25.48
N LEU B 156 -22.52 -8.05 25.32
CA LEU B 156 -23.21 -8.23 24.05
C LEU B 156 -23.85 -6.88 23.70
N ASN B 157 -23.21 -6.14 22.83
CA ASN B 157 -23.71 -4.86 22.38
C ASN B 157 -22.81 -4.45 21.22
N PRO B 158 -23.18 -3.42 20.45
CA PRO B 158 -22.38 -3.08 19.26
C PRO B 158 -20.93 -2.79 19.56
N GLU B 159 -20.65 -2.13 20.69
CA GLU B 159 -19.26 -1.83 21.02
C GLU B 159 -18.45 -3.09 21.27
N ALA B 160 -19.03 -4.04 22.02
CA ALA B 160 -18.29 -5.25 22.33
C ALA B 160 -17.97 -6.01 21.06
N VAL B 161 -18.91 -6.06 20.12
CA VAL B 161 -18.72 -6.80 18.89
C VAL B 161 -17.60 -6.18 18.05
N GLU B 162 -17.61 -4.85 17.91
CA GLU B 162 -16.55 -4.19 17.14
C GLU B 162 -15.20 -4.31 17.85
N GLU B 163 -15.17 -4.13 19.17
CA GLU B 163 -13.90 -4.25 19.90
C GLU B 163 -13.38 -5.68 19.87
N ALA B 164 -14.28 -6.67 19.99
CA ALA B 164 -13.83 -8.06 19.84
C ALA B 164 -13.19 -8.29 18.48
N GLN B 165 -13.77 -7.72 17.43
CA GLN B 165 -13.19 -7.89 16.09
C GLN B 165 -11.82 -7.21 16.00
N VAL B 166 -11.65 -6.08 16.68
CA VAL B 166 -10.32 -5.47 16.74
C VAL B 166 -9.32 -6.47 17.33
N LEU B 167 -9.71 -7.13 18.42
CA LEU B 167 -8.80 -8.00 19.12
C LEU B 167 -8.49 -9.27 18.34
N THR B 168 -9.40 -9.70 17.45
CA THR B 168 -9.07 -10.87 16.64
C THR B 168 -7.86 -10.62 15.74
N LYS B 169 -7.51 -9.36 15.50
CA LYS B 169 -6.32 -9.09 14.69
C LYS B 169 -5.04 -9.46 15.40
N PHE B 170 -5.06 -9.66 16.73
CA PHE B 170 -3.86 -9.89 17.52
C PHE B 170 -3.90 -11.14 18.39
N ALA B 171 -5.00 -11.35 19.09
CA ALA B 171 -5.00 -12.32 20.18
C ALA B 171 -4.88 -13.75 19.67
N SER B 172 -4.27 -14.62 20.49
CA SER B 172 -4.31 -16.03 20.14
C SER B 172 -5.74 -16.57 20.24
N THR B 173 -6.48 -16.16 21.27
CA THR B 173 -7.88 -16.55 21.45
C THR B 173 -8.65 -15.35 21.99
N VAL B 174 -9.85 -15.15 21.49
CA VAL B 174 -10.74 -14.12 22.02
C VAL B 174 -11.93 -14.85 22.64
N HIS B 175 -11.94 -14.92 23.97
CA HIS B 175 -13.02 -15.55 24.71
C HIS B 175 -14.15 -14.54 24.89
N TRP B 176 -15.28 -14.78 24.25
CA TRP B 176 -16.39 -13.83 24.24
C TRP B 176 -17.45 -14.30 25.23
N ILE B 177 -17.59 -13.56 26.34
CA ILE B 177 -18.56 -13.91 27.39
C ILE B 177 -19.80 -13.06 27.18
N THR B 178 -20.91 -13.72 26.87
CA THR B 178 -22.19 -13.04 26.62
C THR B 178 -23.24 -13.53 27.60
N PRO B 179 -24.17 -12.66 28.03
CA PRO B 179 -25.22 -13.13 28.94
C PRO B 179 -26.28 -13.97 28.26
N LYS B 180 -26.48 -13.82 26.95
CA LYS B 180 -27.50 -14.54 26.21
C LYS B 180 -26.94 -14.92 24.84
N ASP B 181 -27.76 -15.61 24.06
CA ASP B 181 -27.36 -16.05 22.73
C ASP B 181 -27.05 -14.84 21.85
N PRO B 182 -25.84 -14.73 21.30
CA PRO B 182 -25.53 -13.59 20.44
C PRO B 182 -26.27 -13.62 19.12
N HIS B 183 -26.77 -14.77 18.69
CA HIS B 183 -27.55 -14.83 17.46
C HIS B 183 -28.82 -14.00 17.57
N THR B 184 -29.21 -13.62 18.79
CA THR B 184 -30.37 -12.75 19.02
C THR B 184 -30.10 -11.33 18.56
N GLY B 187 -25.28 -12.23 12.21
CA GLY B 187 -24.67 -10.93 12.16
C GLY B 187 -25.42 -9.93 13.03
N HIS B 188 -24.73 -8.90 13.52
CA HIS B 188 -23.30 -8.72 13.23
C HIS B 188 -22.47 -9.81 13.89
N ALA B 189 -23.10 -10.61 14.74
CA ALA B 189 -22.40 -11.67 15.45
C ALA B 189 -21.78 -12.68 14.49
N ASP B 190 -22.48 -13.01 13.41
CA ASP B 190 -21.97 -13.97 12.46
C ASP B 190 -20.54 -13.65 12.00
N GLU B 191 -20.29 -12.39 11.64
CA GLU B 191 -18.96 -11.97 11.20
C GLU B 191 -17.93 -12.16 12.30
N LEU B 192 -18.27 -11.78 13.53
CA LEU B 192 -17.35 -11.96 14.64
C LEU B 192 -17.07 -13.44 14.88
N LEU B 193 -18.13 -14.24 14.98
CA LEU B 193 -18.00 -15.66 15.29
C LEU B 193 -17.27 -16.45 14.18
N ALA B 194 -17.16 -15.88 12.97
CA ALA B 194 -16.43 -16.54 11.89
C ALA B 194 -14.91 -16.46 12.05
N HIS B 195 -14.41 -15.59 12.92
CA HIS B 195 -12.97 -15.52 13.14
C HIS B 195 -12.51 -16.79 13.87
N PRO B 196 -11.48 -17.47 13.37
CA PRO B 196 -11.04 -18.71 14.03
C PRO B 196 -10.64 -18.52 15.48
N SER B 197 -10.18 -17.33 15.88
CA SER B 197 -9.72 -17.15 17.25
C SER B 197 -10.85 -16.91 18.26
N VAL B 198 -12.08 -16.72 17.82
CA VAL B 198 -13.15 -16.41 18.76
C VAL B 198 -13.70 -17.70 19.36
N LYS B 199 -13.82 -17.72 20.68
CA LYS B 199 -14.48 -18.78 21.42
C LYS B 199 -15.65 -18.17 22.19
N LEU B 200 -16.86 -18.61 21.86
CA LEU B 200 -18.06 -18.07 22.49
C LEU B 200 -18.37 -18.79 23.80
N TRP B 201 -18.62 -18.01 24.85
CA TRP B 201 -19.07 -18.51 26.14
C TRP B 201 -20.46 -17.90 26.38
N GLU B 202 -21.49 -18.47 25.76
CA GLU B 202 -22.82 -17.90 25.90
C GLU B 202 -23.42 -18.26 27.25
N LYS B 203 -24.21 -17.33 27.78
CA LYS B 203 -24.88 -17.50 29.09
C LYS B 203 -23.88 -17.74 30.21
N THR B 204 -22.69 -17.15 30.12
CA THR B 204 -21.65 -17.30 31.11
C THR B 204 -21.47 -15.98 31.83
N ARG B 205 -21.22 -16.02 33.14
CA ARG B 205 -20.98 -14.81 33.92
C ARG B 205 -19.52 -14.73 34.35
N LEU B 206 -18.95 -13.54 34.23
CA LEU B 206 -17.58 -13.30 34.70
C LEU B 206 -17.63 -13.01 36.20
N ILE B 207 -17.09 -13.94 37.00
CA ILE B 207 -17.16 -13.90 38.46
C ILE B 207 -16.05 -13.04 39.06
N ARG B 208 -14.83 -13.13 38.53
CA ARG B 208 -13.69 -12.51 39.19
C ARG B 208 -12.53 -12.43 38.21
N ILE B 209 -11.70 -11.41 38.39
CA ILE B 209 -10.49 -11.21 37.60
C ILE B 209 -9.31 -11.35 38.56
N LYS B 210 -8.34 -12.19 38.21
CA LYS B 210 -7.25 -12.45 39.13
C LYS B 210 -5.91 -12.45 38.39
N GLY B 211 -4.85 -12.36 39.17
CA GLY B 211 -3.52 -12.32 38.61
C GLY B 211 -2.47 -12.46 39.68
N GLU B 212 -1.21 -12.28 39.27
CA GLU B 212 -0.11 -12.07 40.19
C GLU B 212 0.15 -10.57 40.27
N GLU B 213 1.30 -10.19 40.82
CA GLU B 213 1.62 -8.76 40.91
C GLU B 213 1.78 -8.14 39.51
N ALA B 214 2.25 -8.92 38.55
CA ALA B 214 2.57 -8.36 37.25
C ALA B 214 1.34 -8.05 36.41
N GLY B 215 0.20 -8.63 36.72
CA GLY B 215 -1.01 -8.33 35.96
C GLY B 215 -1.89 -9.56 35.85
N VAL B 216 -2.98 -9.39 35.09
CA VAL B 216 -4.00 -10.42 35.00
C VAL B 216 -3.40 -11.71 34.47
N THR B 217 -3.86 -12.84 35.02
CA THR B 217 -3.50 -14.15 34.53
C THR B 217 -4.71 -15.05 34.29
N ALA B 218 -5.87 -14.76 34.88
CA ALA B 218 -7.04 -15.61 34.72
C ALA B 218 -8.32 -14.86 35.06
N VAL B 219 -9.44 -15.39 34.55
CA VAL B 219 -10.76 -15.02 35.03
C VAL B 219 -11.47 -16.23 35.61
N GLU B 220 -12.36 -15.99 36.56
CA GLU B 220 -13.24 -17.01 37.09
C GLU B 220 -14.61 -16.82 36.45
N VAL B 221 -15.18 -17.90 35.92
CA VAL B 221 -16.44 -17.84 35.20
C VAL B 221 -17.36 -18.96 35.69
N ARG B 222 -18.66 -18.75 35.52
CA ARG B 222 -19.67 -19.73 35.88
C ARG B 222 -20.69 -19.83 34.75
N HIS B 223 -20.64 -20.92 33.98
CA HIS B 223 -21.49 -21.10 32.81
C HIS B 223 -22.53 -22.18 33.07
N PRO B 224 -23.59 -22.25 32.23
CA PRO B 224 -24.73 -23.11 32.59
C PRO B 224 -24.48 -24.60 32.36
N GLU B 226 -22.69 -24.78 36.48
CA GLU B 226 -23.10 -26.03 37.11
C GLU B 226 -22.77 -26.03 38.60
N SER B 227 -23.05 -24.92 39.27
CA SER B 227 -22.80 -24.81 40.70
C SER B 227 -21.32 -24.51 40.98
N ASP B 228 -20.42 -24.98 40.12
CA ASP B 228 -18.99 -24.80 40.30
C ASP B 228 -18.43 -23.89 39.21
N SER B 229 -17.76 -22.83 39.63
CA SER B 229 -17.10 -21.93 38.70
C SER B 229 -15.81 -22.57 38.21
N GLN B 230 -15.28 -22.07 37.10
CA GLN B 230 -14.02 -22.55 36.56
C GLN B 230 -13.14 -21.35 36.28
N GLU B 231 -11.84 -21.60 36.17
CA GLU B 231 -10.88 -20.56 35.84
C GLU B 231 -10.41 -20.70 34.39
N LEU B 232 -10.34 -19.57 33.72
CA LEU B 232 -9.92 -19.47 32.34
C LEU B 232 -8.70 -18.56 32.29
N LEU B 233 -7.59 -19.07 31.76
CA LEU B 233 -6.38 -18.27 31.67
C LEU B 233 -6.57 -17.16 30.64
N ALA B 234 -6.18 -15.94 31.01
CA ALA B 234 -6.28 -14.79 30.10
C ALA B 234 -5.34 -13.72 30.62
N GLU B 235 -4.82 -12.90 29.71
CA GLU B 235 -3.96 -11.80 30.11
C GLU B 235 -4.59 -10.44 29.90
N GLY B 236 -5.64 -10.35 29.09
CA GLY B 236 -6.37 -9.11 28.87
C GLY B 236 -7.86 -9.36 29.01
N VAL B 237 -8.53 -8.48 29.73
CA VAL B 237 -9.97 -8.54 29.95
C VAL B 237 -10.56 -7.20 29.54
N PHE B 238 -11.44 -7.23 28.55
CA PHE B 238 -12.05 -6.02 27.98
C PHE B 238 -13.54 -6.10 28.28
N VAL B 239 -14.02 -5.19 29.12
CA VAL B 239 -15.38 -5.24 29.67
C VAL B 239 -16.21 -4.15 29.01
N TYR B 240 -17.29 -4.53 28.36
CA TYR B 240 -18.15 -3.55 27.67
C TYR B 240 -19.59 -3.73 28.12
N LEU B 241 -19.80 -3.68 29.42
CA LEU B 241 -21.13 -3.71 29.97
C LEU B 241 -21.61 -2.28 30.07
N GLN B 242 -22.88 -2.07 29.79
CA GLN B 242 -23.45 -0.74 29.78
C GLN B 242 -23.97 -0.40 31.17
N GLY B 243 -23.94 0.89 31.50
CA GLY B 243 -24.47 1.35 32.75
C GLY B 243 -25.11 2.72 32.62
N SER B 244 -25.18 3.43 33.74
CA SER B 244 -25.79 4.76 33.80
C SER B 244 -24.84 5.81 34.36
N LYS B 245 -23.53 5.52 34.40
CA LYS B 245 -22.59 6.44 35.03
C LYS B 245 -21.90 7.31 33.98
N PRO B 246 -21.61 8.56 34.32
CA PRO B 246 -20.86 9.42 33.40
C PRO B 246 -19.53 8.79 33.00
N ILE B 247 -19.19 8.94 31.72
CA ILE B 247 -17.98 8.36 31.18
C ILE B 247 -16.87 9.40 31.38
N THR B 248 -16.06 9.19 32.43
CA THR B 248 -15.05 10.15 32.84
C THR B 248 -13.67 9.53 33.07
N ASP B 249 -13.51 8.22 32.88
CA ASP B 249 -12.25 7.55 33.22
C ASP B 249 -11.07 8.19 32.52
N PHE B 250 -11.20 8.43 31.23
CA PHE B 250 -10.10 8.95 30.44
C PHE B 250 -9.64 10.33 30.89
N VAL B 251 -10.43 11.00 31.75
CA VAL B 251 -10.06 12.33 32.22
C VAL B 251 -9.07 12.26 33.37
N ALA B 252 -8.96 11.09 34.02
CA ALA B 252 -7.94 10.83 35.04
C ALA B 252 -8.04 11.82 36.20
N GLY B 253 -9.27 12.19 36.56
CA GLY B 253 -9.48 13.08 37.69
C GLY B 253 -8.99 14.51 37.50
N GLN B 254 -8.82 14.96 36.26
CA GLN B 254 -8.26 16.27 36.00
C GLN B 254 -9.29 17.41 36.02
N VAL B 255 -10.59 17.12 36.13
CA VAL B 255 -11.59 18.17 36.26
C VAL B 255 -12.44 17.88 37.49
N GLU B 256 -12.98 18.94 38.05
CA GLU B 256 -13.80 18.80 39.25
C GLU B 256 -15.08 18.03 38.93
N MET B 257 -15.47 17.18 39.88
CA MET B 257 -16.67 16.37 39.82
C MET B 257 -17.62 16.77 40.94
N LYS B 258 -18.91 16.69 40.64
CA LYS B 258 -19.92 16.87 41.66
C LYS B 258 -19.99 15.62 42.54
N PRO B 259 -20.59 15.73 43.72
CA PRO B 259 -20.73 14.54 44.57
C PRO B 259 -21.41 13.37 43.86
N ASP B 260 -22.27 13.64 42.87
CA ASP B 260 -22.92 12.56 42.14
C ASP B 260 -22.02 11.88 41.11
N GLY B 261 -20.81 12.39 40.89
CA GLY B 261 -19.89 11.83 39.92
C GLY B 261 -19.84 12.58 38.59
N GLY B 262 -20.79 13.44 38.33
CA GLY B 262 -20.75 14.15 37.06
C GLY B 262 -19.74 15.29 37.06
N VAL B 263 -19.32 15.66 35.85
CA VAL B 263 -18.43 16.79 35.66
C VAL B 263 -19.12 18.09 36.07
N TRP B 264 -18.48 18.84 36.95
CA TRP B 264 -18.96 20.15 37.37
C TRP B 264 -18.69 21.18 36.28
N VAL B 265 -19.68 22.05 36.01
CA VAL B 265 -19.49 23.15 35.07
C VAL B 265 -20.15 24.40 35.61
N ASP B 266 -19.73 25.55 35.10
CA ASP B 266 -20.36 26.82 35.44
C ASP B 266 -21.51 27.10 34.46
N GLU B 267 -22.04 28.34 34.50
CA GLU B 267 -23.22 28.70 33.72
C GLU B 267 -22.96 28.65 32.22
N MET B 268 -21.70 28.69 31.80
CA MET B 268 -21.36 28.61 30.39
C MET B 268 -20.81 27.24 30.01
N MET B 269 -21.06 26.24 30.84
CA MET B 269 -20.65 24.86 30.61
C MET B 269 -19.13 24.66 30.72
N GLN B 270 -18.41 25.62 31.27
CA GLN B 270 -16.97 25.46 31.41
C GLN B 270 -16.64 24.68 32.69
N THR B 271 -15.74 23.71 32.58
CA THR B 271 -15.30 22.91 33.72
C THR B 271 -14.42 23.75 34.63
N SER B 272 -13.86 23.12 35.67
CA SER B 272 -12.91 23.78 36.56
C SER B 272 -11.59 24.13 35.87
N VAL B 273 -11.33 23.62 34.68
CA VAL B 273 -10.08 23.85 33.97
C VAL B 273 -10.33 24.85 32.85
N PRO B 274 -9.60 25.96 32.78
CA PRO B 274 -9.84 26.91 31.67
C PRO B 274 -9.59 26.26 30.30
N GLY B 275 -10.45 26.60 29.37
CA GLY B 275 -10.39 26.04 28.04
C GLY B 275 -11.01 24.68 27.87
N VAL B 276 -11.64 24.13 28.90
CA VAL B 276 -12.29 22.81 28.83
C VAL B 276 -13.74 22.96 29.25
N TRP B 277 -14.64 22.49 28.38
CA TRP B 277 -16.08 22.51 28.61
C TRP B 277 -16.60 21.09 28.79
N GLY B 278 -17.74 20.99 29.46
CA GLY B 278 -18.44 19.71 29.69
C GLY B 278 -19.91 19.87 29.39
N ILE B 279 -20.48 18.94 28.60
CA ILE B 279 -21.84 19.09 28.08
C ILE B 279 -22.52 17.73 28.04
N GLY B 280 -23.83 17.75 28.21
CA GLY B 280 -24.64 16.55 28.10
C GLY B 280 -24.55 15.71 29.36
N ASP B 281 -24.81 14.41 29.19
CA ASP B 281 -24.98 13.56 30.35
C ASP B 281 -23.68 13.20 31.06
N ILE B 282 -22.50 13.58 30.53
CA ILE B 282 -21.28 13.49 31.33
C ILE B 282 -21.39 14.34 32.59
N ARG B 283 -22.26 15.34 32.58
CA ARG B 283 -22.49 16.17 33.77
C ARG B 283 -23.36 15.47 34.80
N ASN B 284 -24.07 14.42 34.41
CA ASN B 284 -24.91 13.64 35.31
C ASN B 284 -25.92 14.52 36.04
N THR B 285 -26.52 15.48 35.34
CA THR B 285 -27.64 16.16 35.94
C THR B 285 -28.82 15.20 35.91
N PRO B 286 -29.88 15.51 36.65
CA PRO B 286 -31.08 14.67 36.58
C PRO B 286 -31.84 14.81 35.27
N PHE B 287 -31.52 15.80 34.45
CA PHE B 287 -32.31 16.14 33.27
C PHE B 287 -31.70 15.50 32.01
N LYS B 288 -31.86 14.18 31.93
CA LYS B 288 -31.23 13.38 30.90
C LYS B 288 -32.20 13.22 29.72
N GLN B 289 -32.21 14.22 28.84
CA GLN B 289 -33.04 14.21 27.64
C GLN B 289 -32.19 14.73 26.50
N ALA B 290 -32.48 14.25 25.29
CA ALA B 290 -31.66 14.61 24.14
C ALA B 290 -31.66 16.12 23.89
N VAL B 291 -32.81 16.79 24.04
CA VAL B 291 -32.85 18.21 23.76
C VAL B 291 -32.09 19.01 24.81
N VAL B 292 -32.02 18.52 26.05
CA VAL B 292 -31.23 19.21 27.07
C VAL B 292 -29.75 19.06 26.75
N ALA B 293 -29.32 17.86 26.37
CA ALA B 293 -27.94 17.64 25.96
C ALA B 293 -27.56 18.54 24.78
N ALA B 294 -28.45 18.65 23.78
CA ALA B 294 -28.21 19.54 22.65
C ALA B 294 -28.09 21.00 23.08
N GLY B 295 -28.96 21.43 23.99
CA GLY B 295 -28.87 22.79 24.51
C GLY B 295 -27.53 23.07 25.18
N ASP B 296 -27.04 22.12 25.98
CA ASP B 296 -25.71 22.25 26.57
C ASP B 296 -24.65 22.49 25.52
N GLY B 297 -24.65 21.68 24.46
CA GLY B 297 -23.64 21.80 23.42
C GLY B 297 -23.69 23.17 22.73
N CYS B 298 -24.89 23.69 22.54
CA CYS B 298 -25.04 25.02 21.96
C CYS B 298 -24.42 26.08 22.88
N ILE B 299 -24.76 26.04 24.17
CA ILE B 299 -24.19 27.02 25.10
C ILE B 299 -22.67 26.94 25.08
N ALA B 300 -22.12 25.73 25.18
CA ALA B 300 -20.67 25.58 25.16
C ALA B 300 -20.08 26.18 23.88
N ALA B 301 -20.69 25.89 22.72
CA ALA B 301 -20.15 26.41 21.46
C ALA B 301 -20.13 27.93 21.46
N MET B 302 -21.18 28.55 22.00
CA MET B 302 -21.25 30.01 22.02
C MET B 302 -20.22 30.61 22.98
N ALA B 303 -20.00 29.94 24.10
CA ALA B 303 -18.96 30.35 25.03
C ALA B 303 -17.56 30.16 24.43
N ILE B 304 -17.38 29.09 23.66
CA ILE B 304 -16.08 28.83 23.03
C ILE B 304 -15.77 29.90 21.98
N ASP B 305 -16.78 30.28 21.19
CA ASP B 305 -16.62 31.35 20.21
C ASP B 305 -16.22 32.67 20.88
N ARG B 306 -16.85 33.01 22.00
CA ARG B 306 -16.43 34.22 22.71
C ARG B 306 -14.98 34.11 23.19
N PHE B 307 -14.63 32.93 23.73
CA PHE B 307 -13.30 32.71 24.30
C PHE B 307 -12.23 32.74 23.22
N LEU B 308 -12.43 32.02 22.13
CA LEU B 308 -11.40 31.93 21.12
C LEU B 308 -11.25 33.21 20.31
N ASN B 309 -12.28 34.04 20.26
CA ASN B 309 -12.16 35.31 19.57
C ASN B 309 -12.02 36.49 20.53
N SER B 310 -11.87 36.23 21.82
CA SER B 310 -11.73 37.30 22.80
C SER B 310 -12.82 38.36 22.61
N ARG B 311 -14.06 37.91 22.38
CA ARG B 311 -15.15 38.86 22.17
C ARG B 311 -15.57 39.46 23.50
N LYS B 312 -16.15 40.67 23.43
CA LYS B 312 -16.67 41.31 24.64
C LYS B 312 -17.94 40.65 25.12
N ALA B 313 -18.73 40.08 24.20
CA ALA B 313 -20.02 39.52 24.52
C ALA B 313 -20.24 38.22 23.75
N ILE B 314 -21.11 37.37 24.28
CA ILE B 314 -21.58 36.21 23.53
C ILE B 314 -22.25 36.71 22.25
N LYS B 315 -21.96 36.04 21.13
CA LYS B 315 -22.54 36.43 19.85
C LYS B 315 -23.58 35.40 19.41
N PRO B 316 -24.86 35.70 19.39
CA PRO B 316 -25.83 34.69 18.93
C PRO B 316 -25.69 34.43 17.43
N ASP B 317 -26.09 33.25 17.04
CA ASP B 317 -26.07 32.77 15.68
C ASP B 317 -27.51 32.82 15.17
N TRP B 318 -27.89 33.95 14.58
CA TRP B 318 -29.26 34.21 14.18
C TRP B 318 -29.33 34.38 12.66
N ALA B 319 -30.37 33.80 12.08
CA ALA B 319 -30.64 34.00 10.67
C ALA B 319 -31.38 35.32 10.49
N HIS B 320 -31.06 36.04 9.41
CA HIS B 320 -31.71 37.33 9.12
C HIS B 320 -32.18 37.44 7.66
N GLU C 5 10.73 11.67 -1.68
CA GLU C 5 11.99 12.40 -1.69
C GLU C 5 12.68 12.31 -0.34
N GLN C 6 13.51 11.29 -0.17
CA GLN C 6 14.23 11.09 1.08
C GLN C 6 15.32 12.14 1.28
N PHE C 7 15.51 12.52 2.53
CA PHE C 7 16.51 13.53 2.88
C PHE C 7 17.45 13.01 3.97
N ASP C 8 17.17 11.82 4.48
CA ASP C 8 18.01 11.24 5.54
C ASP C 8 18.92 10.17 4.96
N PHE C 9 20.22 10.36 5.15
CA PHE C 9 21.21 9.45 4.62
C PHE C 9 22.33 9.18 5.59
N ASP C 10 22.96 8.03 5.45
CA ASP C 10 24.10 7.67 6.28
C ASP C 10 25.27 8.61 5.99
N VAL C 11 25.49 8.90 4.72
CA VAL C 11 26.60 9.74 4.28
C VAL C 11 26.05 10.79 3.34
N VAL C 12 26.35 12.05 3.62
CA VAL C 12 26.04 13.16 2.73
C VAL C 12 27.35 13.70 2.17
N ILE C 13 27.44 13.74 0.85
CA ILE C 13 28.65 14.23 0.17
C ILE C 13 28.29 15.52 -0.56
N VAL C 14 28.96 16.60 -0.19
CA VAL C 14 28.75 17.90 -0.81
C VAL C 14 29.79 18.06 -1.91
N GLY C 15 29.33 17.96 -3.17
CA GLY C 15 30.19 18.06 -4.33
C GLY C 15 30.34 16.75 -5.07
N GLY C 16 30.13 16.79 -6.39
CA GLY C 16 30.25 15.59 -7.22
C GLY C 16 31.38 15.60 -8.23
N GLY C 17 32.56 16.07 -7.83
CA GLY C 17 33.75 15.88 -8.63
C GLY C 17 34.33 14.49 -8.42
N PRO C 18 35.56 14.25 -8.88
CA PRO C 18 36.18 12.93 -8.69
C PRO C 18 36.35 12.55 -7.21
N ALA C 19 36.59 13.52 -6.33
CA ALA C 19 36.70 13.19 -4.91
C ALA C 19 35.38 12.69 -4.38
N GLY C 20 34.31 13.48 -4.56
CA GLY C 20 33.02 13.09 -4.05
C GLY C 20 32.51 11.83 -4.70
N CYS C 21 32.67 11.70 -6.03
CA CYS C 21 32.19 10.49 -6.70
C CYS C 21 32.94 9.24 -6.23
N THR C 22 34.25 9.33 -6.02
CA THR C 22 34.97 8.16 -5.55
C THR C 22 34.56 7.81 -4.13
N CYS C 23 34.39 8.82 -3.28
CA CYS C 23 33.92 8.57 -1.93
C CYS C 23 32.59 7.83 -1.96
N ALA C 24 31.66 8.31 -2.77
CA ALA C 24 30.35 7.69 -2.85
C ALA C 24 30.45 6.25 -3.36
N LEU C 25 31.29 6.03 -4.37
CA LEU C 25 31.47 4.70 -4.89
C LEU C 25 31.81 3.72 -3.78
N TYR C 26 32.74 4.12 -2.89
CA TYR C 26 33.16 3.23 -1.81
C TYR C 26 32.12 3.14 -0.68
N THR C 27 31.52 4.26 -0.25
CA THR C 27 30.55 4.14 0.84
C THR C 27 29.34 3.35 0.39
N ALA C 28 28.91 3.53 -0.86
CA ALA C 28 27.78 2.75 -1.37
C ALA C 28 28.12 1.27 -1.43
N ARG C 29 29.35 0.93 -1.84
CA ARG C 29 29.76 -0.46 -1.86
C ARG C 29 29.84 -1.03 -0.45
N SER C 30 30.06 -0.19 0.55
CA SER C 30 29.99 -0.57 1.95
C SER C 30 28.57 -0.68 2.47
N GLU C 31 27.57 -0.56 1.60
CA GLU C 31 26.17 -0.63 1.99
C GLU C 31 25.74 0.53 2.88
N LEU C 32 26.37 1.69 2.75
CA LEU C 32 25.95 2.90 3.45
C LEU C 32 25.06 3.72 2.52
N LYS C 33 23.90 4.15 3.03
CA LYS C 33 23.01 5.01 2.26
C LYS C 33 23.67 6.36 2.04
N THR C 34 23.94 6.67 0.77
CA THR C 34 24.81 7.78 0.40
C THR C 34 24.11 8.68 -0.60
N VAL C 35 24.26 9.98 -0.41
CA VAL C 35 23.76 10.98 -1.35
C VAL C 35 24.91 11.93 -1.70
N ILE C 36 25.00 12.27 -2.98
CA ILE C 36 25.86 13.34 -3.47
C ILE C 36 24.96 14.54 -3.75
N LEU C 37 25.30 15.69 -3.16
CA LEU C 37 24.64 16.97 -3.42
C LEU C 37 25.59 17.81 -4.26
N ASP C 38 25.25 17.98 -5.54
CA ASP C 38 26.13 18.58 -6.53
C ASP C 38 25.45 19.79 -7.15
N LYS C 39 26.09 20.96 -7.03
CA LYS C 39 25.40 22.17 -7.47
C LYS C 39 25.30 22.24 -8.99
N ASN C 40 26.29 21.72 -9.71
CA ASN C 40 26.30 21.78 -11.16
C ASN C 40 27.35 20.79 -11.66
N PRO C 41 26.94 19.72 -12.37
CA PRO C 41 27.92 18.70 -12.77
C PRO C 41 28.94 19.19 -13.78
N ALA C 42 28.69 20.32 -14.44
CA ALA C 42 29.62 20.87 -15.41
C ALA C 42 30.55 21.93 -14.81
N ALA C 43 30.44 22.22 -13.51
CA ALA C 43 31.16 23.35 -12.92
C ALA C 43 32.45 22.96 -12.21
N GLY C 44 32.73 21.67 -12.04
CA GLY C 44 33.94 21.29 -11.36
C GLY C 44 35.15 21.38 -12.25
N ALA C 45 36.32 21.37 -11.61
CA ALA C 45 37.58 21.49 -12.34
C ALA C 45 37.75 20.36 -13.35
N LEU C 46 37.48 19.14 -12.93
CA LEU C 46 37.61 18.03 -13.87
C LEU C 46 36.61 18.17 -15.02
N ALA C 47 35.38 18.57 -14.72
CA ALA C 47 34.35 18.68 -15.76
C ALA C 47 34.70 19.74 -16.82
N ILE C 48 35.47 20.78 -16.46
CA ILE C 48 35.81 21.79 -17.45
C ILE C 48 37.11 21.47 -18.19
N THR C 49 37.85 20.46 -17.76
CA THR C 49 39.05 20.06 -18.49
C THR C 49 38.70 19.40 -19.81
N HIS C 50 39.29 19.90 -20.90
CA HIS C 50 38.88 19.46 -22.23
C HIS C 50 39.42 18.09 -22.59
N LYS C 51 40.68 17.81 -22.27
CA LYS C 51 41.31 16.53 -22.59
C LYS C 51 42.27 16.17 -21.47
N ILE C 52 41.96 15.17 -20.68
CA ILE C 52 42.83 14.72 -19.60
C ILE C 52 43.60 13.50 -20.08
N ALA C 53 44.93 13.54 -19.96
CA ALA C 53 45.79 12.48 -20.46
C ALA C 53 46.67 11.85 -19.39
N ASN C 54 46.48 12.21 -18.12
CA ASN C 54 47.33 11.71 -17.05
C ASN C 54 46.51 11.10 -15.93
N TYR C 55 45.31 10.63 -16.24
CA TYR C 55 44.55 9.85 -15.26
C TYR C 55 44.95 8.38 -15.42
N PRO C 56 45.63 7.77 -14.45
CA PRO C 56 46.18 6.41 -14.67
C PRO C 56 45.06 5.40 -14.84
N GLY C 57 45.20 4.55 -15.87
CA GLY C 57 44.20 3.55 -16.18
C GLY C 57 43.20 3.96 -17.24
N VAL C 58 43.21 5.22 -17.65
CA VAL C 58 42.31 5.71 -18.68
C VAL C 58 43.19 6.26 -19.80
N PRO C 59 43.51 5.46 -20.80
CA PRO C 59 44.44 5.88 -21.84
C PRO C 59 43.76 6.70 -22.93
N GLY C 60 44.58 7.25 -23.81
CA GLY C 60 44.03 7.88 -25.01
C GLY C 60 43.41 9.25 -24.76
N GLU C 61 42.46 9.61 -25.61
CA GLU C 61 41.83 10.92 -25.51
C GLU C 61 40.57 10.79 -24.67
N MET C 62 40.46 11.60 -23.62
CA MET C 62 39.21 11.63 -22.89
C MET C 62 38.94 13.03 -22.39
N SER C 63 37.70 13.46 -22.54
CA SER C 63 37.32 14.74 -21.96
C SER C 63 37.14 14.57 -20.46
N GLY C 64 37.39 15.65 -19.73
CA GLY C 64 37.22 15.61 -18.30
C GLY C 64 35.80 15.29 -17.89
N ASP C 65 34.80 15.82 -18.61
CA ASP C 65 33.45 15.53 -18.17
C ASP C 65 33.03 14.11 -18.53
N HIS C 66 33.69 13.47 -19.49
CA HIS C 66 33.40 12.06 -19.75
C HIS C 66 34.00 11.18 -18.66
N LEU C 67 35.23 11.48 -18.24
CA LEU C 67 35.80 10.73 -17.11
C LEU C 67 34.92 10.88 -15.87
N LEU C 68 34.49 12.11 -15.58
CA LEU C 68 33.65 12.31 -14.41
C LEU C 68 32.33 11.55 -14.56
N GLU C 69 31.79 11.52 -15.77
CA GLU C 69 30.52 10.81 -15.99
C GLU C 69 30.64 9.34 -15.65
N VAL C 70 31.77 8.71 -16.02
CA VAL C 70 32.02 7.31 -15.67
C VAL C 70 32.05 7.13 -14.17
N MET C 71 32.76 8.01 -13.45
CA MET C 71 32.84 7.93 -12.00
C MET C 71 31.46 8.11 -11.37
N ARG C 72 30.72 9.11 -11.83
CA ARG C 72 29.38 9.33 -11.30
C ARG C 72 28.51 8.10 -11.55
N ASP C 73 28.60 7.54 -12.76
CA ASP C 73 27.82 6.35 -13.09
C ASP C 73 28.21 5.18 -12.20
N GLN C 74 29.50 5.02 -11.89
CA GLN C 74 29.92 3.94 -11.00
C GLN C 74 29.31 4.08 -9.62
N ALA C 75 29.38 5.28 -9.06
CA ALA C 75 28.82 5.51 -7.73
C ALA C 75 27.34 5.19 -7.68
N VAL C 76 26.59 5.62 -8.70
CA VAL C 76 25.14 5.38 -8.74
C VAL C 76 24.85 3.90 -8.96
N GLU C 77 25.64 3.25 -9.81
CA GLU C 77 25.43 1.82 -10.05
C GLU C 77 25.48 1.01 -8.76
N PHE C 78 26.29 1.40 -7.79
CA PHE C 78 26.38 0.65 -6.54
C PHE C 78 25.47 1.22 -5.46
N GLY C 79 24.61 2.18 -5.79
CA GLY C 79 23.52 2.55 -4.90
C GLY C 79 23.48 4.01 -4.47
N THR C 80 24.43 4.84 -4.88
CA THR C 80 24.43 6.25 -4.51
C THR C 80 23.24 6.97 -5.13
N VAL C 81 22.64 7.87 -4.35
CA VAL C 81 21.67 8.85 -4.86
C VAL C 81 22.42 10.10 -5.27
N TYR C 82 22.29 10.50 -6.55
CA TYR C 82 22.86 11.74 -7.05
C TYR C 82 21.76 12.80 -7.15
N ARG C 83 21.99 13.97 -6.55
CA ARG C 83 21.04 15.06 -6.59
C ARG C 83 21.72 16.34 -7.07
N ARG C 84 21.05 17.06 -7.95
CA ARG C 84 21.43 18.42 -8.30
C ARG C 84 20.91 19.34 -7.20
N ALA C 85 21.82 19.92 -6.40
CA ALA C 85 21.44 20.75 -5.28
C ALA C 85 22.65 21.53 -4.80
N GLN C 86 22.47 22.83 -4.58
CA GLN C 86 23.54 23.69 -4.09
C GLN C 86 23.42 23.86 -2.58
N VAL C 87 24.48 23.51 -1.85
CA VAL C 87 24.51 23.68 -0.40
C VAL C 87 24.90 25.12 -0.10
N TYR C 88 24.09 25.80 0.71
CA TYR C 88 24.39 27.16 1.12
C TYR C 88 24.66 27.30 2.61
N GLY C 89 24.50 26.23 3.38
CA GLY C 89 24.70 26.31 4.82
C GLY C 89 24.73 24.92 5.43
N LEU C 90 25.28 24.86 6.64
CA LEU C 90 25.46 23.63 7.42
C LEU C 90 25.16 23.88 8.89
N ASP C 91 24.65 22.86 9.58
CA ASP C 91 24.55 22.83 11.04
C ASP C 91 25.31 21.60 11.53
N LEU C 92 26.48 21.81 12.14
CA LEU C 92 27.34 20.71 12.59
C LEU C 92 27.31 20.51 14.08
N SER C 93 26.37 21.14 14.78
CA SER C 93 26.39 21.23 16.24
C SER C 93 25.88 19.97 16.93
N GLU C 94 25.37 19.02 16.18
CA GLU C 94 24.85 17.78 16.73
C GLU C 94 25.45 16.63 15.94
N PRO C 95 25.41 15.41 16.50
CA PRO C 95 26.01 14.27 15.80
C PRO C 95 25.44 14.05 14.41
N VAL C 96 24.14 14.26 14.22
CA VAL C 96 23.54 14.21 12.90
C VAL C 96 23.71 15.58 12.28
N LYS C 97 24.50 15.65 11.22
CA LYS C 97 24.79 16.90 10.56
C LYS C 97 23.67 17.28 9.59
N LYS C 98 23.36 18.56 9.54
CA LYS C 98 22.31 19.08 8.67
C LYS C 98 22.91 19.90 7.56
N VAL C 99 22.39 19.69 6.35
CA VAL C 99 22.92 20.27 5.11
C VAL C 99 21.78 20.97 4.41
N TYR C 100 21.88 22.28 4.26
CA TYR C 100 20.79 23.11 3.76
C TYR C 100 20.96 23.40 2.27
N THR C 101 19.95 23.06 1.49
CA THR C 101 19.85 23.37 0.07
C THR C 101 18.47 23.92 -0.21
N PRO C 102 18.27 24.56 -1.36
CA PRO C 102 16.90 24.95 -1.75
C PRO C 102 15.98 23.75 -1.95
N GLU C 103 16.54 22.57 -2.24
CA GLU C 103 15.76 21.35 -2.43
C GLU C 103 15.30 20.71 -1.12
N GLY C 104 15.74 21.21 0.03
CA GLY C 104 15.39 20.66 1.32
C GLY C 104 16.62 20.53 2.22
N ILE C 105 16.37 20.03 3.43
CA ILE C 105 17.43 19.82 4.41
C ILE C 105 17.82 18.35 4.39
N PHE C 106 19.07 18.06 3.99
CA PHE C 106 19.59 16.71 4.03
C PHE C 106 20.35 16.49 5.33
N THR C 107 20.28 15.27 5.86
CA THR C 107 20.96 14.95 7.09
C THR C 107 21.76 13.67 6.96
N GLY C 108 22.91 13.63 7.60
CA GLY C 108 23.73 12.44 7.55
C GLY C 108 24.55 12.20 8.79
N ARG C 109 24.82 10.94 9.06
CA ARG C 109 25.65 10.56 10.19
C ARG C 109 27.06 11.09 9.92
N ALA C 110 27.46 11.01 8.65
CA ALA C 110 28.76 11.46 8.19
C ALA C 110 28.59 12.50 7.08
N LEU C 111 29.42 13.53 7.10
CA LEU C 111 29.34 14.60 6.12
C LEU C 111 30.69 14.72 5.45
N VAL C 112 30.68 14.89 4.13
CA VAL C 112 31.90 14.98 3.35
C VAL C 112 31.88 16.29 2.58
N LEU C 113 32.93 17.07 2.74
CA LEU C 113 33.10 18.32 2.03
C LEU C 113 33.99 18.08 0.82
N ALA C 114 33.44 18.29 -0.38
CA ALA C 114 34.11 17.87 -1.60
C ALA C 114 33.82 18.86 -2.72
N THR C 115 33.86 20.15 -2.41
CA THR C 115 33.41 21.19 -3.33
C THR C 115 34.54 21.74 -4.21
N GLY C 116 35.76 21.22 -4.06
CA GLY C 116 36.82 21.66 -4.93
C GLY C 116 37.34 23.08 -4.68
N ALA C 117 37.99 23.61 -5.71
CA ALA C 117 38.70 24.88 -5.60
C ALA C 117 38.59 25.71 -6.88
N MET C 118 37.39 25.75 -7.45
CA MET C 118 37.07 26.66 -8.55
C MET C 118 36.53 28.00 -8.06
N GLY C 119 36.62 28.26 -6.76
CA GLY C 119 36.06 29.46 -6.17
C GLY C 119 36.97 30.66 -6.33
N ARG C 120 36.48 31.79 -5.83
CA ARG C 120 37.20 33.04 -5.95
C ARG C 120 36.86 33.91 -4.76
N ILE C 121 37.85 34.71 -4.35
CA ILE C 121 37.65 35.72 -3.32
C ILE C 121 36.88 36.88 -3.92
N ALA C 122 36.02 37.49 -3.12
CA ALA C 122 35.29 38.70 -3.50
C ALA C 122 36.23 39.90 -3.65
N PRO C 125 35.84 45.02 -5.15
CA PRO C 125 35.00 45.97 -5.88
C PRO C 125 33.72 46.28 -5.12
N GLY C 126 33.77 46.13 -3.80
CA GLY C 126 32.62 46.35 -2.95
C GLY C 126 31.73 45.12 -2.86
N GLU C 127 32.15 44.04 -3.51
CA GLU C 127 31.37 42.80 -3.53
C GLU C 127 31.25 42.19 -2.14
N ALA C 128 32.32 42.21 -1.39
CA ALA C 128 32.34 41.64 -0.05
C ALA C 128 31.48 42.44 0.91
N GLU C 129 31.54 43.77 0.81
CA GLU C 129 30.78 44.62 1.70
C GLU C 129 29.29 44.30 1.64
N TYR C 130 28.80 43.99 0.45
CA TYR C 130 27.36 43.74 0.29
C TYR C 130 26.88 42.29 0.23
N LEU C 131 27.74 41.37 0.64
CA LEU C 131 27.36 39.96 0.65
C LEU C 131 26.20 39.82 1.62
N GLY C 132 25.18 39.10 1.17
CA GLY C 132 23.99 38.81 1.94
C GLY C 132 22.90 39.86 1.84
N ARG C 133 23.22 41.01 1.25
CA ARG C 133 22.22 42.06 1.10
C ARG C 133 21.81 42.12 -0.37
N GLY C 134 22.81 42.32 -1.23
CA GLY C 134 22.58 42.40 -2.66
C GLY C 134 23.28 41.30 -3.44
N VAL C 135 24.57 41.13 -3.16
CA VAL C 135 25.38 40.12 -3.81
C VAL C 135 24.95 38.72 -3.37
N SER C 136 24.91 37.80 -4.33
CA SER C 136 24.53 36.42 -4.05
C SER C 136 25.26 35.47 -4.97
N TYR C 137 25.41 34.23 -4.53
CA TYR C 137 26.08 33.22 -5.33
C TYR C 137 25.22 31.97 -5.54
N CYS C 138 23.94 32.04 -5.20
CA CYS C 138 23.05 30.88 -5.26
C CYS C 138 21.71 31.40 -5.77
N ALA C 139 21.48 31.28 -7.08
CA ALA C 139 20.24 31.76 -7.67
C ALA C 139 19.07 30.85 -7.31
N THR C 140 19.33 29.56 -7.09
CA THR C 140 18.29 28.63 -6.68
C THR C 140 17.85 28.88 -5.25
N CYS C 141 18.64 29.60 -4.45
CA CYS C 141 18.24 29.96 -3.11
C CYS C 141 17.50 31.31 -3.08
N ASP C 142 18.03 32.30 -3.80
CA ASP C 142 17.57 33.68 -3.70
C ASP C 142 16.68 34.11 -4.86
N GLY C 143 16.45 33.25 -5.85
CA GLY C 143 15.77 33.69 -7.07
C GLY C 143 14.43 34.37 -6.82
N ALA C 144 13.61 33.78 -5.95
CA ALA C 144 12.26 34.32 -5.72
C ALA C 144 12.31 35.72 -5.13
N PHE C 145 13.37 36.07 -4.42
CA PHE C 145 13.45 37.38 -3.77
C PHE C 145 13.59 38.53 -4.76
N TYR C 146 13.92 38.26 -6.02
CA TYR C 146 14.13 39.33 -7.00
C TYR C 146 13.06 39.29 -8.09
N ARG C 147 11.80 39.09 -7.69
CA ARG C 147 10.72 39.20 -8.65
C ARG C 147 10.57 40.66 -9.09
N ASN C 148 10.54 40.88 -10.40
CA ASN C 148 10.31 42.21 -10.97
C ASN C 148 11.35 43.22 -10.49
N ARG C 149 12.59 42.77 -10.34
CA ARG C 149 13.70 43.63 -9.95
C ARG C 149 14.85 43.46 -10.93
N GLU C 150 15.70 44.47 -11.00
CA GLU C 150 16.85 44.43 -11.91
C GLU C 150 17.97 43.63 -11.25
N VAL C 151 18.56 42.70 -12.02
CA VAL C 151 19.64 41.88 -11.52
C VAL C 151 20.77 41.85 -12.54
N VAL C 152 21.97 41.56 -12.04
CA VAL C 152 23.18 41.48 -12.85
C VAL C 152 23.76 40.09 -12.66
N VAL C 153 24.16 39.46 -13.77
CA VAL C 153 24.89 38.18 -13.74
C VAL C 153 26.24 38.40 -14.41
N VAL C 154 27.30 37.95 -13.74
CA VAL C 154 28.67 38.14 -14.21
C VAL C 154 29.26 36.78 -14.52
N GLY C 155 29.73 36.60 -15.75
CA GLY C 155 30.51 35.43 -16.07
C GLY C 155 29.99 34.63 -17.23
N LEU C 156 30.89 33.94 -17.92
CA LEU C 156 30.53 33.05 -19.04
C LEU C 156 31.13 31.68 -18.73
N ASN C 157 30.31 30.78 -18.21
CA ASN C 157 30.73 29.45 -17.85
C ASN C 157 29.48 28.63 -17.55
N PRO C 158 29.58 27.32 -17.34
CA PRO C 158 28.34 26.53 -17.18
C PRO C 158 27.46 27.01 -16.04
N GLU C 159 28.04 27.41 -14.92
CA GLU C 159 27.24 27.83 -13.80
C GLU C 159 26.51 29.15 -14.11
N ALA C 160 27.20 30.09 -14.75
CA ALA C 160 26.61 31.41 -15.03
C ALA C 160 25.44 31.29 -16.01
N VAL C 161 25.56 30.49 -17.06
CA VAL C 161 24.47 30.36 -18.02
C VAL C 161 23.26 29.72 -17.36
N GLU C 162 23.48 28.65 -16.61
CA GLU C 162 22.39 27.98 -15.92
C GLU C 162 21.77 28.89 -14.86
N GLU C 163 22.60 29.61 -14.10
CA GLU C 163 22.09 30.49 -13.06
C GLU C 163 21.36 31.69 -13.65
N ALA C 164 21.88 32.24 -14.75
CA ALA C 164 21.18 33.33 -15.43
C ALA C 164 19.80 32.91 -15.88
N GLN C 165 19.67 31.68 -16.40
CA GLN C 165 18.36 31.21 -16.84
C GLN C 165 17.41 31.07 -15.66
N VAL C 166 17.91 30.64 -14.50
CA VAL C 166 17.08 30.59 -13.29
C VAL C 166 16.52 31.98 -12.96
N LEU C 167 17.37 33.00 -13.05
CA LEU C 167 16.97 34.36 -12.68
C LEU C 167 15.98 34.96 -13.68
N THR C 168 15.95 34.50 -14.92
CA THR C 168 14.96 35.00 -15.87
C THR C 168 13.54 34.70 -15.42
N LYS C 169 13.35 33.72 -14.53
CA LYS C 169 12.02 33.39 -14.02
C LYS C 169 11.46 34.45 -13.07
N PHE C 170 12.29 35.35 -12.56
CA PHE C 170 11.84 36.28 -11.55
C PHE C 170 12.16 37.74 -11.89
N ALA C 171 13.39 38.00 -12.33
CA ALA C 171 13.87 39.37 -12.43
C ALA C 171 13.13 40.12 -13.55
N SER C 172 13.00 41.43 -13.38
CA SER C 172 12.48 42.26 -14.47
C SER C 172 13.46 42.31 -15.64
N THR C 173 14.75 42.42 -15.35
CA THR C 173 15.79 42.45 -16.37
C THR C 173 16.99 41.68 -15.86
N VAL C 174 17.60 40.88 -16.72
CA VAL C 174 18.81 40.13 -16.38
C VAL C 174 19.95 40.74 -17.18
N HIS C 175 20.78 41.55 -16.53
CA HIS C 175 21.92 42.17 -17.19
C HIS C 175 23.12 41.23 -17.08
N TRP C 176 23.52 40.66 -18.21
CA TRP C 176 24.56 39.63 -18.26
C TRP C 176 25.87 40.24 -18.74
N ILE C 177 26.85 40.32 -17.85
CA ILE C 177 28.17 40.88 -18.14
C ILE C 177 29.09 39.72 -18.47
N THR C 178 29.55 39.66 -19.72
CA THR C 178 30.43 38.61 -20.20
C THR C 178 31.73 39.22 -20.72
N PRO C 179 32.87 38.53 -20.54
CA PRO C 179 34.12 39.07 -21.10
C PRO C 179 34.22 38.91 -22.61
N LYS C 180 33.52 37.95 -23.19
CA LYS C 180 33.60 37.68 -24.63
C LYS C 180 32.21 37.29 -25.13
N ASP C 181 32.14 37.04 -26.44
CA ASP C 181 30.89 36.65 -27.09
C ASP C 181 30.39 35.32 -26.54
N PRO C 182 29.16 35.26 -26.00
CA PRO C 182 28.65 33.95 -25.55
C PRO C 182 28.43 32.99 -26.69
N HIS C 183 28.28 33.49 -27.91
CA HIS C 183 28.12 32.66 -29.10
C HIS C 183 29.38 31.84 -29.38
N HIS C 188 24.52 26.58 -24.37
CA HIS C 188 23.19 26.85 -23.85
C HIS C 188 22.86 28.35 -23.87
N ALA C 189 23.80 29.15 -24.36
CA ALA C 189 23.61 30.61 -24.38
C ALA C 189 22.42 31.02 -25.24
N ASP C 190 22.16 30.29 -26.33
CA ASP C 190 21.07 30.68 -27.22
C ASP C 190 19.74 30.70 -26.49
N GLU C 191 19.48 29.69 -25.66
CA GLU C 191 18.23 29.66 -24.91
C GLU C 191 18.13 30.88 -23.99
N LEU C 192 19.22 31.19 -23.31
CA LEU C 192 19.24 32.32 -22.37
C LEU C 192 19.02 33.64 -23.10
N LEU C 193 19.80 33.88 -24.16
CA LEU C 193 19.71 35.16 -24.87
C LEU C 193 18.39 35.33 -25.61
N ALA C 194 17.64 34.25 -25.81
CA ALA C 194 16.34 34.37 -26.46
C ALA C 194 15.29 34.94 -25.50
N HIS C 195 15.55 34.90 -24.19
CA HIS C 195 14.59 35.42 -23.23
C HIS C 195 14.53 36.93 -23.32
N PRO C 196 13.33 37.53 -23.37
CA PRO C 196 13.24 39.00 -23.54
C PRO C 196 13.88 39.80 -22.41
N SER C 197 13.92 39.28 -21.19
CA SER C 197 14.44 40.05 -20.06
C SER C 197 15.97 40.06 -20.00
N VAL C 198 16.64 39.33 -20.89
CA VAL C 198 18.08 39.31 -20.86
C VAL C 198 18.71 40.44 -21.66
N LYS C 199 19.59 41.18 -21.00
CA LYS C 199 20.33 42.26 -21.61
C LYS C 199 21.77 41.81 -21.59
N LEU C 200 22.39 41.73 -22.76
CA LEU C 200 23.77 41.27 -22.83
C LEU C 200 24.73 42.43 -22.93
N TRP C 201 25.72 42.42 -22.07
CA TRP C 201 26.74 43.47 -22.05
C TRP C 201 28.06 42.80 -22.39
N GLU C 202 28.27 42.52 -23.68
CA GLU C 202 29.47 41.83 -24.11
C GLU C 202 30.66 42.78 -24.06
N LYS C 203 31.82 42.23 -23.76
CA LYS C 203 33.04 43.01 -23.69
C LYS C 203 32.88 44.09 -22.64
N THR C 204 32.17 43.77 -21.57
CA THR C 204 31.94 44.73 -20.49
C THR C 204 32.48 44.21 -19.17
N ARG C 205 33.22 45.07 -18.49
CA ARG C 205 33.82 44.71 -17.21
C ARG C 205 33.15 45.49 -16.10
N LEU C 206 32.81 44.81 -15.02
CA LEU C 206 32.17 45.47 -13.89
C LEU C 206 33.23 46.15 -13.04
N ILE C 207 33.18 47.48 -13.02
CA ILE C 207 34.15 48.28 -12.26
C ILE C 207 34.03 48.16 -10.75
N ARG C 208 32.81 48.24 -10.23
CA ARG C 208 32.61 48.15 -8.79
C ARG C 208 31.14 47.98 -8.41
N ILE C 209 30.91 47.66 -7.14
CA ILE C 209 29.56 47.49 -6.62
C ILE C 209 29.28 48.60 -5.60
N LYS C 210 28.15 49.28 -5.76
CA LYS C 210 27.78 50.38 -4.87
C LYS C 210 26.37 50.20 -4.33
N GLY C 211 26.11 50.66 -3.11
CA GLY C 211 24.79 50.49 -2.53
C GLY C 211 24.60 51.35 -1.31
N GLU C 212 23.44 51.21 -0.69
CA GLU C 212 23.06 51.93 0.51
C GLU C 212 23.11 51.00 1.71
N GLU C 213 22.73 51.54 2.88
CA GLU C 213 22.72 50.73 4.09
C GLU C 213 21.86 49.48 3.91
N ALA C 214 20.70 49.63 3.30
CA ALA C 214 19.81 48.51 3.03
C ALA C 214 20.57 47.40 2.29
N VAL C 216 22.65 46.60 -2.10
CA VAL C 216 23.15 47.06 -3.39
C VAL C 216 22.10 47.95 -4.06
N THR C 217 22.58 48.97 -4.79
CA THR C 217 21.71 49.84 -5.57
C THR C 217 22.17 50.03 -7.01
N ALA C 218 23.46 49.83 -7.30
CA ALA C 218 23.99 49.98 -8.65
C ALA C 218 25.31 49.24 -8.73
N VAL C 219 25.92 49.23 -9.91
CA VAL C 219 27.28 48.76 -10.09
C VAL C 219 27.97 49.53 -11.21
N LEU C 232 24.81 51.25 -14.18
CA LEU C 232 23.45 50.73 -14.31
C LEU C 232 22.89 50.36 -12.95
N LEU C 233 21.70 50.89 -12.63
CA LEU C 233 21.04 50.58 -11.38
C LEU C 233 20.63 49.11 -11.33
N ALA C 234 20.79 48.51 -10.16
CA ALA C 234 20.40 47.13 -9.95
C ALA C 234 20.11 46.93 -8.47
N GLU C 235 19.74 45.70 -8.11
CA GLU C 235 19.50 45.35 -6.71
C GLU C 235 20.07 44.00 -6.34
N GLY C 236 20.38 43.14 -7.30
CA GLY C 236 21.01 41.86 -7.08
C GLY C 236 22.15 41.68 -8.06
N VAL C 237 23.30 41.22 -7.57
CA VAL C 237 24.47 40.96 -8.40
C VAL C 237 24.92 39.53 -8.10
N PHE C 238 24.93 38.68 -9.12
CA PHE C 238 25.31 37.27 -8.99
C PHE C 238 26.60 37.06 -9.75
N VAL C 239 27.66 36.77 -9.01
CA VAL C 239 29.00 36.70 -9.57
C VAL C 239 29.36 35.24 -9.70
N TYR C 240 29.63 34.81 -10.93
CA TYR C 240 30.04 33.44 -11.22
C TYR C 240 31.31 33.48 -12.05
N LEU C 241 32.32 34.15 -11.50
CA LEU C 241 33.64 34.14 -12.11
C LEU C 241 34.39 32.96 -11.51
N GLN C 242 35.19 32.31 -12.34
CA GLN C 242 35.91 31.14 -11.90
C GLN C 242 37.25 31.56 -11.32
N GLY C 243 37.73 30.78 -10.37
CA GLY C 243 39.01 31.05 -9.75
C GLY C 243 39.74 29.80 -9.36
N SER C 244 40.64 29.92 -8.38
CA SER C 244 41.45 28.80 -7.91
C SER C 244 41.34 28.63 -6.40
N LYS C 245 40.30 29.21 -5.77
CA LYS C 245 40.23 29.16 -4.33
C LYS C 245 39.30 28.07 -3.83
N PRO C 246 39.65 27.40 -2.73
CA PRO C 246 38.75 26.39 -2.17
C PRO C 246 37.37 26.99 -1.90
N ILE C 247 36.34 26.24 -2.26
CA ILE C 247 34.96 26.70 -2.11
C ILE C 247 34.52 26.32 -0.71
N THR C 248 34.56 27.29 0.21
CA THR C 248 34.28 27.01 1.60
C THR C 248 33.30 28.00 2.22
N ASP C 249 32.79 28.97 1.46
CA ASP C 249 31.91 29.98 2.05
C ASP C 249 30.76 29.32 2.83
N PHE C 250 30.11 28.33 2.23
CA PHE C 250 28.96 27.68 2.85
C PHE C 250 29.31 26.99 4.17
N VAL C 251 30.59 26.76 4.46
CA VAL C 251 30.92 26.17 5.76
C VAL C 251 30.99 27.24 6.86
N ALA C 252 31.17 28.51 6.49
CA ALA C 252 31.04 29.62 7.45
C ALA C 252 31.97 29.47 8.65
N GLY C 253 33.18 28.95 8.40
CA GLY C 253 34.15 28.80 9.46
C GLY C 253 33.81 27.75 10.50
N GLN C 254 32.95 26.78 10.19
CA GLN C 254 32.59 25.78 11.20
C GLN C 254 33.58 24.62 11.29
N VAL C 255 34.56 24.53 10.40
CA VAL C 255 35.66 23.58 10.55
C VAL C 255 36.96 24.38 10.46
N GLU C 256 38.02 23.85 11.06
CA GLU C 256 39.30 24.57 11.04
C GLU C 256 39.81 24.65 9.60
N MET C 257 40.39 25.81 9.29
CA MET C 257 40.95 26.11 7.98
C MET C 257 42.44 26.40 8.09
N LYS C 258 43.22 25.90 7.14
CA LYS C 258 44.65 26.13 7.12
C LYS C 258 44.95 27.57 6.77
N PRO C 259 46.11 28.07 7.17
CA PRO C 259 46.45 29.47 6.83
C PRO C 259 46.28 29.78 5.35
N ASP C 260 46.46 28.79 4.48
CA ASP C 260 46.31 29.00 3.03
C ASP C 260 44.86 29.05 2.57
N GLY C 261 43.89 28.79 3.46
CA GLY C 261 42.48 28.81 3.10
C GLY C 261 41.84 27.44 2.90
N GLY C 262 42.63 26.38 2.80
CA GLY C 262 42.09 25.05 2.63
C GLY C 262 41.54 24.43 3.90
N VAL C 263 40.64 23.48 3.75
CA VAL C 263 40.07 22.79 4.91
C VAL C 263 41.16 21.91 5.51
N TRP C 264 41.29 21.94 6.82
CA TRP C 264 42.29 21.14 7.51
C TRP C 264 41.77 19.74 7.82
N VAL C 265 42.59 18.73 7.59
CA VAL C 265 42.20 17.36 7.89
C VAL C 265 43.36 16.59 8.52
N ASP C 266 43.01 15.50 9.21
CA ASP C 266 43.99 14.59 9.79
C ASP C 266 44.35 13.54 8.75
N GLU C 267 45.07 12.50 9.17
CA GLU C 267 45.55 11.46 8.26
C GLU C 267 44.45 10.70 7.55
N MET C 268 43.27 10.66 8.13
CA MET C 268 42.16 9.94 7.55
C MET C 268 41.16 10.88 6.86
N MET C 269 41.58 12.11 6.56
CA MET C 269 40.77 13.13 5.89
C MET C 269 39.67 13.69 6.79
N GLN C 270 39.75 13.47 8.09
CA GLN C 270 38.74 14.01 9.01
C GLN C 270 39.08 15.44 9.42
N THR C 271 38.07 16.30 9.37
CA THR C 271 38.23 17.69 9.78
C THR C 271 38.33 17.77 11.30
N SER C 272 38.41 19.01 11.82
CA SER C 272 38.40 19.25 13.26
C SER C 272 37.07 18.90 13.92
N VAL C 273 36.02 18.67 13.14
CA VAL C 273 34.73 18.29 13.68
C VAL C 273 34.59 16.79 13.43
N PRO C 274 34.48 15.96 14.47
CA PRO C 274 34.31 14.54 14.23
C PRO C 274 33.05 14.27 13.41
N GLY C 275 33.13 13.29 12.52
CA GLY C 275 32.04 12.99 11.62
C GLY C 275 31.98 13.85 10.38
N VAL C 276 32.94 14.75 10.17
CA VAL C 276 32.97 15.59 8.99
C VAL C 276 34.34 15.42 8.35
N TRP C 277 34.35 15.05 7.07
CA TRP C 277 35.58 14.82 6.33
C TRP C 277 35.75 15.88 5.25
N GLY C 278 37.01 16.08 4.85
CA GLY C 278 37.30 16.95 3.72
C GLY C 278 38.22 16.26 2.74
N ILE C 279 37.91 16.34 1.45
CA ILE C 279 38.61 15.59 0.42
C ILE C 279 38.74 16.42 -0.84
N GLY C 280 39.80 16.14 -1.61
CA GLY C 280 39.96 16.81 -2.89
C GLY C 280 40.47 18.23 -2.69
N ASP C 281 40.22 19.08 -3.70
CA ASP C 281 40.88 20.38 -3.74
C ASP C 281 40.30 21.42 -2.77
N ILE C 282 39.20 21.11 -2.09
CA ILE C 282 38.76 21.95 -0.98
C ILE C 282 39.83 22.04 0.10
N ARG C 283 40.71 21.02 0.19
CA ARG C 283 41.82 21.03 1.14
C ARG C 283 42.91 21.99 0.71
N ASN C 284 42.92 22.37 -0.55
CA ASN C 284 43.88 23.31 -1.11
C ASN C 284 45.33 22.86 -0.88
N THR C 285 45.61 21.57 -1.07
CA THR C 285 47.00 21.15 -1.09
C THR C 285 47.57 21.51 -2.45
N PRO C 286 48.89 21.49 -2.61
CA PRO C 286 49.47 21.75 -3.92
C PRO C 286 49.26 20.64 -4.92
N PHE C 287 48.79 19.48 -4.48
CA PHE C 287 48.73 18.29 -5.35
C PHE C 287 47.34 18.17 -5.96
N LYS C 288 47.09 19.07 -6.92
CA LYS C 288 45.77 19.24 -7.53
C LYS C 288 45.70 18.42 -8.81
N GLN C 289 45.38 17.14 -8.67
CA GLN C 289 45.22 16.23 -9.79
C GLN C 289 44.02 15.34 -9.50
N ALA C 290 43.36 14.88 -10.57
CA ALA C 290 42.13 14.09 -10.42
C ALA C 290 42.38 12.80 -9.64
N VAL C 291 43.50 12.11 -9.91
CA VAL C 291 43.70 10.84 -9.21
C VAL C 291 43.99 11.07 -7.72
N VAL C 292 44.60 12.20 -7.37
CA VAL C 292 44.85 12.51 -5.97
C VAL C 292 43.53 12.80 -5.25
N ALA C 293 42.67 13.60 -5.88
CA ALA C 293 41.34 13.86 -5.35
C ALA C 293 40.55 12.57 -5.18
N ALA C 294 40.59 11.69 -6.18
CA ALA C 294 39.92 10.39 -6.06
C ALA C 294 40.48 9.59 -4.89
N GLY C 295 41.81 9.59 -4.73
CA GLY C 295 42.40 8.88 -3.60
C GLY C 295 41.93 9.40 -2.25
N ASP C 296 41.86 10.74 -2.10
CA ASP C 296 41.28 11.35 -0.90
C ASP C 296 39.89 10.78 -0.62
N GLY C 297 39.06 10.75 -1.65
CA GLY C 297 37.68 10.27 -1.47
C GLY C 297 37.62 8.82 -1.03
N CYS C 298 38.52 7.99 -1.55
CA CYS C 298 38.59 6.61 -1.11
C CYS C 298 38.99 6.51 0.38
N ILE C 299 40.04 7.23 0.78
CA ILE C 299 40.47 7.20 2.18
C ILE C 299 39.30 7.60 3.09
N ALA C 300 38.66 8.73 2.78
CA ALA C 300 37.54 9.18 3.60
C ALA C 300 36.45 8.12 3.69
N ALA C 301 36.10 7.50 2.56
CA ALA C 301 35.04 6.49 2.58
C ALA C 301 35.40 5.32 3.48
N MET C 302 36.66 4.89 3.44
CA MET C 302 37.08 3.79 4.29
C MET C 302 37.05 4.20 5.76
N ALA C 303 37.46 5.43 6.05
CA ALA C 303 37.39 5.92 7.42
C ALA C 303 35.95 6.07 7.89
N ILE C 304 35.06 6.50 6.98
CA ILE C 304 33.66 6.66 7.32
C ILE C 304 33.03 5.31 7.64
N ASP C 305 33.40 4.29 6.86
CA ASP C 305 32.88 2.94 7.11
C ASP C 305 33.31 2.45 8.50
N ARG C 306 34.55 2.70 8.88
CA ARG C 306 34.99 2.32 10.20
C ARG C 306 34.24 3.09 11.30
N PHE C 307 34.01 4.39 11.09
CA PHE C 307 33.35 5.23 12.07
C PHE C 307 31.89 4.83 12.26
N LEU C 308 31.14 4.66 11.16
CA LEU C 308 29.71 4.41 11.28
C LEU C 308 29.40 3.00 11.75
N ASN C 309 30.32 2.06 11.59
CA ASN C 309 30.15 0.70 12.08
C ASN C 309 30.94 0.42 13.35
N SER C 310 31.54 1.46 13.96
CA SER C 310 32.29 1.31 15.21
C SER C 310 33.32 0.19 15.12
N ARG C 311 33.99 0.10 13.97
CA ARG C 311 35.00 -0.93 13.76
C ARG C 311 36.29 -0.55 14.47
N LYS C 312 37.07 -1.58 14.83
CA LYS C 312 38.40 -1.33 15.35
C LYS C 312 39.40 -0.98 14.25
N ALA C 313 39.24 -1.55 13.07
CA ALA C 313 40.22 -1.42 12.00
C ALA C 313 39.53 -1.08 10.70
N ILE C 314 40.28 -0.42 9.82
CA ILE C 314 39.81 -0.19 8.46
C ILE C 314 39.66 -1.51 7.73
N LYS C 315 38.57 -1.66 6.99
CA LYS C 315 38.30 -2.88 6.23
C LYS C 315 38.48 -2.58 4.74
N PRO C 316 39.51 -3.11 4.08
CA PRO C 316 39.67 -2.85 2.65
C PRO C 316 38.56 -3.52 1.85
N ASP C 317 38.30 -2.95 0.68
CA ASP C 317 37.29 -3.40 -0.27
C ASP C 317 38.01 -4.09 -1.43
N TRP C 318 38.20 -5.40 -1.30
CA TRP C 318 38.99 -6.19 -2.23
C TRP C 318 38.10 -7.24 -2.90
N ALA C 319 38.34 -7.47 -4.19
CA ALA C 319 37.60 -8.50 -4.92
C ALA C 319 38.18 -9.87 -4.62
N GLU D 5 -32.92 -8.09 10.04
CA GLU D 5 -32.84 -9.37 9.34
C GLU D 5 -33.17 -9.19 7.86
N GLN D 6 -32.21 -8.65 7.11
CA GLN D 6 -32.43 -8.39 5.69
C GLN D 6 -32.25 -9.68 4.90
N PHE D 7 -33.20 -9.93 3.98
CA PHE D 7 -33.14 -11.12 3.13
C PHE D 7 -33.06 -10.79 1.65
N ASP D 8 -33.32 -9.54 1.24
CA ASP D 8 -33.37 -9.15 -0.16
C ASP D 8 -32.10 -8.41 -0.53
N PHE D 9 -31.32 -8.99 -1.45
CA PHE D 9 -30.03 -8.46 -1.84
C PHE D 9 -29.91 -8.35 -3.36
N ASP D 10 -28.94 -7.55 -3.81
CA ASP D 10 -28.60 -7.52 -5.23
C ASP D 10 -27.92 -8.80 -5.65
N VAL D 11 -26.98 -9.27 -4.84
CA VAL D 11 -26.14 -10.43 -5.12
C VAL D 11 -26.20 -11.35 -3.91
N VAL D 12 -26.52 -12.61 -4.14
CA VAL D 12 -26.43 -13.65 -3.13
C VAL D 12 -25.29 -14.57 -3.54
N ILE D 13 -24.35 -14.79 -2.63
CA ILE D 13 -23.20 -15.66 -2.85
C ILE D 13 -23.35 -16.84 -1.91
N VAL D 14 -23.39 -18.05 -2.46
CA VAL D 14 -23.49 -19.27 -1.68
C VAL D 14 -22.08 -19.83 -1.49
N GLY D 15 -21.54 -19.70 -0.28
CA GLY D 15 -20.20 -20.17 0.01
C GLY D 15 -19.22 -19.04 0.26
N GLY D 16 -18.50 -19.10 1.38
CA GLY D 16 -17.56 -18.07 1.75
C GLY D 16 -16.11 -18.52 1.77
N GLY D 17 -15.70 -19.28 0.77
CA GLY D 17 -14.30 -19.57 0.58
C GLY D 17 -13.60 -18.41 -0.12
N PRO D 18 -12.38 -18.61 -0.62
CA PRO D 18 -11.71 -17.51 -1.33
C PRO D 18 -12.48 -17.05 -2.56
N ALA D 19 -13.19 -17.94 -3.25
CA ALA D 19 -13.96 -17.54 -4.43
C ALA D 19 -15.10 -16.61 -4.02
N GLY D 20 -15.92 -17.06 -3.07
CA GLY D 20 -17.06 -16.27 -2.65
C GLY D 20 -16.65 -14.96 -2.00
N CYS D 21 -15.63 -14.98 -1.16
CA CYS D 21 -15.20 -13.75 -0.49
C CYS D 21 -14.63 -12.77 -1.49
N THR D 22 -13.87 -13.23 -2.49
CA THR D 22 -13.37 -12.29 -3.48
C THR D 22 -14.51 -11.70 -4.30
N CYS D 23 -15.48 -12.52 -4.70
CA CYS D 23 -16.62 -12.01 -5.43
C CYS D 23 -17.32 -10.90 -4.63
N ALA D 24 -17.58 -11.16 -3.36
CA ALA D 24 -18.24 -10.18 -2.50
C ALA D 24 -17.43 -8.90 -2.37
N LEU D 25 -16.11 -9.02 -2.22
CA LEU D 25 -15.27 -7.84 -2.15
C LEU D 25 -15.50 -6.94 -3.35
N TYR D 26 -15.54 -7.53 -4.54
CA TYR D 26 -15.72 -6.72 -5.74
C TYR D 26 -17.16 -6.21 -5.88
N THR D 27 -18.16 -7.05 -5.64
CA THR D 27 -19.54 -6.56 -5.79
C THR D 27 -19.85 -5.50 -4.73
N ALA D 28 -19.33 -5.65 -3.51
CA ALA D 28 -19.56 -4.65 -2.48
C ALA D 28 -18.90 -3.30 -2.84
N ARG D 29 -17.70 -3.35 -3.41
CA ARG D 29 -17.03 -2.14 -3.86
C ARG D 29 -17.75 -1.49 -5.03
N SER D 30 -18.52 -2.27 -5.78
CA SER D 30 -19.39 -1.77 -6.84
C SER D 30 -20.69 -1.19 -6.30
N GLU D 31 -20.85 -1.13 -4.98
CA GLU D 31 -22.06 -0.62 -4.34
C GLU D 31 -23.27 -1.53 -4.60
N LEU D 32 -23.05 -2.82 -4.78
CA LEU D 32 -24.14 -3.78 -4.86
C LEU D 32 -24.38 -4.40 -3.49
N LYS D 33 -25.63 -4.40 -3.05
CA LYS D 33 -25.99 -5.01 -1.77
C LYS D 33 -25.75 -6.52 -1.86
N THR D 34 -24.80 -7.02 -1.05
CA THR D 34 -24.25 -8.37 -1.20
C THR D 34 -24.34 -9.13 0.11
N VAL D 35 -24.72 -10.40 0.02
CA VAL D 35 -24.71 -11.30 1.15
C VAL D 35 -23.94 -12.55 0.80
N ILE D 36 -23.11 -13.02 1.74
CA ILE D 36 -22.48 -14.33 1.70
C ILE D 36 -23.23 -15.25 2.64
N LEU D 37 -23.71 -16.37 2.11
CA LEU D 37 -24.35 -17.42 2.88
C LEU D 37 -23.36 -18.57 2.95
N ASP D 38 -22.77 -18.75 4.13
CA ASP D 38 -21.66 -19.67 4.35
C ASP D 38 -22.07 -20.67 5.43
N LYS D 39 -22.09 -21.97 5.10
CA LYS D 39 -22.60 -22.94 6.05
C LYS D 39 -21.65 -23.11 7.22
N ASN D 40 -20.36 -22.98 6.99
CA ASN D 40 -19.38 -23.15 8.06
C ASN D 40 -18.05 -22.59 7.58
N PRO D 41 -17.58 -21.50 8.19
CA PRO D 41 -16.35 -20.86 7.72
C PRO D 41 -15.09 -21.71 7.91
N ALA D 42 -15.16 -22.76 8.72
CA ALA D 42 -14.05 -23.68 8.96
C ALA D 42 -14.08 -24.92 8.08
N ALA D 43 -15.06 -25.06 7.20
CA ALA D 43 -15.26 -26.29 6.44
C ALA D 43 -14.71 -26.24 5.02
N GLY D 44 -14.29 -25.09 4.54
CA GLY D 44 -13.80 -25.00 3.19
C GLY D 44 -12.38 -25.52 3.05
N ALA D 45 -12.01 -25.76 1.81
CA ALA D 45 -10.69 -26.32 1.53
C ALA D 45 -9.58 -25.39 2.02
N LEU D 46 -9.70 -24.10 1.74
CA LEU D 46 -8.67 -23.17 2.21
C LEU D 46 -8.66 -23.12 3.72
N ALA D 47 -9.84 -23.07 4.34
CA ALA D 47 -9.92 -22.98 5.79
C ALA D 47 -9.28 -24.17 6.51
N ILE D 48 -9.25 -25.36 5.88
CA ILE D 48 -8.63 -26.52 6.53
C ILE D 48 -7.15 -26.68 6.18
N THR D 49 -6.62 -25.90 5.26
CA THR D 49 -5.21 -25.96 4.93
C THR D 49 -4.38 -25.36 6.05
N HIS D 50 -3.39 -26.12 6.52
CA HIS D 50 -2.64 -25.69 7.71
C HIS D 50 -1.59 -24.63 7.40
N LYS D 51 -0.88 -24.74 6.28
CA LYS D 51 0.17 -23.78 5.96
C LYS D 51 0.19 -23.56 4.44
N ILE D 52 -0.30 -22.43 3.98
CA ILE D 52 -0.31 -22.11 2.57
C ILE D 52 0.87 -21.20 2.27
N ALA D 53 1.70 -21.62 1.31
CA ALA D 53 2.92 -20.88 0.97
C ALA D 53 2.98 -20.45 -0.48
N ASN D 54 1.90 -20.62 -1.24
CA ASN D 54 1.92 -20.31 -2.66
C ASN D 54 0.79 -19.37 -3.02
N TYR D 55 0.31 -18.56 -2.07
CA TYR D 55 -0.65 -17.52 -2.42
C TYR D 55 0.13 -16.26 -2.76
N PRO D 56 0.10 -15.79 -4.02
CA PRO D 56 0.97 -14.68 -4.39
C PRO D 56 0.58 -13.41 -3.64
N GLY D 57 1.59 -12.74 -3.09
CA GLY D 57 1.36 -11.51 -2.36
C GLY D 57 1.25 -11.67 -0.87
N VAL D 58 1.20 -12.90 -0.38
CA VAL D 58 1.15 -13.20 1.04
C VAL D 58 2.37 -14.03 1.38
N PRO D 59 3.44 -13.40 1.86
CA PRO D 59 4.72 -14.11 2.00
C PRO D 59 4.74 -14.93 3.30
N GLY D 60 5.78 -15.74 3.39
CA GLY D 60 6.00 -16.53 4.56
C GLY D 60 4.96 -17.65 4.62
N GLU D 61 4.81 -18.21 5.80
CA GLU D 61 3.84 -19.26 6.05
C GLU D 61 2.64 -18.66 6.76
N MET D 62 1.46 -19.06 6.32
CA MET D 62 0.20 -18.60 6.87
C MET D 62 -0.77 -19.76 6.91
N SER D 63 -1.61 -19.81 7.94
CA SER D 63 -2.65 -20.83 7.92
C SER D 63 -3.71 -20.41 6.92
N GLY D 64 -4.34 -21.41 6.30
CA GLY D 64 -5.37 -21.12 5.34
C GLY D 64 -6.54 -20.37 5.96
N ASP D 65 -6.89 -20.71 7.21
CA ASP D 65 -8.05 -20.03 7.77
C ASP D 65 -7.73 -18.59 8.14
N HIS D 66 -6.45 -18.26 8.35
CA HIS D 66 -6.08 -16.86 8.55
C HIS D 66 -6.13 -16.09 7.24
N LEU D 67 -5.64 -16.67 6.15
CA LEU D 67 -5.79 -16.02 4.84
C LEU D 67 -7.26 -15.78 4.52
N LEU D 68 -8.10 -16.79 4.78
CA LEU D 68 -9.53 -16.65 4.51
C LEU D 68 -10.15 -15.58 5.38
N GLU D 69 -9.73 -15.49 6.63
CA GLU D 69 -10.20 -14.46 7.56
C GLU D 69 -9.92 -13.07 7.01
N VAL D 70 -8.73 -12.88 6.44
CA VAL D 70 -8.38 -11.60 5.85
C VAL D 70 -9.33 -11.27 4.69
N MET D 71 -9.58 -12.25 3.82
CA MET D 71 -10.48 -12.02 2.68
C MET D 71 -11.91 -11.72 3.15
N ARG D 72 -12.42 -12.50 4.09
CA ARG D 72 -13.76 -12.27 4.61
C ARG D 72 -13.87 -10.87 5.21
N ASP D 73 -12.85 -10.47 5.97
CA ASP D 73 -12.85 -9.14 6.58
C ASP D 73 -12.80 -8.04 5.51
N GLN D 74 -12.04 -8.23 4.43
CA GLN D 74 -12.05 -7.24 3.35
C GLN D 74 -13.44 -7.10 2.75
N ALA D 75 -14.11 -8.23 2.47
CA ALA D 75 -15.44 -8.15 1.90
C ALA D 75 -16.39 -7.40 2.83
N VAL D 76 -16.33 -7.71 4.13
CA VAL D 76 -17.24 -7.07 5.08
C VAL D 76 -16.89 -5.60 5.21
N GLU D 77 -15.61 -5.28 5.16
CA GLU D 77 -15.18 -3.88 5.29
C GLU D 77 -15.81 -3.00 4.22
N PHE D 78 -15.99 -3.52 3.01
CA PHE D 78 -16.56 -2.72 1.94
C PHE D 78 -18.06 -2.91 1.80
N GLY D 79 -18.70 -3.61 2.74
CA GLY D 79 -20.16 -3.61 2.83
C GLY D 79 -20.84 -4.97 2.74
N THR D 80 -20.13 -6.06 2.50
CA THR D 80 -20.76 -7.36 2.41
C THR D 80 -21.38 -7.74 3.74
N VAL D 81 -22.58 -8.32 3.68
CA VAL D 81 -23.20 -8.98 4.81
C VAL D 81 -22.76 -10.43 4.81
N TYR D 82 -22.12 -10.87 5.89
CA TYR D 82 -21.71 -12.25 6.07
C TYR D 82 -22.72 -12.95 6.98
N ARG D 83 -23.26 -14.07 6.50
CA ARG D 83 -24.23 -14.83 7.27
C ARG D 83 -23.80 -16.28 7.33
N ARG D 84 -23.92 -16.85 8.53
CA ARG D 84 -23.76 -18.28 8.73
C ARG D 84 -25.08 -18.96 8.39
N ALA D 85 -25.11 -19.70 7.28
CA ALA D 85 -26.35 -20.31 6.83
C ALA D 85 -26.07 -21.36 5.76
N GLN D 86 -26.69 -22.52 5.90
CA GLN D 86 -26.52 -23.61 4.94
C GLN D 86 -27.66 -23.59 3.94
N VAL D 87 -27.32 -23.48 2.66
CA VAL D 87 -28.31 -23.51 1.58
C VAL D 87 -28.62 -24.97 1.24
N TYR D 88 -29.90 -25.31 1.23
CA TYR D 88 -30.35 -26.65 0.88
C TYR D 88 -31.15 -26.72 -0.41
N GLY D 89 -31.48 -25.58 -1.01
CA GLY D 89 -32.28 -25.57 -2.22
C GLY D 89 -32.33 -24.20 -2.84
N LEU D 90 -32.72 -24.17 -4.13
CA LEU D 90 -32.78 -22.97 -4.94
C LEU D 90 -34.06 -22.96 -5.77
N ASP D 91 -34.64 -21.77 -5.96
CA ASP D 91 -35.74 -21.56 -6.90
C ASP D 91 -35.25 -20.56 -7.93
N LEU D 92 -34.95 -21.06 -9.13
CA LEU D 92 -34.37 -20.27 -10.20
C LEU D 92 -35.39 -19.93 -11.28
N SER D 93 -36.69 -20.17 -11.02
CA SER D 93 -37.68 -20.11 -12.07
C SER D 93 -38.09 -18.69 -12.43
N GLU D 94 -37.63 -17.69 -11.68
CA GLU D 94 -38.00 -16.31 -11.90
C GLU D 94 -36.75 -15.45 -11.94
N PRO D 95 -36.85 -14.23 -12.45
CA PRO D 95 -35.65 -13.37 -12.50
C PRO D 95 -35.03 -13.14 -11.14
N VAL D 96 -35.84 -12.98 -10.10
CA VAL D 96 -35.34 -12.87 -8.73
C VAL D 96 -35.20 -14.29 -8.21
N LYS D 97 -33.96 -14.69 -7.94
CA LYS D 97 -33.68 -16.04 -7.48
C LYS D 97 -33.90 -16.15 -5.97
N LYS D 98 -34.48 -17.27 -5.55
CA LYS D 98 -34.74 -17.52 -4.14
C LYS D 98 -33.80 -18.62 -3.64
N VAL D 99 -33.23 -18.39 -2.46
CA VAL D 99 -32.18 -19.23 -1.89
C VAL D 99 -32.64 -19.66 -0.52
N TYR D 100 -32.81 -20.98 -0.34
CA TYR D 100 -33.45 -21.54 0.86
C TYR D 100 -32.41 -21.96 1.90
N THR D 101 -32.56 -21.43 3.11
CA THR D 101 -31.73 -21.80 4.24
C THR D 101 -32.62 -22.01 5.45
N PRO D 102 -32.11 -22.67 6.50
CA PRO D 102 -32.85 -22.70 7.76
C PRO D 102 -33.01 -21.33 8.38
N GLU D 103 -32.14 -20.37 8.04
CA GLU D 103 -32.29 -19.02 8.55
C GLU D 103 -33.36 -18.21 7.81
N GLY D 104 -33.90 -18.72 6.69
CA GLY D 104 -34.87 -18.00 5.90
C GLY D 104 -34.53 -18.04 4.42
N ILE D 105 -35.39 -17.40 3.63
CA ILE D 105 -35.25 -17.34 2.17
C ILE D 105 -34.60 -16.03 1.80
N PHE D 106 -33.41 -16.10 1.22
CA PHE D 106 -32.75 -14.93 0.68
C PHE D 106 -33.06 -14.83 -0.80
N THR D 107 -33.16 -13.60 -1.28
CA THR D 107 -33.42 -13.35 -2.69
C THR D 107 -32.31 -12.47 -3.24
N GLY D 108 -32.00 -12.70 -4.50
CA GLY D 108 -30.96 -11.96 -5.17
C GLY D 108 -31.32 -11.76 -6.62
N ARG D 109 -30.92 -10.61 -7.15
CA ARG D 109 -30.98 -10.34 -8.59
C ARG D 109 -29.91 -11.12 -9.34
N ALA D 110 -28.79 -11.43 -8.69
CA ALA D 110 -27.74 -12.27 -9.23
C ALA D 110 -27.37 -13.28 -8.16
N LEU D 111 -27.07 -14.51 -8.59
CA LEU D 111 -26.78 -15.61 -7.69
C LEU D 111 -25.43 -16.22 -8.07
N VAL D 112 -24.61 -16.49 -7.06
CA VAL D 112 -23.28 -17.01 -7.26
C VAL D 112 -23.13 -18.30 -6.46
N LEU D 113 -22.73 -19.37 -7.14
CA LEU D 113 -22.51 -20.67 -6.51
C LEU D 113 -21.01 -20.83 -6.29
N ALA D 114 -20.62 -20.95 -5.02
CA ALA D 114 -19.21 -20.90 -4.63
C ALA D 114 -18.93 -21.85 -3.45
N THR D 115 -19.46 -23.08 -3.53
CA THR D 115 -19.46 -24.01 -2.42
C THR D 115 -18.27 -24.99 -2.40
N GLY D 116 -17.36 -24.88 -3.37
CA GLY D 116 -16.18 -25.70 -3.39
C GLY D 116 -16.40 -27.15 -3.75
N ALA D 117 -15.43 -27.97 -3.37
CA ALA D 117 -15.39 -29.36 -3.77
C ALA D 117 -14.88 -30.22 -2.61
N MET D 118 -15.39 -29.97 -1.41
CA MET D 118 -15.15 -30.84 -0.25
C MET D 118 -16.22 -31.91 -0.07
N GLY D 119 -17.10 -32.12 -1.05
CA GLY D 119 -18.19 -33.07 -0.89
C GLY D 119 -17.80 -34.52 -1.17
N ARG D 120 -18.77 -35.40 -0.97
CA ARG D 120 -18.51 -36.82 -1.16
C ARG D 120 -19.80 -37.51 -1.57
N ILE D 121 -19.65 -38.59 -2.32
CA ILE D 121 -20.76 -39.50 -2.61
C ILE D 121 -21.03 -40.34 -1.36
N ALA D 122 -22.30 -40.60 -1.10
CA ALA D 122 -22.69 -41.50 -0.02
C ALA D 122 -22.20 -42.89 -0.36
N SER D 123 -21.21 -43.39 0.40
CA SER D 123 -20.58 -44.67 0.10
C SER D 123 -20.86 -45.77 1.13
N ILE D 124 -21.27 -45.42 2.34
CA ILE D 124 -21.50 -46.43 3.39
C ILE D 124 -22.70 -47.28 3.01
N PRO D 125 -22.60 -48.61 3.03
CA PRO D 125 -23.76 -49.43 2.67
C PRO D 125 -24.97 -49.03 3.51
N GLY D 126 -26.07 -48.77 2.82
CA GLY D 126 -27.28 -48.29 3.43
C GLY D 126 -27.40 -46.77 3.49
N GLU D 127 -26.28 -46.05 3.28
CA GLU D 127 -26.32 -44.60 3.42
C GLU D 127 -27.24 -43.97 2.38
N ALA D 128 -27.03 -44.31 1.10
CA ALA D 128 -27.91 -43.81 0.06
C ALA D 128 -29.32 -44.42 0.18
N GLU D 129 -29.39 -45.71 0.52
CA GLU D 129 -30.69 -46.37 0.58
C GLU D 129 -31.61 -45.64 1.56
N TYR D 130 -31.04 -45.12 2.67
CA TYR D 130 -31.82 -44.50 3.72
C TYR D 130 -31.72 -42.98 3.71
N LEU D 131 -31.27 -42.41 2.59
CA LEU D 131 -31.30 -40.96 2.40
C LEU D 131 -32.70 -40.43 2.64
N GLY D 132 -32.78 -39.24 3.23
CA GLY D 132 -34.07 -38.67 3.61
C GLY D 132 -34.74 -39.51 4.70
N VAL D 135 -28.83 -40.65 6.51
CA VAL D 135 -30.14 -40.04 6.63
C VAL D 135 -30.10 -38.56 6.26
N SER D 136 -29.20 -37.78 6.87
CA SER D 136 -29.22 -36.33 6.68
C SER D 136 -27.81 -35.74 6.71
N TYR D 137 -27.69 -34.57 6.07
CA TYR D 137 -26.43 -33.83 5.98
C TYR D 137 -26.58 -32.38 6.45
N CYS D 138 -27.67 -32.04 7.14
CA CYS D 138 -27.91 -30.67 7.58
C CYS D 138 -28.59 -30.70 8.95
N ALA D 139 -27.79 -30.54 10.00
CA ALA D 139 -28.35 -30.56 11.35
C ALA D 139 -29.15 -29.31 11.66
N THR D 140 -28.82 -28.18 11.03
CA THR D 140 -29.57 -26.98 11.31
C THR D 140 -31.01 -27.21 10.83
N CYS D 141 -31.15 -27.81 9.66
CA CYS D 141 -32.46 -28.13 9.09
C CYS D 141 -33.28 -29.23 9.78
N ASP D 142 -32.62 -30.33 10.14
CA ASP D 142 -33.28 -31.49 10.74
C ASP D 142 -33.11 -31.72 12.26
N GLY D 143 -32.56 -30.75 12.97
CA GLY D 143 -32.33 -30.90 14.39
C GLY D 143 -33.58 -31.09 15.24
N ALA D 144 -34.65 -30.37 14.91
CA ALA D 144 -35.90 -30.46 15.67
C ALA D 144 -36.53 -31.85 15.65
N PHE D 145 -36.42 -32.53 14.52
CA PHE D 145 -37.02 -33.85 14.36
C PHE D 145 -36.49 -34.86 15.36
N TYR D 146 -35.21 -34.79 15.67
CA TYR D 146 -34.59 -35.77 16.54
C TYR D 146 -34.59 -35.42 18.03
N ARG D 147 -35.36 -34.40 18.38
CA ARG D 147 -35.44 -33.99 19.77
C ARG D 147 -35.90 -35.19 20.59
N ASN D 148 -35.25 -35.42 21.71
CA ASN D 148 -35.57 -36.53 22.58
C ASN D 148 -35.44 -37.86 21.85
N ARG D 149 -34.48 -37.95 20.94
CA ARG D 149 -34.26 -39.19 20.20
C ARG D 149 -32.76 -39.40 19.95
N GLU D 150 -32.37 -40.65 19.71
CA GLU D 150 -30.96 -40.96 19.47
C GLU D 150 -30.53 -40.66 18.03
N VAL D 151 -29.42 -39.95 17.89
CA VAL D 151 -28.87 -39.60 16.59
C VAL D 151 -27.40 -39.98 16.58
N VAL D 152 -26.89 -40.18 15.37
CA VAL D 152 -25.51 -40.59 15.16
C VAL D 152 -24.85 -39.52 14.32
N VAL D 153 -23.64 -39.13 14.71
CA VAL D 153 -22.81 -38.22 13.93
C VAL D 153 -21.56 -38.97 13.51
N VAL D 154 -21.22 -38.90 12.23
CA VAL D 154 -20.07 -39.59 11.68
C VAL D 154 -19.07 -38.56 11.18
N GLY D 155 -17.83 -38.66 11.65
CA GLY D 155 -16.77 -37.85 11.10
C GLY D 155 -16.05 -37.03 12.15
N LEU D 156 -14.78 -36.77 11.91
CA LEU D 156 -13.96 -35.93 12.79
C LEU D 156 -13.40 -34.80 11.91
N ASN D 157 -14.09 -33.67 11.95
CA ASN D 157 -13.71 -32.48 11.18
C ASN D 157 -14.55 -31.32 11.68
N PRO D 158 -14.25 -30.08 11.26
CA PRO D 158 -14.98 -28.93 11.82
C PRO D 158 -16.48 -28.99 11.61
N GLU D 159 -16.94 -29.51 10.48
CA GLU D 159 -18.37 -29.57 10.23
C GLU D 159 -19.05 -30.55 11.18
N ALA D 160 -18.45 -31.72 11.40
CA ALA D 160 -19.05 -32.73 12.26
C ALA D 160 -19.18 -32.23 13.69
N VAL D 161 -18.15 -31.53 14.18
CA VAL D 161 -18.17 -31.02 15.54
C VAL D 161 -19.26 -29.97 15.69
N GLU D 162 -19.34 -29.05 14.73
CA GLU D 162 -20.34 -28.00 14.79
C GLU D 162 -21.75 -28.57 14.69
N GLU D 163 -21.95 -29.52 13.77
CA GLU D 163 -23.28 -30.11 13.61
C GLU D 163 -23.66 -30.95 14.82
N ALA D 164 -22.70 -31.67 15.40
CA ALA D 164 -22.98 -32.42 16.62
C ALA D 164 -23.42 -31.51 17.74
N GLN D 165 -22.76 -30.35 17.89
CA GLN D 165 -23.15 -29.41 18.95
C GLN D 165 -24.56 -28.89 18.70
N VAL D 166 -24.92 -28.65 17.45
CA VAL D 166 -26.29 -28.25 17.13
C VAL D 166 -27.26 -29.31 17.61
N LEU D 167 -26.93 -30.59 17.38
CA LEU D 167 -27.86 -31.67 17.71
C LEU D 167 -28.00 -31.88 19.21
N THR D 168 -26.99 -31.51 20.02
CA THR D 168 -27.13 -31.64 21.48
C THR D 168 -28.23 -30.75 22.01
N LYS D 169 -28.62 -29.70 21.28
CA LYS D 169 -29.68 -28.81 21.72
C LYS D 169 -31.04 -29.48 21.73
N PHE D 170 -31.17 -30.62 21.04
CA PHE D 170 -32.47 -31.28 20.91
C PHE D 170 -32.36 -32.76 21.29
N ALA D 171 -31.36 -33.46 20.79
CA ALA D 171 -31.35 -34.92 20.85
C ALA D 171 -31.18 -35.43 22.28
N SER D 172 -31.78 -36.59 22.55
CA SER D 172 -31.54 -37.26 23.82
C SER D 172 -30.12 -37.79 23.90
N THR D 173 -29.62 -38.37 22.82
CA THR D 173 -28.25 -38.88 22.78
C THR D 173 -27.64 -38.59 21.43
N VAL D 174 -26.39 -38.13 21.43
CA VAL D 174 -25.63 -37.92 20.20
C VAL D 174 -24.48 -38.92 20.22
N HIS D 175 -24.60 -39.98 19.43
CA HIS D 175 -23.55 -40.98 19.32
C HIS D 175 -22.54 -40.48 18.29
N TRP D 176 -21.33 -40.16 18.73
CA TRP D 176 -20.34 -39.55 17.86
C TRP D 176 -19.35 -40.62 17.41
N ILE D 177 -19.38 -40.95 16.12
CA ILE D 177 -18.50 -41.96 15.55
C ILE D 177 -17.32 -41.24 14.91
N THR D 178 -16.12 -41.47 15.44
CA THR D 178 -14.90 -40.85 14.95
C THR D 178 -13.88 -41.92 14.56
N PRO D 179 -13.05 -41.66 13.55
CA PRO D 179 -12.00 -42.63 13.20
C PRO D 179 -10.85 -42.66 14.17
N LYS D 180 -10.61 -41.57 14.92
CA LYS D 180 -9.50 -41.46 15.85
C LYS D 180 -9.93 -40.66 17.07
N ASP D 181 -9.00 -40.49 18.02
CA ASP D 181 -9.26 -39.70 19.21
C ASP D 181 -9.56 -38.26 18.83
N PRO D 182 -10.74 -37.71 19.19
CA PRO D 182 -11.04 -36.32 18.82
C PRO D 182 -10.18 -35.27 19.52
N HIS D 183 -9.58 -35.58 20.66
CA HIS D 183 -8.76 -34.59 21.36
C HIS D 183 -7.56 -34.18 20.52
N HIS D 188 -11.94 -27.85 19.14
CA HIS D 188 -13.32 -27.48 19.45
C HIS D 188 -14.12 -28.74 19.86
N ALA D 189 -13.45 -29.89 19.80
CA ALA D 189 -14.06 -31.16 20.19
C ALA D 189 -14.35 -31.21 21.68
N ASP D 190 -13.51 -30.57 22.49
CA ASP D 190 -13.69 -30.59 23.93
C ASP D 190 -15.04 -30.00 24.33
N GLU D 191 -15.44 -28.90 23.68
CA GLU D 191 -16.73 -28.31 23.97
C GLU D 191 -17.85 -29.31 23.67
N LEU D 192 -17.74 -30.02 22.54
CA LEU D 192 -18.75 -31.02 22.21
C LEU D 192 -18.76 -32.14 23.25
N LEU D 193 -17.59 -32.71 23.54
CA LEU D 193 -17.51 -33.84 24.45
C LEU D 193 -17.94 -33.48 25.87
N ALA D 194 -18.02 -32.19 26.19
CA ALA D 194 -18.46 -31.79 27.53
C ALA D 194 -19.96 -31.94 27.70
N HIS D 195 -20.71 -32.06 26.61
CA HIS D 195 -22.16 -32.24 26.72
C HIS D 195 -22.45 -33.63 27.25
N PRO D 196 -23.29 -33.77 28.28
CA PRO D 196 -23.54 -35.10 28.84
C PRO D 196 -24.22 -36.05 27.87
N SER D 197 -24.98 -35.53 26.90
CA SER D 197 -25.74 -36.37 25.99
C SER D 197 -24.88 -36.97 24.89
N VAL D 198 -23.61 -36.58 24.78
CA VAL D 198 -22.73 -37.08 23.73
C VAL D 198 -22.08 -38.37 24.20
N LYS D 199 -22.13 -39.39 23.36
CA LYS D 199 -21.46 -40.66 23.61
C LYS D 199 -20.44 -40.87 22.51
N LEU D 200 -19.16 -40.89 22.88
CA LEU D 200 -18.08 -40.99 21.92
C LEU D 200 -17.81 -42.46 21.59
N TRP D 201 -17.70 -42.74 20.30
CA TRP D 201 -17.31 -44.06 19.78
C TRP D 201 -16.02 -43.86 18.99
N GLU D 202 -14.90 -43.76 19.72
CA GLU D 202 -13.60 -43.48 19.10
C GLU D 202 -13.04 -44.71 18.38
N LYS D 203 -12.29 -44.42 17.31
CA LYS D 203 -11.60 -45.46 16.55
C LYS D 203 -12.57 -46.52 16.04
N THR D 204 -13.81 -46.15 15.81
CA THR D 204 -14.82 -47.07 15.29
C THR D 204 -15.21 -46.62 13.89
N ARG D 205 -15.35 -47.58 12.98
CA ARG D 205 -15.77 -47.29 11.62
C ARG D 205 -17.18 -47.83 11.46
N LEU D 206 -18.04 -47.04 10.83
CA LEU D 206 -19.42 -47.43 10.61
C LEU D 206 -19.50 -48.35 9.40
N ILE D 207 -19.83 -49.62 9.66
CA ILE D 207 -19.83 -50.65 8.62
C ILE D 207 -21.10 -50.56 7.78
N ARG D 208 -22.24 -50.26 8.40
CA ARG D 208 -23.50 -50.33 7.68
C ARG D 208 -24.60 -49.60 8.45
N ILE D 209 -25.57 -49.10 7.69
CA ILE D 209 -26.80 -48.49 8.21
C ILE D 209 -27.94 -49.40 7.79
N LYS D 210 -28.84 -49.70 8.74
CA LYS D 210 -29.94 -50.65 8.48
C LYS D 210 -31.30 -50.13 8.97
N THR D 217 -33.12 -47.34 11.62
CA THR D 217 -32.90 -46.97 13.02
C THR D 217 -31.93 -47.93 13.69
N ALA D 218 -30.88 -48.30 12.96
CA ALA D 218 -29.86 -49.20 13.49
C ALA D 218 -28.51 -48.90 12.85
N VAL D 219 -27.43 -49.24 13.54
CA VAL D 219 -26.10 -49.01 13.02
C VAL D 219 -25.19 -50.17 13.38
N GLU D 220 -24.16 -50.38 12.57
CA GLU D 220 -23.23 -51.48 12.82
C GLU D 220 -21.80 -50.97 12.79
N VAL D 221 -21.20 -50.86 13.97
CA VAL D 221 -19.81 -50.39 14.07
C VAL D 221 -18.86 -51.56 14.21
N SER D 229 -17.99 -56.89 14.97
CA SER D 229 -19.18 -56.35 14.31
C SER D 229 -20.32 -56.26 15.32
N GLN D 230 -20.58 -55.05 15.82
CA GLN D 230 -21.64 -54.83 16.79
C GLN D 230 -22.67 -53.81 16.35
N GLU D 231 -23.93 -54.20 16.39
CA GLU D 231 -25.03 -53.33 16.00
C GLU D 231 -25.32 -52.27 17.06
N LEU D 232 -25.78 -51.11 16.62
CA LEU D 232 -26.14 -50.02 17.51
C LEU D 232 -27.44 -49.43 16.98
N LEU D 233 -28.29 -48.93 17.86
CA LEU D 233 -29.57 -48.38 17.45
C LEU D 233 -29.67 -46.88 17.55
N ALA D 234 -30.06 -46.25 16.45
CA ALA D 234 -30.21 -44.79 16.40
C ALA D 234 -31.30 -44.37 15.42
N GLU D 235 -32.01 -43.30 15.73
CA GLU D 235 -33.07 -42.77 14.86
C GLU D 235 -32.57 -42.19 13.54
N GLY D 236 -31.46 -41.44 13.59
CA GLY D 236 -30.90 -40.81 12.41
C GLY D 236 -29.39 -40.80 12.39
N VAL D 237 -28.81 -40.82 11.19
CA VAL D 237 -27.37 -40.82 11.05
C VAL D 237 -26.93 -39.61 10.22
N PHE D 238 -25.98 -38.84 10.75
CA PHE D 238 -25.47 -37.67 10.05
C PHE D 238 -24.06 -37.97 9.63
N VAL D 239 -23.81 -37.90 8.33
CA VAL D 239 -22.48 -38.18 7.83
C VAL D 239 -21.82 -36.90 7.38
N TYR D 240 -20.65 -36.65 7.94
CA TYR D 240 -19.86 -35.48 7.60
C TYR D 240 -18.43 -35.92 7.29
N LEU D 241 -18.30 -36.84 6.35
CA LEU D 241 -16.99 -37.25 5.90
C LEU D 241 -16.61 -36.34 4.74
N GLN D 242 -15.33 -36.01 4.67
CA GLN D 242 -14.83 -35.10 3.68
C GLN D 242 -14.47 -35.87 2.42
N GLY D 243 -14.56 -35.19 1.27
CA GLY D 243 -14.19 -35.79 0.02
C GLY D 243 -13.60 -34.78 -0.92
N SER D 244 -13.64 -35.07 -2.22
CA SER D 244 -13.07 -34.17 -3.22
C SER D 244 -14.09 -33.82 -4.29
N LYS D 245 -15.42 -34.01 -3.99
CA LYS D 245 -16.41 -33.82 -5.03
C LYS D 245 -17.01 -32.41 -4.95
N PRO D 246 -17.29 -31.79 -6.10
CA PRO D 246 -17.95 -30.47 -6.07
C PRO D 246 -19.27 -30.55 -5.34
N ILE D 247 -19.55 -29.53 -4.52
CA ILE D 247 -20.75 -29.50 -3.70
C ILE D 247 -21.87 -28.89 -4.54
N THR D 248 -22.72 -29.76 -5.11
CA THR D 248 -23.72 -29.33 -6.08
C THR D 248 -25.12 -29.89 -5.84
N ASP D 249 -25.29 -30.83 -4.92
CA ASP D 249 -26.58 -31.51 -4.81
C ASP D 249 -27.71 -30.53 -4.49
N PHE D 250 -27.44 -29.50 -3.68
CA PHE D 250 -28.48 -28.53 -3.36
C PHE D 250 -29.00 -27.79 -4.58
N VAL D 251 -28.30 -27.86 -5.72
CA VAL D 251 -28.77 -27.24 -6.95
C VAL D 251 -29.84 -28.09 -7.63
N ALA D 252 -29.96 -29.36 -7.25
CA ALA D 252 -31.04 -30.23 -7.74
C ALA D 252 -31.01 -30.37 -9.25
N GLY D 253 -29.80 -30.41 -9.82
CA GLY D 253 -29.62 -30.65 -11.25
C GLY D 253 -30.08 -29.55 -12.17
N GLN D 254 -30.22 -28.33 -11.69
CA GLN D 254 -30.77 -27.24 -12.48
C GLN D 254 -29.77 -26.52 -13.37
N VAL D 255 -28.47 -26.76 -13.24
CA VAL D 255 -27.49 -26.13 -14.13
C VAL D 255 -26.68 -27.22 -14.81
N GLU D 256 -26.18 -26.91 -16.01
CA GLU D 256 -25.39 -27.88 -16.77
C GLU D 256 -24.11 -28.23 -16.03
N MET D 257 -23.76 -29.50 -16.06
CA MET D 257 -22.56 -30.02 -15.43
C MET D 257 -21.61 -30.54 -16.49
N LYS D 258 -20.32 -30.41 -16.23
CA LYS D 258 -19.33 -30.98 -17.12
C LYS D 258 -19.26 -32.49 -16.95
N PRO D 259 -18.71 -33.22 -17.93
CA PRO D 259 -18.58 -34.68 -17.77
C PRO D 259 -17.79 -35.07 -16.53
N ASP D 260 -16.89 -34.22 -16.04
CA ASP D 260 -16.14 -34.51 -14.83
C ASP D 260 -16.94 -34.30 -13.55
N GLY D 261 -18.16 -33.75 -13.62
CA GLY D 261 -18.95 -33.49 -12.45
C GLY D 261 -19.02 -32.04 -11.99
N GLY D 262 -18.17 -31.16 -12.50
CA GLY D 262 -18.22 -29.75 -12.10
C GLY D 262 -19.31 -28.93 -12.82
N VAL D 263 -19.64 -27.78 -12.22
CA VAL D 263 -20.57 -26.83 -12.83
C VAL D 263 -19.97 -26.18 -14.08
N TRP D 264 -20.70 -26.26 -15.19
CA TRP D 264 -20.29 -25.61 -16.42
C TRP D 264 -20.50 -24.10 -16.36
N VAL D 265 -19.52 -23.34 -16.86
CA VAL D 265 -19.67 -21.90 -16.99
C VAL D 265 -19.10 -21.42 -18.31
N ASP D 266 -19.54 -20.24 -18.73
CA ASP D 266 -18.98 -19.59 -19.90
C ASP D 266 -17.77 -18.72 -19.49
N GLU D 267 -17.29 -17.88 -20.42
CA GLU D 267 -16.07 -17.13 -20.17
C GLU D 267 -16.20 -16.09 -19.05
N MET D 268 -17.41 -15.68 -18.73
CA MET D 268 -17.63 -14.75 -17.64
C MET D 268 -18.14 -15.42 -16.37
N MET D 269 -17.95 -16.73 -16.26
CA MET D 269 -18.32 -17.55 -15.11
C MET D 269 -19.82 -17.74 -14.94
N GLN D 270 -20.61 -17.45 -15.97
CA GLN D 270 -22.05 -17.64 -15.92
C GLN D 270 -22.41 -19.08 -16.28
N THR D 271 -23.27 -19.69 -15.47
CA THR D 271 -23.77 -21.04 -15.70
C THR D 271 -24.75 -21.05 -16.87
N SER D 272 -25.34 -22.22 -17.14
CA SER D 272 -26.38 -22.37 -18.18
C SER D 272 -27.68 -21.65 -17.83
N VAL D 273 -27.84 -21.17 -16.61
CA VAL D 273 -29.03 -20.43 -16.19
C VAL D 273 -28.68 -18.96 -16.14
N PRO D 274 -29.37 -18.10 -16.86
CA PRO D 274 -29.06 -16.67 -16.79
C PRO D 274 -29.24 -16.12 -15.38
N GLY D 275 -28.34 -15.23 -14.96
CA GLY D 275 -28.36 -14.68 -13.63
C GLY D 275 -27.72 -15.55 -12.55
N VAL D 276 -27.14 -16.68 -12.93
CA VAL D 276 -26.47 -17.56 -11.99
C VAL D 276 -25.04 -17.78 -12.46
N TRP D 277 -24.09 -17.51 -11.58
CA TRP D 277 -22.68 -17.67 -11.84
C TRP D 277 -22.13 -18.81 -11.00
N GLY D 278 -21.05 -19.40 -11.46
CA GLY D 278 -20.35 -20.43 -10.72
C GLY D 278 -18.87 -20.12 -10.70
N ILE D 279 -18.24 -20.21 -9.52
CA ILE D 279 -16.86 -19.79 -9.33
C ILE D 279 -16.15 -20.73 -8.37
N GLY D 280 -14.83 -20.88 -8.57
CA GLY D 280 -14.06 -21.72 -7.66
C GLY D 280 -14.23 -23.21 -7.92
N ASP D 281 -13.95 -24.01 -6.88
CA ASP D 281 -13.80 -25.44 -7.11
C ASP D 281 -15.12 -26.19 -7.29
N ILE D 282 -16.25 -25.50 -7.14
CA ILE D 282 -17.51 -26.08 -7.59
C ILE D 282 -17.48 -26.39 -9.09
N ARG D 283 -16.62 -25.70 -9.85
CA ARG D 283 -16.46 -25.94 -11.27
C ARG D 283 -15.65 -27.19 -11.57
N ASN D 284 -14.92 -27.70 -10.58
CA ASN D 284 -14.11 -28.90 -10.70
C ASN D 284 -13.13 -28.82 -11.88
N THR D 285 -12.51 -27.66 -12.07
CA THR D 285 -11.40 -27.62 -13.01
C THR D 285 -10.19 -28.30 -12.37
N PRO D 286 -9.18 -28.65 -13.16
CA PRO D 286 -7.95 -29.21 -12.58
C PRO D 286 -7.15 -28.20 -11.78
N PHE D 287 -7.46 -26.91 -11.89
CA PHE D 287 -6.64 -25.84 -11.33
C PHE D 287 -7.20 -25.41 -9.96
N LYS D 288 -6.99 -26.30 -8.97
CA LYS D 288 -7.57 -26.13 -7.65
C LYS D 288 -6.54 -25.42 -6.76
N GLN D 289 -6.52 -24.09 -6.87
CA GLN D 289 -5.63 -23.29 -6.06
C GLN D 289 -6.40 -22.06 -5.60
N ALA D 290 -6.02 -21.55 -4.41
CA ALA D 290 -6.78 -20.45 -3.82
C ALA D 290 -6.81 -19.22 -4.72
N VAL D 291 -5.67 -18.87 -5.35
CA VAL D 291 -5.64 -17.65 -6.17
C VAL D 291 -6.47 -17.83 -7.43
N VAL D 292 -6.60 -19.05 -7.96
CA VAL D 292 -7.45 -19.28 -9.11
C VAL D 292 -8.91 -19.10 -8.73
N ALA D 293 -9.31 -19.68 -7.61
CA ALA D 293 -10.67 -19.51 -7.12
C ALA D 293 -10.97 -18.03 -6.88
N ALA D 294 -10.03 -17.29 -6.30
CA ALA D 294 -10.22 -15.85 -6.11
C ALA D 294 -10.40 -15.13 -7.45
N GLY D 295 -9.58 -15.48 -8.44
CA GLY D 295 -9.72 -14.86 -9.75
C GLY D 295 -11.08 -15.12 -10.36
N ASP D 296 -11.60 -16.35 -10.22
CA ASP D 296 -12.95 -16.65 -10.67
C ASP D 296 -13.95 -15.67 -10.04
N GLY D 297 -13.84 -15.47 -8.73
CA GLY D 297 -14.79 -14.62 -8.02
C GLY D 297 -14.73 -13.19 -8.51
N CYS D 298 -13.54 -12.71 -8.81
CA CYS D 298 -13.39 -11.37 -9.35
C CYS D 298 -14.10 -11.24 -10.69
N ILE D 299 -13.84 -12.19 -11.61
CA ILE D 299 -14.48 -12.15 -12.92
C ILE D 299 -15.99 -12.16 -12.78
N ALA D 300 -16.52 -13.07 -11.97
CA ALA D 300 -17.97 -13.13 -11.79
C ALA D 300 -18.51 -11.80 -11.30
N ALA D 301 -17.82 -11.19 -10.33
CA ALA D 301 -18.30 -9.94 -9.76
C ALA D 301 -18.37 -8.83 -10.82
N MET D 302 -17.35 -8.75 -11.67
CA MET D 302 -17.33 -7.72 -12.70
C MET D 302 -18.42 -7.98 -13.73
N ALA D 303 -18.65 -9.25 -14.09
CA ALA D 303 -19.74 -9.58 -15.01
C ALA D 303 -21.09 -9.25 -14.37
N ILE D 304 -21.21 -9.47 -13.06
CA ILE D 304 -22.46 -9.18 -12.38
C ILE D 304 -22.73 -7.68 -12.34
N ASP D 305 -21.69 -6.88 -12.08
CA ASP D 305 -21.84 -5.44 -12.11
C ASP D 305 -22.28 -4.93 -13.49
N ARG D 306 -21.70 -5.47 -14.55
CA ARG D 306 -22.15 -5.10 -15.88
C ARG D 306 -23.60 -5.49 -16.08
N PHE D 307 -23.97 -6.69 -15.63
CA PHE D 307 -25.33 -7.19 -15.82
C PHE D 307 -26.34 -6.35 -15.05
N LEU D 308 -26.09 -6.11 -13.77
CA LEU D 308 -27.09 -5.45 -12.96
C LEU D 308 -27.22 -3.97 -13.27
N ASN D 309 -26.20 -3.35 -13.84
CA ASN D 309 -26.27 -1.95 -14.25
C ASN D 309 -26.47 -1.79 -15.75
N SER D 310 -26.68 -2.88 -16.46
CA SER D 310 -26.90 -2.84 -17.91
C SER D 310 -25.81 -2.04 -18.63
N ARG D 311 -24.57 -2.22 -18.19
CA ARG D 311 -23.48 -1.48 -18.82
C ARG D 311 -23.15 -2.08 -20.19
N LYS D 312 -22.67 -1.22 -21.09
CA LYS D 312 -22.18 -1.73 -22.37
C LYS D 312 -20.89 -2.52 -22.20
N ALA D 313 -20.05 -2.12 -21.24
CA ALA D 313 -18.73 -2.70 -21.10
C ALA D 313 -18.47 -3.02 -19.64
N ILE D 314 -17.58 -4.00 -19.42
CA ILE D 314 -17.07 -4.28 -18.09
C ILE D 314 -16.36 -3.04 -17.55
N LYS D 315 -16.63 -2.73 -16.29
CA LYS D 315 -16.06 -1.56 -15.64
C LYS D 315 -14.92 -2.00 -14.73
N PRO D 316 -13.68 -1.65 -15.01
CA PRO D 316 -12.59 -2.06 -14.13
C PRO D 316 -12.68 -1.35 -12.78
N ASP D 317 -12.13 -1.99 -11.78
CA ASP D 317 -12.07 -1.44 -10.43
C ASP D 317 -10.60 -1.10 -10.16
N TRP D 318 -10.19 0.10 -10.57
CA TRP D 318 -8.79 0.53 -10.51
C TRP D 318 -8.67 1.71 -9.55
N ALA D 319 -7.59 1.73 -8.79
CA ALA D 319 -7.31 2.86 -7.89
C ALA D 319 -6.75 4.03 -8.68
N HIS D 320 -7.17 5.24 -8.30
CA HIS D 320 -6.65 6.47 -8.89
C HIS D 320 -5.51 7.01 -8.04
PA FAD E . 1.89 -5.81 -16.01
O1A FAD E . 1.55 -5.73 -14.50
O2A FAD E . 1.74 -4.63 -16.96
O5B FAD E . 3.38 -6.32 -16.10
C5B FAD E . 4.04 -6.48 -17.30
C4B FAD E . 5.56 -6.67 -17.16
O4B FAD E . 6.14 -7.00 -18.42
C3B FAD E . 6.21 -5.29 -16.73
O3B FAD E . 7.09 -5.49 -15.64
C2B FAD E . 6.94 -4.84 -18.03
O2B FAD E . 8.12 -4.16 -17.72
C1B FAD E . 7.27 -6.22 -18.67
N9A FAD E . 7.54 -6.18 -20.06
C8A FAD E . 6.80 -5.52 -21.08
N7A FAD E . 7.33 -5.69 -22.30
C5A FAD E . 8.44 -6.51 -22.09
C6A FAD E . 9.41 -7.06 -22.96
N6A FAD E . 9.39 -6.84 -24.29
N1A FAD E . 10.39 -7.84 -22.44
C2A FAD E . 10.41 -8.04 -21.10
N3A FAD E . 9.56 -7.58 -20.16
C4A FAD E . 8.58 -6.81 -20.71
N1 FAD E . -5.76 -3.91 -10.75
C2 FAD E . -6.35 -4.25 -9.52
O2 FAD E . -6.63 -5.37 -9.24
N3 FAD E . -6.59 -3.18 -8.62
C4 FAD E . -6.34 -1.80 -8.83
O4 FAD E . -6.58 -1.01 -7.97
C4X FAD E . -5.70 -1.50 -10.16
N5 FAD E . -5.39 -0.26 -10.46
C5X FAD E . -4.82 -0.01 -11.74
C6 FAD E . -4.48 1.31 -12.15
C7 FAD E . -3.90 1.65 -13.37
C7M FAD E . -3.56 3.10 -13.70
C8 FAD E . -3.66 0.58 -14.30
C8M FAD E . -3.04 0.77 -15.69
C9 FAD E . -4.02 -0.72 -13.90
C9A FAD E . -4.57 -1.06 -12.66
N10 FAD E . -4.92 -2.38 -12.26
C10 FAD E . -5.50 -2.66 -11.05
C1' FAD E . -4.75 -3.52 -13.17
C2' FAD E . -3.65 -4.39 -12.90
O2' FAD E . -2.60 -3.53 -12.50
C3' FAD E . -3.27 -5.15 -14.20
O3' FAD E . -4.42 -5.86 -14.57
C4' FAD E . -2.18 -6.18 -13.91
O4' FAD E . -1.08 -5.42 -13.45
C5' FAD E . -1.76 -6.95 -15.14
O5' FAD E . -0.67 -7.77 -14.82
P FAD E . 0.23 -8.32 -15.97
O1P FAD E . 1.36 -9.11 -15.25
O2P FAD E . -0.49 -9.01 -17.09
O3P FAD E . 1.04 -7.07 -16.46
H51A FAD E . 3.84 -5.58 -17.93
H52A FAD E . 3.62 -7.34 -17.86
H4B FAD E . 5.78 -7.48 -16.42
H3B FAD E . 5.41 -4.54 -16.50
HO3A FAD E . 7.13 -4.67 -15.14
H2B FAD E . 6.24 -4.24 -18.66
HO2A FAD E . 7.99 -3.70 -16.90
H1B FAD E . 8.18 -6.68 -18.20
H8A FAD E . 5.91 -4.92 -20.82
H61A FAD E . 10.09 -7.22 -24.91
H62A FAD E . 8.69 -6.28 -24.74
H2A FAD E . 11.23 -8.68 -20.72
HN3 FAD E . -7.01 -3.45 -7.72
H6 FAD E . -4.66 2.13 -11.43
HM71 FAD E . -2.80 3.58 -13.06
HM72 FAD E . -4.42 3.80 -13.63
HM73 FAD E . -3.18 3.29 -14.72
HM81 FAD E . -3.67 0.46 -16.55
HM82 FAD E . -2.10 0.21 -15.87
HM83 FAD E . -2.77 1.80 -15.95
H9 FAD E . -3.83 -1.53 -14.61
H1'1 FAD E . -5.70 -4.10 -13.18
H1'2 FAD E . -4.66 -3.13 -14.22
H2' FAD E . -3.95 -5.15 -12.12
HO2' FAD E . -2.41 -2.93 -13.21
H3' FAD E . -2.92 -4.43 -14.99
H4' FAD E . -2.56 -6.92 -13.16
HO4' FAD E . -0.47 -5.33 -14.18
H5'1 FAD E . -1.49 -6.23 -15.95
H5'2 FAD E . -2.62 -7.56 -15.49
CA CA F . -12.47 -20.27 -21.13
O1 PG4 G . -11.93 -19.14 -23.99
C1 PG4 G . -10.81 -19.91 -23.64
C2 PG4 G . -9.96 -19.13 -22.64
O2 PG4 G . -10.03 -19.75 -21.39
C3 PG4 G . -9.56 -18.95 -20.34
C4 PG4 G . -10.29 -19.31 -19.05
O3 PG4 G . -11.66 -19.14 -19.24
C5 PG4 G . -12.43 -18.92 -18.09
C6 PG4 G . -13.65 -19.84 -18.07
O4 PG4 G . -14.08 -20.17 -19.35
C7 PG4 G . -14.59 -21.48 -19.45
C8 PG4 G . -15.47 -21.63 -20.71
O5 PG4 G . -14.84 -21.04 -21.83
HO1 PG4 G . -12.46 -19.60 -24.45
H11 PG4 G . -11.11 -20.74 -23.24
H12 PG4 G . -10.30 -20.09 -24.43
H21 PG4 G . -10.28 -18.23 -22.57
H22 PG4 G . -9.04 -19.14 -22.94
H31 PG4 G . -9.72 -18.01 -20.56
H32 PG4 G . -8.61 -19.09 -20.23
H41 PG4 G . -9.98 -18.73 -18.33
H42 PG4 G . -10.11 -20.23 -18.83
H51 PG4 G . -12.74 -18.00 -18.08
H52 PG4 G . -11.89 -19.10 -17.31
H61 PG4 G . -13.42 -20.66 -17.60
H62 PG4 G . -14.37 -19.40 -17.59
H71 PG4 G . -15.13 -21.68 -18.67
H72 PG4 G . -13.86 -22.11 -19.50
H81 PG4 G . -15.62 -22.57 -20.88
H82 PG4 G . -16.32 -21.19 -20.55
HO5 PG4 G . -14.94 -21.55 -22.50
PA FAD H . -24.48 10.10 24.34
O1A FAD H . -25.80 10.33 23.54
O2A FAD H . -24.36 8.89 25.26
O5B FAD H . -23.24 10.07 23.37
C5B FAD H . -21.93 9.96 23.82
C4B FAD H . -20.95 9.67 22.70
O4B FAD H . -19.64 9.65 23.23
C3B FAD H . -21.22 8.26 22.06
O3B FAD H . -21.23 8.38 20.66
C2B FAD H . -19.99 7.42 22.61
O2B FAD H . -19.59 6.49 21.66
C1B FAD H . -18.92 8.54 22.74
N9A FAD H . -17.86 8.26 23.61
C8A FAD H . -17.88 7.71 24.90
N7A FAD H . -16.70 7.60 25.47
C5A FAD H . -15.81 8.05 24.52
C6A FAD H . -14.42 8.19 24.49
N6A FAD H . -13.63 7.83 25.52
N1A FAD H . -13.82 8.72 23.37
C2A FAD H . -14.63 9.07 22.34
N3A FAD H . -15.96 8.99 22.23
C4A FAD H . -16.52 8.50 23.37
N1 FAD H . -33.79 11.16 25.77
C2 FAD H . -34.87 11.82 25.19
O2 FAD H . -34.93 13.00 25.03
N3 FAD H . -35.96 10.95 24.83
C4 FAD H . -36.03 9.54 24.98
O4 FAD H . -36.99 8.96 24.59
C4X FAD H . -34.83 8.91 25.58
N5 FAD H . -34.79 7.62 25.75
C5X FAD H . -33.64 7.04 26.35
C6 FAD H . -33.54 5.64 26.57
C7 FAD H . -32.44 4.99 27.16
C7M FAD H . -32.43 3.47 27.36
C8 FAD H . -31.33 5.83 27.55
C8M FAD H . -30.08 5.29 28.19
C9 FAD H . -31.46 7.20 27.33
C9A FAD H . -32.56 7.86 26.74
N10 FAD H . -32.67 9.28 26.50
C10 FAD H . -33.76 9.84 25.94
C1' FAD H . -31.61 10.19 26.94
C2' FAD H . -30.73 10.69 25.91
O2' FAD H . -30.48 9.61 25.06
C3' FAD H . -29.43 11.16 26.58
O3' FAD H . -29.79 12.14 27.53
C4' FAD H . -28.58 11.86 25.58
O4' FAD H . -28.34 10.95 24.58
C5' FAD H . -27.23 12.28 26.17
O5' FAD H . -26.48 12.89 25.14
P FAD H . -24.91 12.94 25.26
O1P FAD H . -24.37 13.38 23.85
O2P FAD H . -24.46 13.65 26.47
O3P FAD H . -24.40 11.46 25.15
H51A FAD H . -21.65 10.92 24.32
H52A FAD H . -21.84 9.16 24.59
H4B FAD H . -21.04 10.49 21.92
H3B FAD H . -22.17 7.83 22.47
HO3A FAD H . -21.66 7.60 20.29
H2B FAD H . -20.26 6.96 23.59
HO2A FAD H . -20.37 6.22 21.17
H1B FAD H . -18.44 8.78 21.74
H8A FAD H . -18.85 7.45 25.35
H61A FAD H . -13.99 7.62 26.43
H62A FAD H . -12.63 7.77 25.43
H2A FAD H . -14.12 9.49 21.44
HN3 FAD H . -36.77 11.41 24.39
H6 FAD H . -34.38 4.99 26.26
HM71 FAD H . -32.45 2.87 26.43
HM72 FAD H . -31.53 3.09 27.88
HM73 FAD H . -33.26 3.06 27.96
HM81 FAD H . -29.84 5.68 29.20
HM82 FAD H . -29.14 5.50 27.64
HM83 FAD H . -30.05 4.20 28.32
H9 FAD H . -30.61 7.83 27.64
H1'1 FAD H . -32.08 11.04 27.48
H1'2 FAD H . -31.00 9.68 27.71
H2' FAD H . -31.22 11.58 25.41
HO2' FAD H . -30.03 8.93 25.57
H3' FAD H . -28.88 10.29 27.04
H4' FAD H . -29.09 12.79 25.23
HO4' FAD H . -27.43 10.66 24.63
H5'1 FAD H . -26.71 11.39 26.57
H5'2 FAD H . -27.40 13.00 27.00
O1 PG4 I . -24.81 27.49 38.07
C1 PG4 I . -24.44 26.13 38.13
C2 PG4 I . -23.75 25.75 36.83
O2 PG4 I . -24.68 25.17 35.96
C3 PG4 I . -25.04 25.98 34.87
C4 PG4 I . -26.20 25.36 34.09
O3 PG4 I . -27.44 25.59 34.72
C5 PG4 I . -28.22 26.61 34.17
C6 PG4 I . -29.55 26.79 34.90
O4 PG4 I . -29.38 27.52 36.09
C7 PG4 I . -29.45 28.91 35.93
C8 PG4 I . -29.26 29.58 37.28
O5 PG4 I . -27.94 29.39 37.73
HO1 PG4 I . -24.52 27.89 38.76
H11 PG4 I . -25.24 25.59 38.24
H12 PG4 I . -23.85 25.99 38.87
H21 PG4 I . -23.04 25.11 37.02
H22 PG4 I . -23.38 26.54 36.42
H31 PG4 I . -24.28 26.08 34.29
H32 PG4 I . -25.31 26.84 35.21
H41 PG4 I . -26.21 25.76 33.21
H42 PG4 I . -26.05 24.41 34.01
H51 PG4 I . -28.40 26.41 33.23
H52 PG4 I . -27.72 27.45 34.22
H61 PG4 I . -30.17 27.26 34.33
H62 PG4 I . -29.91 25.92 35.12
H71 PG4 I . -30.32 29.15 35.57
H72 PG4 I . -28.76 29.20 35.32
H81 PG4 I . -29.44 30.53 37.20
H82 PG4 I . -29.87 29.19 37.92
HO5 PG4 I . -27.67 30.08 38.14
CA CA J . -26.84 27.25 36.53
PA FAD K . 35.88 19.55 -8.50
O1A FAD K . 36.35 18.44 -9.56
O2A FAD K . 36.15 20.96 -8.71
O5B FAD K . 34.34 19.33 -8.25
C5B FAD K . 33.63 19.88 -7.20
C4B FAD K . 32.14 19.60 -7.32
O4B FAD K . 31.44 20.25 -6.27
C3B FAD K . 31.55 20.21 -8.65
O3B FAD K . 30.64 19.28 -9.16
C2B FAD K . 30.84 21.50 -8.12
O2B FAD K . 29.69 21.78 -8.87
C1B FAD K . 30.39 21.02 -6.75
N9A FAD K . 30.09 22.11 -5.81
C8A FAD K . 30.77 23.32 -5.58
N7A FAD K . 30.22 24.10 -4.63
C5A FAD K . 29.11 23.39 -4.20
C6A FAD K . 28.12 23.64 -3.23
N6A FAD K . 28.07 24.78 -2.48
N1A FAD K . 27.15 22.73 -3.03
C2A FAD K . 27.17 21.60 -3.79
N3A FAD K . 28.06 21.22 -4.74
C4A FAD K . 29.03 22.15 -4.92
N1 FAD K . 43.88 17.23 -13.02
C2 FAD K . 44.50 16.11 -13.61
O2 FAD K . 44.74 15.12 -13.00
N3 FAD K . 44.82 16.23 -14.96
C4 FAD K . 44.57 17.39 -15.80
O4 FAD K . 44.90 17.39 -16.94
C4X FAD K . 43.93 18.53 -15.12
N5 FAD K . 43.70 19.63 -15.79
C5X FAD K . 43.11 20.72 -15.11
C6 FAD K . 42.80 21.94 -15.79
C7 FAD K . 42.20 23.07 -15.20
C7M FAD K . 41.91 24.34 -16.00
C8 FAD K . 41.88 22.96 -13.80
C8M FAD K . 41.23 24.09 -13.00
C9 FAD K . 42.19 21.77 -13.16
C9A FAD K . 42.77 20.63 -13.74
N10 FAD K . 43.06 19.42 -13.07
C10 FAD K . 43.66 18.34 -13.70
C1' FAD K . 42.80 19.25 -11.61
C2' FAD K . 41.66 18.44 -11.26
O2' FAD K . 40.68 18.78 -12.24
C3' FAD K . 41.16 18.85 -9.86
O3' FAD K . 42.27 18.70 -9.00
C4' FAD K . 40.08 17.90 -9.40
O4' FAD K . 39.04 18.07 -10.36
C5' FAD K . 39.56 18.24 -8.02
O5' FAD K . 38.50 17.40 -7.74
P FAD K . 37.46 17.76 -6.60
O1P FAD K . 36.32 16.66 -6.58
O2P FAD K . 38.12 18.06 -5.30
O3P FAD K . 36.57 18.90 -7.18
H51A FAD K . 33.81 20.98 -7.19
H52A FAD K . 34.00 19.48 -6.22
H4B FAD K . 31.97 18.50 -7.27
H3B FAD K . 32.36 20.50 -9.36
HO3A FAD K . 30.28 19.64 -9.98
H2B FAD K . 31.57 22.34 -8.07
HO2A FAD K . 29.98 21.91 -9.77
H1B FAD K . 29.44 20.41 -6.81
H8A FAD K . 31.68 23.54 -6.16
H61A FAD K . 27.41 24.90 -1.73
H62A FAD K . 28.70 25.54 -2.64
H2A FAD K . 26.36 20.87 -3.61
HN3 FAD K . 45.24 15.40 -15.40
H6 FAD K . 43.04 22.02 -16.86
HM71 FAD K . 41.18 24.24 -16.83
HM72 FAD K . 41.49 25.18 -15.41
HM73 FAD K . 42.78 24.81 -16.50
HM81 FAD K . 41.81 24.45 -12.12
HM82 FAD K . 41.05 25.02 -13.56
HM83 FAD K . 40.24 23.86 -12.56
H9 FAD K . 41.93 21.70 -12.09
H1'1 FAD K . 43.72 18.84 -11.14
H1'2 FAD K . 42.68 20.26 -11.16
H2' FAD K . 41.96 17.36 -11.25
HO2' FAD K . 39.96 18.16 -12.16
H3' FAD K . 40.78 19.91 -9.88
HO3' FAD K . 42.49 17.77 -8.93
H4' FAD K . 40.50 16.86 -9.35
HO4' FAD K . 38.29 17.57 -10.07
H5'1 FAD K . 39.25 19.31 -8.00
H5'2 FAD K . 40.36 18.10 -7.28
PA FAD L . -13.86 -23.66 -0.39
O1A FAD L . -12.50 -22.91 -0.08
O2A FAD L . -14.00 -25.12 -0.22
O5B FAD L . -15.01 -22.91 0.34
C5B FAD L . -16.34 -23.19 0.14
C4B FAD L . -17.24 -22.56 1.16
O4B FAD L . -18.57 -22.90 0.88
C3B FAD L . -16.94 -23.13 2.60
O3B FAD L . -16.91 -22.05 3.47
C2B FAD L . -18.18 -24.03 2.88
O2B FAD L . -18.59 -23.97 4.24
C1B FAD L . -19.24 -23.35 2.04
N9A FAD L . -20.39 -24.22 1.70
C8A FAD L . -20.42 -25.55 1.23
N7A FAD L . -21.64 -26.03 1.01
C5A FAD L . -22.50 -24.96 1.32
C6A FAD L . -23.90 -24.81 1.30
N6A FAD L . -24.76 -25.82 0.93
N1A FAD L . -24.44 -23.61 1.69
C2A FAD L . -23.59 -22.62 2.05
N3A FAD L . -22.24 -22.63 2.10
C4A FAD L . -21.72 -23.84 1.74
N1 FAD L . -4.70 -24.18 -2.60
C2 FAD L . -3.56 -23.36 -2.74
O2 FAD L . -3.51 -22.43 -3.47
N3 FAD L . -2.48 -23.72 -1.91
C4 FAD L . -2.40 -24.80 -0.99
O4 FAD L . -1.39 -24.97 -0.38
C4X FAD L . -3.64 -25.65 -0.91
N5 FAD L . -3.68 -26.68 -0.11
C5X FAD L . -4.86 -27.45 -0.08
C6 FAD L . -4.97 -28.59 0.79
C7 FAD L . -6.09 -29.40 0.89
C7M FAD L . -6.12 -30.60 1.84
C8 FAD L . -7.24 -29.06 0.05
C8M FAD L . -8.53 -29.86 0.05
C9 FAD L . -7.11 -27.96 -0.79
C9A FAD L . -5.98 -27.11 -0.90
N10 FAD L . -5.87 -26.00 -1.74
C10 FAD L . -4.74 -25.25 -1.80
C1' FAD L . -6.98 -25.60 -2.66
C2' FAD L . -7.76 -24.51 -2.23
O2' FAD L . -7.94 -24.74 -0.85
C3' FAD L . -9.12 -24.55 -3.00
O3' FAD L . -8.82 -24.60 -4.39
C4' FAD L . -9.92 -23.28 -2.72
O4' FAD L . -10.11 -23.25 -1.33
C5' FAD L . -11.26 -23.34 -3.35
O5' FAD L . -11.97 -22.24 -3.00
P FAD L . -13.53 -22.23 -3.08
O1P FAD L . -14.05 -20.89 -2.38
O2P FAD L . -14.04 -22.56 -4.46
O3P FAD L . -14.05 -23.20 -1.95
H51A FAD L . -16.63 -22.83 -0.88
H52A FAD L . -16.51 -24.29 0.14
H4B FAD L . -17.10 -21.45 1.12
H3B FAD L . -16.01 -23.75 2.62
HO3A FAD L . -16.58 -22.36 4.32
H2B FAD L . -17.98 -25.08 2.53
HO2A FAD L . -17.86 -24.31 4.78
H1B FAD L . -19.70 -22.48 2.59
H8A FAD L . -19.46 -26.10 1.10
H61A FAD L . -25.76 -25.69 0.86
H62A FAD L . -24.44 -26.74 0.71
H2A FAD L . -24.05 -21.66 2.35
HN3 FAD L . -1.65 -23.11 -1.99
H6 FAD L . -4.11 -28.84 1.42
HM71 FAD L . -6.03 -30.37 2.92
HM72 FAD L . -7.05 -31.20 1.80
HM73 FAD L . -5.34 -31.36 1.69
HM81 FAD L . -8.83 -30.30 -0.92
HM82 FAD L . -9.44 -29.28 0.32
HM83 FAD L . -8.57 -30.72 0.74
H9 FAD L . -7.98 -27.71 -1.42
H1'1 FAD L . -7.61 -26.49 -2.84
H1'2 FAD L . -6.55 -25.37 -3.67
H2' FAD L . -7.23 -23.55 -2.49
HO2' FAD L . -8.47 -24.01 -0.50
H3' FAD L . -9.71 -25.46 -2.67
HO3' FAD L . -8.07 -24.03 -4.57
H4' FAD L . -9.37 -22.40 -3.15
HO4' FAD L . -10.74 -22.55 -1.14
H5'1 FAD L . -11.78 -24.26 -3.04
H5'2 FAD L . -11.14 -23.35 -4.46
#